data_2DJU
#
_entry.id   2DJU
#
_entity_poly.entity_id   1
_entity_poly.type   'polypeptide(L)'
_entity_poly.pdbx_seq_one_letter_code
;GSSGSSGPKPPIDLVVTETTATSVTLTWDSGNSEPVTYYGIQYRAAGTEGPFQEVDGVATTRYSIGGLSPFSEYAFRVLA
VNSIGRGPPSEAVRARTGEQSGPSSG
;
_entity_poly.pdbx_strand_id   A
#
# COMPACT_ATOMS: atom_id res chain seq x y z
N GLY A 1 10.47 -9.90 -16.59
CA GLY A 1 11.88 -9.71 -16.35
C GLY A 1 12.19 -9.41 -14.90
N SER A 2 13.06 -10.22 -14.30
CA SER A 2 13.44 -10.05 -12.91
C SER A 2 14.95 -9.87 -12.76
N SER A 3 15.54 -9.12 -13.68
CA SER A 3 16.97 -8.88 -13.66
C SER A 3 17.28 -7.40 -13.93
N GLY A 4 18.20 -6.85 -13.15
CA GLY A 4 18.57 -5.46 -13.31
C GLY A 4 17.86 -4.55 -12.32
N SER A 5 18.64 -3.79 -11.55
CA SER A 5 18.08 -2.88 -10.57
C SER A 5 18.12 -1.43 -11.06
N SER A 6 17.12 -1.07 -11.87
CA SER A 6 17.05 0.29 -12.42
C SER A 6 16.18 1.19 -11.53
N GLY A 7 16.77 1.64 -10.42
CA GLY A 7 16.04 2.50 -9.50
C GLY A 7 16.16 2.05 -8.06
N PRO A 8 15.31 2.62 -7.19
CA PRO A 8 15.31 2.28 -5.76
C PRO A 8 14.79 0.87 -5.50
N LYS A 9 14.87 0.45 -4.24
CA LYS A 9 14.40 -0.89 -3.86
C LYS A 9 13.06 -0.81 -3.14
N PRO A 10 12.27 -1.89 -3.22
CA PRO A 10 10.96 -1.96 -2.59
C PRO A 10 11.05 -2.04 -1.06
N PRO A 11 10.05 -1.48 -0.38
CA PRO A 11 9.99 -1.46 1.08
C PRO A 11 9.74 -2.84 1.66
N ILE A 12 10.25 -3.08 2.86
CA ILE A 12 10.08 -4.36 3.53
C ILE A 12 9.25 -4.22 4.81
N ASP A 13 8.96 -5.33 5.46
CA ASP A 13 8.19 -5.33 6.69
C ASP A 13 6.78 -4.78 6.45
N LEU A 14 6.20 -5.13 5.31
CA LEU A 14 4.87 -4.66 4.95
C LEU A 14 3.81 -5.38 5.78
N VAL A 15 3.34 -4.73 6.84
CA VAL A 15 2.32 -5.30 7.71
C VAL A 15 1.37 -4.24 8.23
N VAL A 16 0.13 -4.63 8.50
CA VAL A 16 -0.88 -3.70 9.00
C VAL A 16 -1.12 -3.92 10.49
N THR A 17 -1.18 -2.82 11.24
CA THR A 17 -1.41 -2.89 12.68
C THR A 17 -2.88 -2.63 13.01
N GLU A 18 -3.45 -1.62 12.38
CA GLU A 18 -4.85 -1.27 12.62
C GLU A 18 -5.67 -1.43 11.34
N THR A 19 -6.93 -1.80 11.49
CA THR A 19 -7.82 -1.98 10.36
C THR A 19 -9.23 -1.47 10.66
N THR A 20 -9.60 -0.38 10.00
CA THR A 20 -10.93 0.21 10.21
C THR A 20 -11.90 -0.24 9.13
N ALA A 21 -13.20 -0.05 9.40
CA ALA A 21 -14.23 -0.45 8.46
C ALA A 21 -14.10 0.33 7.14
N THR A 22 -13.64 1.57 7.23
CA THR A 22 -13.47 2.41 6.06
C THR A 22 -12.05 2.96 5.97
N SER A 23 -11.12 2.28 6.62
CA SER A 23 -9.72 2.70 6.62
C SER A 23 -8.81 1.56 7.07
N VAL A 24 -7.51 1.72 6.84
CA VAL A 24 -6.53 0.72 7.22
C VAL A 24 -5.17 1.34 7.50
N THR A 25 -4.45 0.77 8.46
CA THR A 25 -3.13 1.27 8.82
C THR A 25 -2.04 0.31 8.40
N LEU A 26 -1.22 0.72 7.44
CA LEU A 26 -0.14 -0.10 6.93
C LEU A 26 1.22 0.45 7.36
N THR A 27 2.14 -0.45 7.69
CA THR A 27 3.48 -0.05 8.11
C THR A 27 4.56 -0.78 7.33
N TRP A 28 5.75 -0.21 7.29
CA TRP A 28 6.87 -0.82 6.58
C TRP A 28 8.17 -0.08 6.87
N ASP A 29 9.28 -0.63 6.38
CA ASP A 29 10.59 -0.01 6.58
C ASP A 29 11.14 0.54 5.28
N SER A 30 12.01 1.53 5.39
CA SER A 30 12.61 2.16 4.21
C SER A 30 13.11 1.10 3.23
N GLY A 31 13.83 0.11 3.75
CA GLY A 31 14.36 -0.94 2.91
C GLY A 31 15.62 -0.52 2.17
N ASN A 32 15.54 0.63 1.50
CA ASN A 32 16.68 1.13 0.74
C ASN A 32 17.51 2.10 1.59
N SER A 33 18.83 1.97 1.50
CA SER A 33 19.73 2.82 2.26
C SER A 33 19.83 4.21 1.63
N GLU A 34 19.81 4.26 0.30
CA GLU A 34 19.89 5.52 -0.42
C GLU A 34 18.67 6.40 -0.12
N PRO A 35 18.90 7.72 -0.09
CA PRO A 35 17.83 8.69 0.18
C PRO A 35 16.82 8.79 -0.96
N VAL A 36 15.59 8.36 -0.68
CA VAL A 36 14.53 8.39 -1.68
C VAL A 36 13.64 9.62 -1.50
N THR A 37 12.95 10.00 -2.57
CA THR A 37 12.06 11.16 -2.52
C THR A 37 10.80 10.86 -1.72
N TYR A 38 9.95 10.00 -2.27
CA TYR A 38 8.70 9.62 -1.61
C TYR A 38 8.36 8.17 -1.88
N TYR A 39 7.26 7.71 -1.29
CA TYR A 39 6.82 6.33 -1.46
C TYR A 39 5.36 6.28 -1.90
N GLY A 40 5.10 5.67 -3.05
CA GLY A 40 3.75 5.56 -3.55
C GLY A 40 3.02 4.34 -3.01
N ILE A 41 1.70 4.37 -3.07
CA ILE A 41 0.89 3.26 -2.58
C ILE A 41 -0.19 2.88 -3.59
N GLN A 42 -0.43 1.59 -3.74
CA GLN A 42 -1.44 1.10 -4.68
C GLN A 42 -2.32 0.04 -4.01
N TYR A 43 -3.62 0.12 -4.28
CA TYR A 43 -4.57 -0.82 -3.70
C TYR A 43 -5.88 -0.82 -4.50
N ARG A 44 -6.63 -1.92 -4.39
CA ARG A 44 -7.89 -2.05 -5.10
C ARG A 44 -8.66 -3.29 -4.63
N ALA A 45 -9.97 -3.24 -4.74
CA ALA A 45 -10.82 -4.36 -4.34
C ALA A 45 -10.16 -5.70 -4.69
N ALA A 46 -9.76 -6.44 -3.67
CA ALA A 46 -9.13 -7.74 -3.87
C ALA A 46 -9.91 -8.59 -4.87
N GLY A 47 -9.29 -8.90 -6.00
CA GLY A 47 -9.95 -9.69 -7.01
C GLY A 47 -9.66 -9.20 -8.42
N THR A 48 -10.23 -8.05 -8.77
CA THR A 48 -10.04 -7.48 -10.10
C THR A 48 -8.57 -7.54 -10.51
N GLU A 49 -8.34 -7.82 -11.80
CA GLU A 49 -6.97 -7.90 -12.32
C GLU A 49 -6.64 -6.68 -13.15
N GLY A 50 -7.12 -5.51 -12.72
CA GLY A 50 -6.86 -4.28 -13.45
C GLY A 50 -5.93 -3.36 -12.69
N PRO A 51 -5.97 -2.06 -13.03
CA PRO A 51 -5.13 -1.04 -12.40
C PRO A 51 -5.54 -0.77 -10.95
N PHE A 52 -4.55 -0.64 -10.07
CA PHE A 52 -4.81 -0.39 -8.66
C PHE A 52 -4.64 1.09 -8.34
N GLN A 53 -5.41 1.58 -7.36
CA GLN A 53 -5.33 2.98 -6.97
C GLN A 53 -3.88 3.46 -6.91
N GLU A 54 -3.69 4.77 -6.92
CA GLU A 54 -2.36 5.35 -6.87
C GLU A 54 -2.32 6.55 -5.93
N VAL A 55 -1.36 6.52 -5.00
CA VAL A 55 -1.22 7.60 -4.03
C VAL A 55 0.23 8.04 -3.92
N ASP A 56 0.48 9.32 -4.16
CA ASP A 56 1.83 9.87 -4.09
C ASP A 56 1.89 11.01 -3.07
N GLY A 57 3.00 11.08 -2.33
CA GLY A 57 3.17 12.13 -1.34
C GLY A 57 3.29 11.57 0.06
N VAL A 58 3.99 10.45 0.20
CA VAL A 58 4.18 9.82 1.50
C VAL A 58 5.65 9.79 1.88
N ALA A 59 6.11 10.85 2.54
CA ALA A 59 7.50 10.94 2.97
C ALA A 59 7.70 10.26 4.32
N THR A 60 6.82 9.32 4.65
CA THR A 60 6.90 8.60 5.90
C THR A 60 6.84 7.10 5.68
N THR A 61 7.21 6.33 6.70
CA THR A 61 7.20 4.88 6.62
C THR A 61 5.82 4.32 6.95
N ARG A 62 5.01 5.12 7.63
CA ARG A 62 3.67 4.71 8.03
C ARG A 62 2.61 5.53 7.30
N TYR A 63 1.57 4.85 6.81
CA TYR A 63 0.50 5.53 6.09
C TYR A 63 -0.82 4.76 6.24
N SER A 64 -1.92 5.50 6.34
CA SER A 64 -3.23 4.90 6.49
C SER A 64 -4.09 5.13 5.24
N ILE A 65 -4.71 4.07 4.76
CA ILE A 65 -5.56 4.17 3.58
C ILE A 65 -7.03 4.35 3.96
N GLY A 66 -7.72 5.22 3.22
CA GLY A 66 -9.11 5.48 3.50
C GLY A 66 -9.97 5.46 2.24
N GLY A 67 -11.28 5.52 2.42
CA GLY A 67 -12.19 5.51 1.29
C GLY A 67 -12.53 4.11 0.83
N LEU A 68 -12.52 3.17 1.76
CA LEU A 68 -12.83 1.78 1.45
C LEU A 68 -14.20 1.38 2.00
N SER A 69 -14.63 0.17 1.69
CA SER A 69 -15.92 -0.33 2.15
C SER A 69 -15.74 -1.25 3.36
N PRO A 70 -16.75 -1.27 4.24
CA PRO A 70 -16.73 -2.09 5.45
C PRO A 70 -16.86 -3.58 5.13
N PHE A 71 -16.15 -4.41 5.88
CA PHE A 71 -16.18 -5.85 5.67
C PHE A 71 -15.79 -6.21 4.24
N SER A 72 -14.68 -5.66 3.78
CA SER A 72 -14.20 -5.91 2.43
C SER A 72 -12.72 -6.26 2.43
N GLU A 73 -12.24 -6.83 1.33
CA GLU A 73 -10.85 -7.21 1.20
C GLU A 73 -10.13 -6.35 0.15
N TYR A 74 -8.96 -5.86 0.50
CA TYR A 74 -8.18 -5.01 -0.40
C TYR A 74 -6.69 -5.32 -0.29
N ALA A 75 -6.00 -5.24 -1.42
CA ALA A 75 -4.56 -5.50 -1.45
C ALA A 75 -3.76 -4.22 -1.39
N PHE A 76 -2.72 -4.20 -0.56
CA PHE A 76 -1.87 -3.02 -0.41
C PHE A 76 -0.44 -3.32 -0.87
N ARG A 77 0.23 -2.30 -1.41
CA ARG A 77 1.59 -2.45 -1.88
C ARG A 77 2.29 -1.10 -1.95
N VAL A 78 3.35 -0.95 -1.15
CA VAL A 78 4.12 0.30 -1.13
C VAL A 78 5.43 0.16 -1.88
N LEU A 79 5.89 1.26 -2.47
CA LEU A 79 7.14 1.26 -3.23
C LEU A 79 7.84 2.60 -3.13
N ALA A 80 9.15 2.60 -3.32
CA ALA A 80 9.94 3.83 -3.25
C ALA A 80 10.03 4.51 -4.62
N VAL A 81 10.20 5.82 -4.61
CA VAL A 81 10.29 6.58 -5.85
C VAL A 81 11.31 7.72 -5.72
N ASN A 82 12.07 7.95 -6.77
CA ASN A 82 13.07 9.00 -6.78
C ASN A 82 13.13 9.70 -8.13
N SER A 83 14.05 10.64 -8.27
CA SER A 83 14.21 11.39 -9.52
C SER A 83 14.41 10.43 -10.70
N ILE A 84 14.97 9.26 -10.41
CA ILE A 84 15.20 8.27 -11.45
C ILE A 84 13.91 7.60 -11.87
N GLY A 85 13.20 7.02 -10.91
CA GLY A 85 11.94 6.36 -11.21
C GLY A 85 11.43 5.53 -10.05
N ARG A 86 10.18 5.07 -10.15
CA ARG A 86 9.58 4.27 -9.09
C ARG A 86 9.97 2.80 -9.23
N GLY A 87 10.56 2.25 -8.18
CA GLY A 87 10.99 0.86 -8.21
C GLY A 87 9.81 -0.10 -8.16
N PRO A 88 10.10 -1.40 -8.05
CA PRO A 88 9.09 -2.45 -8.00
C PRO A 88 8.29 -2.42 -6.70
N PRO A 89 7.06 -2.94 -6.74
CA PRO A 89 6.18 -2.99 -5.56
C PRO A 89 6.66 -3.98 -4.52
N SER A 90 6.34 -3.70 -3.26
CA SER A 90 6.74 -4.57 -2.16
C SER A 90 5.81 -5.77 -2.04
N GLU A 91 6.13 -6.68 -1.11
CA GLU A 91 5.32 -7.87 -0.90
C GLU A 91 3.85 -7.50 -0.75
N ALA A 92 3.11 -7.63 -1.85
CA ALA A 92 1.69 -7.31 -1.83
C ALA A 92 0.98 -8.00 -0.66
N VAL A 93 0.31 -7.20 0.16
CA VAL A 93 -0.42 -7.74 1.32
C VAL A 93 -1.92 -7.57 1.15
N ARG A 94 -2.68 -8.35 1.91
CA ARG A 94 -4.14 -8.29 1.85
C ARG A 94 -4.74 -8.17 3.24
N ALA A 95 -5.47 -7.08 3.47
CA ALA A 95 -6.10 -6.84 4.77
C ALA A 95 -7.60 -6.60 4.61
N ARG A 96 -8.40 -7.39 5.31
CA ARG A 96 -9.85 -7.27 5.25
C ARG A 96 -10.34 -6.24 6.28
N THR A 97 -11.04 -5.21 5.79
CA THR A 97 -11.57 -4.17 6.66
C THR A 97 -12.62 -4.73 7.62
N GLY A 98 -12.81 -4.06 8.74
CA GLY A 98 -13.80 -4.50 9.71
C GLY A 98 -15.21 -4.19 9.29
N GLU A 99 -16.18 -4.76 10.00
CA GLU A 99 -17.59 -4.55 9.69
C GLU A 99 -18.24 -3.63 10.72
N GLN A 100 -17.46 -2.68 11.22
CA GLN A 100 -17.96 -1.73 12.22
C GLN A 100 -19.13 -0.94 11.67
N SER A 101 -18.94 -0.32 10.50
CA SER A 101 -19.98 0.48 9.88
C SER A 101 -21.26 -0.35 9.70
N GLY A 102 -21.11 -1.56 9.20
CA GLY A 102 -22.26 -2.44 9.00
C GLY A 102 -23.35 -1.76 8.20
N PRO A 103 -23.15 -1.68 6.87
CA PRO A 103 -24.12 -1.05 5.96
C PRO A 103 -25.39 -1.88 5.82
N SER A 104 -25.23 -3.19 5.68
CA SER A 104 -26.37 -4.09 5.53
C SER A 104 -26.08 -5.44 6.19
N SER A 105 -27.11 -6.29 6.26
CA SER A 105 -26.97 -7.60 6.87
C SER A 105 -27.53 -8.69 5.95
N GLY A 106 -26.65 -9.56 5.47
CA GLY A 106 -27.06 -10.63 4.59
C GLY A 106 -27.62 -10.12 3.27
N GLY A 1 13.34 -9.15 -18.81
CA GLY A 1 14.75 -8.83 -18.95
C GLY A 1 15.25 -7.93 -17.83
N SER A 2 15.37 -8.49 -16.64
CA SER A 2 15.84 -7.72 -15.48
C SER A 2 17.33 -7.41 -15.60
N SER A 3 17.65 -6.13 -15.77
CA SER A 3 19.03 -5.71 -15.90
C SER A 3 19.77 -5.80 -14.57
N GLY A 4 19.13 -5.30 -13.51
CA GLY A 4 19.73 -5.35 -12.20
C GLY A 4 19.10 -4.34 -11.25
N SER A 5 19.95 -3.62 -10.51
CA SER A 5 19.47 -2.62 -9.56
C SER A 5 18.68 -1.52 -10.26
N SER A 6 17.43 -1.81 -10.58
CA SER A 6 16.57 -0.85 -11.26
C SER A 6 15.95 0.12 -10.26
N GLY A 7 16.40 1.36 -10.29
CA GLY A 7 15.87 2.36 -9.38
C GLY A 7 16.09 2.01 -7.93
N PRO A 8 15.28 2.59 -7.04
CA PRO A 8 15.37 2.34 -5.59
C PRO A 8 14.93 0.93 -5.21
N LYS A 9 14.99 0.62 -3.93
CA LYS A 9 14.60 -0.69 -3.43
C LYS A 9 13.22 -0.63 -2.79
N PRO A 10 12.46 -1.74 -2.91
CA PRO A 10 11.12 -1.83 -2.33
C PRO A 10 11.14 -1.89 -0.81
N PRO A 11 10.07 -1.38 -0.18
CA PRO A 11 9.94 -1.37 1.29
C PRO A 11 9.74 -2.76 1.86
N ILE A 12 10.22 -2.96 3.08
CA ILE A 12 10.07 -4.25 3.75
C ILE A 12 9.24 -4.14 5.01
N ASP A 13 9.06 -5.25 5.71
CA ASP A 13 8.29 -5.26 6.95
C ASP A 13 6.89 -4.73 6.71
N LEU A 14 6.30 -5.10 5.58
CA LEU A 14 4.95 -4.66 5.24
C LEU A 14 3.91 -5.43 6.02
N VAL A 15 3.35 -4.80 7.06
CA VAL A 15 2.34 -5.43 7.89
C VAL A 15 1.32 -4.40 8.38
N VAL A 16 0.09 -4.87 8.61
CA VAL A 16 -0.98 -3.99 9.08
C VAL A 16 -1.04 -3.98 10.60
N THR A 17 -1.05 -2.78 11.18
CA THR A 17 -1.11 -2.64 12.63
C THR A 17 -2.53 -2.27 13.09
N GLU A 18 -3.27 -1.61 12.21
CA GLU A 18 -4.64 -1.20 12.52
C GLU A 18 -5.54 -1.37 11.30
N THR A 19 -6.79 -1.78 11.56
CA THR A 19 -7.75 -1.99 10.49
C THR A 19 -9.14 -1.49 10.90
N THR A 20 -9.64 -0.47 10.19
CA THR A 20 -10.95 0.09 10.49
C THR A 20 -11.98 -0.37 9.48
N ALA A 21 -13.25 -0.06 9.74
CA ALA A 21 -14.33 -0.43 8.84
C ALA A 21 -14.20 0.28 7.49
N THR A 22 -13.76 1.53 7.52
CA THR A 22 -13.60 2.31 6.31
C THR A 22 -12.19 2.86 6.19
N SER A 23 -11.27 2.30 6.96
CA SER A 23 -9.88 2.73 6.95
C SER A 23 -8.94 1.57 7.27
N VAL A 24 -7.67 1.75 6.96
CA VAL A 24 -6.67 0.71 7.22
C VAL A 24 -5.28 1.33 7.39
N THR A 25 -4.47 0.73 8.26
CA THR A 25 -3.12 1.21 8.50
C THR A 25 -2.08 0.25 7.95
N LEU A 26 -1.00 0.79 7.41
CA LEU A 26 0.08 -0.03 6.84
C LEU A 26 1.43 0.40 7.41
N THR A 27 2.23 -0.60 7.79
CA THR A 27 3.55 -0.32 8.34
C THR A 27 4.64 -1.04 7.54
N TRP A 28 5.72 -0.32 7.26
CA TRP A 28 6.83 -0.88 6.50
C TRP A 28 8.13 -0.16 6.81
N ASP A 29 9.21 -0.55 6.15
CA ASP A 29 10.51 0.06 6.36
C ASP A 29 11.05 0.64 5.05
N SER A 30 11.89 1.67 5.17
CA SER A 30 12.46 2.33 4.00
C SER A 30 12.96 1.30 2.99
N GLY A 31 13.62 0.26 3.50
CA GLY A 31 14.14 -0.78 2.64
C GLY A 31 15.44 -0.38 1.96
N ASN A 32 15.45 0.80 1.37
CA ASN A 32 16.63 1.30 0.68
C ASN A 32 17.52 2.09 1.63
N SER A 33 18.78 2.27 1.26
CA SER A 33 19.74 3.01 2.08
C SER A 33 19.71 4.50 1.74
N GLU A 34 19.86 4.80 0.45
CA GLU A 34 19.86 6.18 -0.01
C GLU A 34 18.50 6.83 0.21
N PRO A 35 18.50 8.12 0.57
CA PRO A 35 17.27 8.88 0.81
C PRO A 35 16.47 9.14 -0.46
N VAL A 36 15.44 8.34 -0.68
CA VAL A 36 14.60 8.47 -1.86
C VAL A 36 13.71 9.71 -1.77
N THR A 37 13.14 10.11 -2.89
CA THR A 37 12.27 11.28 -2.94
C THR A 37 11.01 11.06 -2.12
N TYR A 38 10.20 10.09 -2.53
CA TYR A 38 8.95 9.78 -1.85
C TYR A 38 8.54 8.33 -2.07
N TYR A 39 7.39 7.96 -1.54
CA TYR A 39 6.89 6.59 -1.68
C TYR A 39 5.45 6.60 -2.17
N GLY A 40 5.14 5.69 -3.09
CA GLY A 40 3.79 5.61 -3.62
C GLY A 40 3.02 4.42 -3.07
N ILE A 41 1.69 4.48 -3.15
CA ILE A 41 0.84 3.41 -2.66
C ILE A 41 -0.24 3.05 -3.67
N GLN A 42 -0.54 1.76 -3.77
CA GLN A 42 -1.55 1.28 -4.70
C GLN A 42 -2.42 0.21 -4.05
N TYR A 43 -3.73 0.38 -4.14
CA TYR A 43 -4.68 -0.58 -3.56
C TYR A 43 -5.92 -0.70 -4.44
N ARG A 44 -6.47 -1.92 -4.49
CA ARG A 44 -7.67 -2.17 -5.28
C ARG A 44 -8.52 -3.28 -4.66
N ALA A 45 -9.83 -3.20 -4.83
CA ALA A 45 -10.73 -4.20 -4.29
C ALA A 45 -10.35 -5.61 -4.74
N ALA A 46 -9.86 -6.41 -3.81
CA ALA A 46 -9.45 -7.78 -4.12
C ALA A 46 -10.59 -8.56 -4.77
N GLY A 47 -10.44 -8.87 -6.05
CA GLY A 47 -11.46 -9.61 -6.76
C GLY A 47 -11.64 -9.14 -8.19
N THR A 48 -12.00 -7.86 -8.35
CA THR A 48 -12.21 -7.28 -9.66
C THR A 48 -10.87 -6.94 -10.33
N GLU A 49 -10.92 -6.68 -11.63
CA GLU A 49 -9.72 -6.34 -12.39
C GLU A 49 -9.80 -4.92 -12.92
N GLY A 50 -10.03 -3.96 -12.02
CA GLY A 50 -10.13 -2.57 -12.43
C GLY A 50 -8.85 -1.79 -12.15
N PRO A 51 -8.89 -0.48 -12.40
CA PRO A 51 -7.74 0.41 -12.18
C PRO A 51 -7.43 0.60 -10.70
N PHE A 52 -6.22 0.18 -10.30
CA PHE A 52 -5.80 0.30 -8.91
C PHE A 52 -5.56 1.77 -8.54
N GLN A 53 -5.94 2.12 -7.32
CA GLN A 53 -5.77 3.50 -6.84
C GLN A 53 -4.29 3.90 -6.86
N GLU A 54 -4.03 5.17 -6.61
CA GLU A 54 -2.67 5.69 -6.59
C GLU A 54 -2.52 6.82 -5.58
N VAL A 55 -1.41 6.82 -4.86
CA VAL A 55 -1.14 7.86 -3.86
C VAL A 55 0.31 8.31 -3.91
N ASP A 56 0.52 9.60 -4.08
CA ASP A 56 1.86 10.16 -4.14
C ASP A 56 2.06 11.22 -3.05
N GLY A 57 3.26 11.25 -2.47
CA GLY A 57 3.56 12.21 -1.43
C GLY A 57 3.65 11.57 -0.06
N VAL A 58 4.27 10.39 -0.01
CA VAL A 58 4.43 9.67 1.26
C VAL A 58 5.89 9.62 1.68
N ALA A 59 6.32 10.64 2.42
CA ALA A 59 7.70 10.72 2.89
C ALA A 59 7.85 10.05 4.25
N THR A 60 7.01 9.05 4.51
CA THR A 60 7.05 8.33 5.78
C THR A 60 7.02 6.82 5.55
N THR A 61 7.17 6.06 6.63
CA THR A 61 7.16 4.61 6.56
C THR A 61 5.78 4.05 6.87
N ARG A 62 4.92 4.89 7.44
CA ARG A 62 3.57 4.47 7.79
C ARG A 62 2.53 5.32 7.06
N TYR A 63 1.45 4.68 6.63
CA TYR A 63 0.39 5.37 5.91
C TYR A 63 -0.94 4.65 6.07
N SER A 64 -2.02 5.41 6.26
CA SER A 64 -3.34 4.84 6.44
C SER A 64 -4.23 5.14 5.23
N ILE A 65 -4.93 4.12 4.76
CA ILE A 65 -5.82 4.27 3.61
C ILE A 65 -7.26 4.49 4.05
N GLY A 66 -7.94 5.41 3.38
CA GLY A 66 -9.33 5.69 3.71
C GLY A 66 -10.23 5.73 2.49
N GLY A 67 -11.53 5.54 2.71
CA GLY A 67 -12.47 5.56 1.60
C GLY A 67 -12.79 4.16 1.09
N LEU A 68 -12.72 3.18 1.98
CA LEU A 68 -13.01 1.80 1.62
C LEU A 68 -14.36 1.36 2.15
N SER A 69 -14.79 0.16 1.76
CA SER A 69 -16.07 -0.38 2.21
C SER A 69 -15.87 -1.37 3.36
N PRO A 70 -16.82 -1.38 4.30
CA PRO A 70 -16.78 -2.26 5.47
C PRO A 70 -17.01 -3.73 5.09
N PHE A 71 -16.18 -4.61 5.64
CA PHE A 71 -16.28 -6.03 5.36
C PHE A 71 -15.85 -6.34 3.94
N SER A 72 -14.73 -5.78 3.53
CA SER A 72 -14.20 -5.99 2.19
C SER A 72 -12.72 -6.37 2.23
N GLU A 73 -12.20 -6.83 1.10
CA GLU A 73 -10.80 -7.23 1.01
C GLU A 73 -10.06 -6.37 -0.01
N TYR A 74 -8.92 -5.83 0.41
CA TYR A 74 -8.11 -4.99 -0.47
C TYR A 74 -6.63 -5.34 -0.36
N ALA A 75 -5.91 -5.17 -1.46
CA ALA A 75 -4.49 -5.47 -1.49
C ALA A 75 -3.65 -4.20 -1.45
N PHE A 76 -2.79 -4.09 -0.43
CA PHE A 76 -1.94 -2.92 -0.29
C PHE A 76 -0.50 -3.24 -0.69
N ARG A 77 0.14 -2.30 -1.38
CA ARG A 77 1.51 -2.48 -1.82
C ARG A 77 2.22 -1.13 -1.95
N VAL A 78 3.28 -0.96 -1.17
CA VAL A 78 4.06 0.28 -1.19
C VAL A 78 5.33 0.12 -2.01
N LEU A 79 5.84 1.22 -2.53
CA LEU A 79 7.06 1.21 -3.32
C LEU A 79 7.80 2.54 -3.23
N ALA A 80 9.13 2.47 -3.15
CA ALA A 80 9.94 3.67 -3.06
C ALA A 80 10.10 4.34 -4.42
N VAL A 81 10.20 5.67 -4.42
CA VAL A 81 10.35 6.43 -5.65
C VAL A 81 11.41 7.51 -5.50
N ASN A 82 12.15 7.76 -6.59
CA ASN A 82 13.19 8.77 -6.57
C ASN A 82 13.34 9.42 -7.94
N SER A 83 14.32 10.31 -8.07
CA SER A 83 14.56 11.01 -9.33
C SER A 83 14.69 10.02 -10.49
N ILE A 84 15.30 8.87 -10.20
CA ILE A 84 15.50 7.84 -11.21
C ILE A 84 14.16 7.24 -11.65
N GLY A 85 13.38 6.80 -10.68
CA GLY A 85 12.08 6.21 -10.99
C GLY A 85 11.54 5.38 -9.85
N ARG A 86 10.25 5.05 -9.92
CA ARG A 86 9.61 4.24 -8.88
C ARG A 86 10.00 2.77 -9.01
N GLY A 87 10.62 2.23 -7.97
CA GLY A 87 11.04 0.84 -7.99
C GLY A 87 9.86 -0.12 -8.00
N PRO A 88 10.14 -1.42 -7.90
CA PRO A 88 9.12 -2.46 -7.89
C PRO A 88 8.28 -2.44 -6.62
N PRO A 89 7.04 -2.96 -6.71
CA PRO A 89 6.11 -3.01 -5.57
C PRO A 89 6.56 -4.02 -4.52
N SER A 90 6.30 -3.70 -3.26
CA SER A 90 6.67 -4.58 -2.15
C SER A 90 5.69 -5.74 -2.01
N GLU A 91 6.10 -6.77 -1.29
CA GLU A 91 5.24 -7.93 -1.09
C GLU A 91 3.80 -7.52 -0.85
N ALA A 92 2.98 -7.58 -1.90
CA ALA A 92 1.58 -7.21 -1.80
C ALA A 92 0.89 -7.97 -0.67
N VAL A 93 0.28 -7.24 0.25
CA VAL A 93 -0.41 -7.84 1.38
C VAL A 93 -1.92 -7.67 1.25
N ARG A 94 -2.67 -8.58 1.87
CA ARG A 94 -4.13 -8.52 1.83
C ARG A 94 -4.70 -8.35 3.23
N ALA A 95 -5.52 -7.31 3.40
CA ALA A 95 -6.14 -7.03 4.69
C ALA A 95 -7.62 -6.71 4.53
N ARG A 96 -8.47 -7.47 5.21
CA ARG A 96 -9.91 -7.25 5.13
C ARG A 96 -10.37 -6.29 6.21
N THR A 97 -11.06 -5.23 5.79
CA THR A 97 -11.56 -4.23 6.72
C THR A 97 -12.67 -4.79 7.60
N GLY A 98 -12.86 -4.18 8.77
CA GLY A 98 -13.88 -4.63 9.69
C GLY A 98 -15.27 -4.18 9.28
N GLU A 99 -16.27 -4.55 10.07
CA GLU A 99 -17.65 -4.16 9.79
C GLU A 99 -17.97 -2.79 10.38
N GLN A 100 -19.01 -2.17 9.88
CA GLN A 100 -19.42 -0.85 10.36
C GLN A 100 -20.85 -0.89 10.89
N SER A 101 -21.25 -2.06 11.40
CA SER A 101 -22.59 -2.23 11.94
C SER A 101 -23.65 -1.75 10.95
N GLY A 102 -23.32 -1.79 9.66
CA GLY A 102 -24.25 -1.35 8.64
C GLY A 102 -24.79 -2.51 7.82
N PRO A 103 -24.08 -2.84 6.72
CA PRO A 103 -24.48 -3.94 5.83
C PRO A 103 -24.31 -5.30 6.49
N SER A 104 -25.40 -6.05 6.57
CA SER A 104 -25.37 -7.38 7.17
C SER A 104 -25.37 -8.47 6.10
N SER A 105 -24.30 -9.26 6.07
CA SER A 105 -24.17 -10.33 5.09
C SER A 105 -25.50 -11.05 4.89
N GLY A 106 -25.77 -11.48 3.66
CA GLY A 106 -27.00 -12.17 3.36
C GLY A 106 -27.50 -11.89 1.96
N GLY A 1 12.88 -9.03 -11.09
CA GLY A 1 13.11 -8.55 -12.45
C GLY A 1 13.19 -7.05 -12.53
N SER A 2 14.40 -6.52 -12.34
CA SER A 2 14.62 -5.08 -12.38
C SER A 2 15.74 -4.72 -13.35
N SER A 3 15.76 -5.40 -14.50
CA SER A 3 16.77 -5.16 -15.52
C SER A 3 16.30 -4.13 -16.53
N GLY A 4 17.10 -3.08 -16.72
CA GLY A 4 16.75 -2.04 -17.65
C GLY A 4 16.21 -0.79 -16.97
N SER A 5 15.01 -0.91 -16.41
CA SER A 5 14.37 0.21 -15.72
C SER A 5 15.03 0.47 -14.37
N SER A 6 16.08 1.28 -14.38
CA SER A 6 16.81 1.61 -13.16
C SER A 6 15.93 2.41 -12.21
N GLY A 7 16.15 2.23 -10.91
CA GLY A 7 15.37 2.94 -9.91
C GLY A 7 15.61 2.41 -8.51
N PRO A 8 14.81 2.91 -7.55
CA PRO A 8 14.92 2.50 -6.15
C PRO A 8 14.45 1.06 -5.92
N LYS A 9 14.64 0.57 -4.71
CA LYS A 9 14.23 -0.78 -4.36
C LYS A 9 12.91 -0.79 -3.61
N PRO A 10 12.18 -1.92 -3.68
CA PRO A 10 10.89 -2.07 -3.00
C PRO A 10 11.02 -2.14 -1.49
N PRO A 11 10.01 -1.62 -0.78
CA PRO A 11 9.99 -1.61 0.68
C PRO A 11 9.82 -3.00 1.27
N ILE A 12 9.99 -3.11 2.58
CA ILE A 12 9.85 -4.40 3.27
C ILE A 12 9.07 -4.24 4.58
N ASP A 13 8.92 -5.34 5.31
CA ASP A 13 8.21 -5.32 6.57
C ASP A 13 6.78 -4.82 6.38
N LEU A 14 6.22 -5.08 5.21
CA LEU A 14 4.86 -4.66 4.90
C LEU A 14 3.84 -5.46 5.71
N VAL A 15 3.25 -4.80 6.71
CA VAL A 15 2.26 -5.45 7.55
C VAL A 15 1.17 -4.47 7.99
N VAL A 16 0.05 -5.01 8.47
CA VAL A 16 -1.06 -4.17 8.92
C VAL A 16 -1.16 -4.17 10.44
N THR A 17 -1.36 -2.99 11.01
CA THR A 17 -1.47 -2.85 12.46
C THR A 17 -2.90 -2.50 12.86
N GLU A 18 -3.50 -1.55 12.15
CA GLU A 18 -4.87 -1.13 12.44
C GLU A 18 -5.75 -1.26 11.19
N THR A 19 -7.01 -1.61 11.42
CA THR A 19 -7.95 -1.77 10.32
C THR A 19 -9.33 -1.23 10.69
N THR A 20 -9.71 -0.13 10.04
CA THR A 20 -11.00 0.50 10.30
C THR A 20 -12.05 0.05 9.29
N ALA A 21 -13.32 0.22 9.64
CA ALA A 21 -14.41 -0.17 8.77
C ALA A 21 -14.29 0.50 7.41
N THR A 22 -13.77 1.73 7.41
CA THR A 22 -13.61 2.49 6.18
C THR A 22 -12.19 3.03 6.05
N SER A 23 -11.28 2.46 6.83
CA SER A 23 -9.88 2.89 6.81
C SER A 23 -8.95 1.74 7.18
N VAL A 24 -7.66 1.94 6.95
CA VAL A 24 -6.66 0.92 7.27
C VAL A 24 -5.30 1.54 7.50
N THR A 25 -4.48 0.88 8.34
CA THR A 25 -3.15 1.38 8.64
C THR A 25 -2.08 0.42 8.13
N LEU A 26 -1.09 0.97 7.43
CA LEU A 26 0.00 0.16 6.89
C LEU A 26 1.35 0.60 7.45
N THR A 27 2.20 -0.37 7.73
CA THR A 27 3.53 -0.08 8.28
C THR A 27 4.61 -0.88 7.55
N TRP A 28 5.72 -0.21 7.24
CA TRP A 28 6.82 -0.86 6.55
C TRP A 28 8.15 -0.20 6.91
N ASP A 29 9.24 -0.76 6.41
CA ASP A 29 10.58 -0.23 6.68
C ASP A 29 11.17 0.42 5.43
N SER A 30 12.07 1.37 5.63
CA SER A 30 12.70 2.08 4.53
C SER A 30 13.13 1.10 3.44
N GLY A 31 13.84 0.04 3.83
CA GLY A 31 14.29 -0.95 2.89
C GLY A 31 15.52 -0.50 2.12
N ASN A 32 15.52 0.76 1.70
CA ASN A 32 16.65 1.32 0.95
C ASN A 32 17.66 1.97 1.89
N SER A 33 18.78 2.40 1.33
CA SER A 33 19.83 3.05 2.12
C SER A 33 19.94 4.52 1.77
N GLU A 34 19.61 4.86 0.53
CA GLU A 34 19.69 6.24 0.07
C GLU A 34 18.34 6.94 0.24
N PRO A 35 18.38 8.23 0.56
CA PRO A 35 17.18 9.04 0.76
C PRO A 35 16.42 9.29 -0.53
N VAL A 36 15.30 8.59 -0.71
CA VAL A 36 14.49 8.73 -1.91
C VAL A 36 13.55 9.93 -1.80
N THR A 37 12.94 10.30 -2.92
CA THR A 37 12.02 11.43 -2.95
C THR A 37 10.78 11.16 -2.09
N TYR A 38 10.00 10.16 -2.49
CA TYR A 38 8.79 9.80 -1.75
C TYR A 38 8.40 8.35 -2.04
N TYR A 39 7.41 7.85 -1.30
CA TYR A 39 6.94 6.49 -1.47
C TYR A 39 5.49 6.47 -1.92
N GLY A 40 5.21 5.68 -2.96
CA GLY A 40 3.85 5.58 -3.48
C GLY A 40 3.08 4.44 -2.86
N ILE A 41 1.76 4.44 -3.05
CA ILE A 41 0.90 3.39 -2.51
C ILE A 41 -0.17 2.99 -3.51
N GLN A 42 -0.36 1.68 -3.68
CA GLN A 42 -1.36 1.17 -4.61
C GLN A 42 -2.23 0.12 -3.93
N TYR A 43 -3.55 0.30 -4.04
CA TYR A 43 -4.49 -0.64 -3.43
C TYR A 43 -5.78 -0.72 -4.26
N ARG A 44 -6.35 -1.92 -4.31
CA ARG A 44 -7.58 -2.14 -5.07
C ARG A 44 -8.33 -3.36 -4.54
N ALA A 45 -9.65 -3.26 -4.49
CA ALA A 45 -10.49 -4.35 -4.00
C ALA A 45 -9.94 -5.70 -4.45
N ALA A 46 -9.66 -6.57 -3.49
CA ALA A 46 -9.12 -7.89 -3.78
C ALA A 46 -10.13 -8.73 -4.57
N GLY A 47 -10.21 -8.47 -5.87
CA GLY A 47 -11.14 -9.20 -6.71
C GLY A 47 -11.87 -8.31 -7.69
N THR A 48 -11.12 -7.49 -8.42
CA THR A 48 -11.70 -6.58 -9.39
C THR A 48 -10.80 -6.43 -10.62
N GLU A 49 -11.40 -6.08 -11.75
CA GLU A 49 -10.66 -5.91 -12.98
C GLU A 49 -10.52 -4.44 -13.34
N GLY A 50 -9.91 -3.68 -12.44
CA GLY A 50 -9.72 -2.26 -12.66
C GLY A 50 -8.34 -1.78 -12.27
N PRO A 51 -8.04 -0.50 -12.56
CA PRO A 51 -6.74 0.10 -12.25
C PRO A 51 -6.54 0.29 -10.75
N PHE A 52 -5.36 -0.04 -10.26
CA PHE A 52 -5.04 0.09 -8.85
C PHE A 52 -4.79 1.56 -8.48
N GLN A 53 -5.39 2.00 -7.38
CA GLN A 53 -5.24 3.37 -6.92
C GLN A 53 -3.77 3.78 -6.91
N GLU A 54 -3.53 5.08 -6.87
CA GLU A 54 -2.17 5.61 -6.84
C GLU A 54 -2.06 6.81 -5.92
N VAL A 55 -1.28 6.66 -4.86
CA VAL A 55 -1.08 7.74 -3.88
C VAL A 55 0.39 8.14 -3.81
N ASP A 56 0.64 9.44 -3.95
CA ASP A 56 2.00 9.97 -3.89
C ASP A 56 2.13 11.03 -2.80
N GLY A 57 3.30 11.11 -2.20
CA GLY A 57 3.53 12.10 -1.15
C GLY A 57 3.58 11.46 0.23
N VAL A 58 4.24 10.32 0.33
CA VAL A 58 4.36 9.62 1.61
C VAL A 58 5.82 9.48 2.03
N ALA A 59 6.34 10.51 2.68
CA ALA A 59 7.72 10.51 3.14
C ALA A 59 7.84 9.91 4.54
N THR A 60 6.94 8.97 4.85
CA THR A 60 6.95 8.32 6.16
C THR A 60 6.91 6.80 6.00
N THR A 61 7.17 6.11 7.11
CA THR A 61 7.17 4.65 7.10
C THR A 61 5.85 4.10 7.63
N ARG A 62 4.82 4.94 7.66
CA ARG A 62 3.51 4.54 8.14
C ARG A 62 2.42 5.40 7.52
N TYR A 63 1.53 4.77 6.76
CA TYR A 63 0.44 5.48 6.10
C TYR A 63 -0.86 4.69 6.20
N SER A 64 -1.98 5.40 6.28
CA SER A 64 -3.29 4.76 6.38
C SER A 64 -4.12 5.03 5.13
N ILE A 65 -4.91 4.05 4.71
CA ILE A 65 -5.76 4.19 3.54
C ILE A 65 -7.22 4.31 3.93
N GLY A 66 -7.92 5.25 3.31
CA GLY A 66 -9.33 5.44 3.61
C GLY A 66 -10.19 5.48 2.36
N GLY A 67 -11.51 5.40 2.54
CA GLY A 67 -12.42 5.43 1.42
C GLY A 67 -12.79 4.03 0.95
N LEU A 68 -12.57 3.04 1.81
CA LEU A 68 -12.89 1.66 1.49
C LEU A 68 -14.22 1.25 2.11
N SER A 69 -14.70 0.06 1.75
CA SER A 69 -15.96 -0.45 2.27
C SER A 69 -15.72 -1.43 3.43
N PRO A 70 -16.66 -1.43 4.39
CA PRO A 70 -16.57 -2.31 5.56
C PRO A 70 -16.77 -3.78 5.21
N PHE A 71 -15.98 -4.65 5.83
CA PHE A 71 -16.07 -6.09 5.57
C PHE A 71 -15.61 -6.42 4.15
N SER A 72 -14.57 -5.74 3.69
CA SER A 72 -14.04 -5.94 2.36
C SER A 72 -12.55 -6.24 2.41
N GLU A 73 -12.04 -6.89 1.36
CA GLU A 73 -10.62 -7.24 1.29
C GLU A 73 -9.92 -6.38 0.24
N TYR A 74 -8.74 -5.88 0.59
CA TYR A 74 -7.97 -5.04 -0.32
C TYR A 74 -6.49 -5.42 -0.28
N ALA A 75 -5.82 -5.28 -1.42
CA ALA A 75 -4.40 -5.61 -1.52
C ALA A 75 -3.54 -4.35 -1.55
N PHE A 76 -2.75 -4.15 -0.49
CA PHE A 76 -1.89 -2.98 -0.40
C PHE A 76 -0.46 -3.32 -0.82
N ARG A 77 0.26 -2.32 -1.30
CA ARG A 77 1.64 -2.51 -1.74
C ARG A 77 2.37 -1.17 -1.87
N VAL A 78 3.43 -1.01 -1.07
CA VAL A 78 4.20 0.22 -1.09
C VAL A 78 5.39 0.11 -2.05
N LEU A 79 5.74 1.23 -2.67
CA LEU A 79 6.84 1.25 -3.61
C LEU A 79 7.64 2.55 -3.48
N ALA A 80 8.96 2.42 -3.42
CA ALA A 80 9.84 3.58 -3.30
C ALA A 80 9.92 4.35 -4.60
N VAL A 81 9.99 5.68 -4.49
CA VAL A 81 10.08 6.53 -5.67
C VAL A 81 11.15 7.61 -5.50
N ASN A 82 11.82 7.95 -6.60
CA ASN A 82 12.87 8.96 -6.57
C ASN A 82 12.94 9.72 -7.89
N SER A 83 13.90 10.63 -7.99
CA SER A 83 14.06 11.42 -9.20
C SER A 83 14.10 10.53 -10.44
N ILE A 84 14.74 9.37 -10.30
CA ILE A 84 14.85 8.42 -11.41
C ILE A 84 13.48 7.90 -11.81
N GLY A 85 12.72 7.41 -10.84
CA GLY A 85 11.40 6.90 -11.12
C GLY A 85 10.91 5.94 -10.04
N ARG A 86 9.64 5.56 -10.12
CA ARG A 86 9.05 4.65 -9.14
C ARG A 86 9.53 3.22 -9.39
N GLY A 87 9.96 2.55 -8.32
CA GLY A 87 10.43 1.18 -8.45
C GLY A 87 9.30 0.18 -8.32
N PRO A 88 9.66 -1.11 -8.29
CA PRO A 88 8.68 -2.21 -8.17
C PRO A 88 8.03 -2.25 -6.80
N PRO A 89 6.78 -2.72 -6.76
CA PRO A 89 6.02 -2.82 -5.51
C PRO A 89 6.55 -3.92 -4.60
N SER A 90 6.27 -3.80 -3.30
CA SER A 90 6.73 -4.77 -2.33
C SER A 90 5.76 -5.94 -2.21
N GLU A 91 6.11 -6.94 -1.41
CA GLU A 91 5.26 -8.10 -1.21
C GLU A 91 3.81 -7.68 -0.94
N ALA A 92 2.99 -7.70 -1.99
CA ALA A 92 1.59 -7.32 -1.87
C ALA A 92 0.95 -8.00 -0.66
N VAL A 93 0.30 -7.20 0.19
CA VAL A 93 -0.36 -7.72 1.38
C VAL A 93 -1.87 -7.57 1.28
N ARG A 94 -2.59 -8.49 1.91
CA ARG A 94 -4.05 -8.46 1.90
C ARG A 94 -4.60 -8.20 3.29
N ALA A 95 -5.41 -7.14 3.41
CA ALA A 95 -6.01 -6.79 4.69
C ALA A 95 -7.51 -6.55 4.54
N ARG A 96 -8.30 -7.25 5.35
CA ARG A 96 -9.75 -7.12 5.31
C ARG A 96 -10.23 -6.11 6.35
N THR A 97 -10.86 -5.03 5.87
CA THR A 97 -11.38 -4.00 6.76
C THR A 97 -12.50 -4.53 7.64
N GLY A 98 -12.64 -3.94 8.83
CA GLY A 98 -13.69 -4.37 9.74
C GLY A 98 -15.07 -3.99 9.25
N GLU A 99 -16.09 -4.43 9.99
CA GLU A 99 -17.47 -4.14 9.63
C GLU A 99 -18.09 -3.12 10.59
N GLN A 100 -18.91 -2.23 10.05
CA GLN A 100 -19.56 -1.20 10.86
C GLN A 100 -20.72 -0.57 10.10
N SER A 101 -21.93 -0.77 10.60
CA SER A 101 -23.12 -0.22 9.97
C SER A 101 -23.18 -0.61 8.50
N GLY A 102 -22.83 -1.85 8.20
CA GLY A 102 -22.85 -2.33 6.83
C GLY A 102 -24.05 -1.82 6.06
N PRO A 103 -23.89 -1.70 4.73
CA PRO A 103 -24.96 -1.21 3.86
C PRO A 103 -26.11 -2.22 3.73
N SER A 104 -27.33 -1.71 3.67
CA SER A 104 -28.51 -2.55 3.55
C SER A 104 -28.25 -3.72 2.59
N SER A 105 -28.45 -4.94 3.08
CA SER A 105 -28.24 -6.13 2.28
C SER A 105 -29.55 -6.88 2.06
N GLY A 106 -29.92 -7.03 0.80
CA GLY A 106 -31.16 -7.74 0.46
C GLY A 106 -32.26 -6.80 0.04
N GLY A 1 15.50 -9.15 -17.75
CA GLY A 1 16.52 -9.47 -18.73
C GLY A 1 17.01 -8.24 -19.46
N SER A 2 18.31 -8.20 -19.73
CA SER A 2 18.90 -7.06 -20.45
C SER A 2 18.30 -5.74 -19.96
N SER A 3 18.28 -5.56 -18.65
CA SER A 3 17.73 -4.34 -18.05
C SER A 3 18.83 -3.33 -17.76
N GLY A 4 18.69 -2.14 -18.32
CA GLY A 4 19.68 -1.10 -18.11
C GLY A 4 19.48 -0.37 -16.79
N SER A 5 18.99 0.87 -16.87
CA SER A 5 18.76 1.67 -15.68
C SER A 5 17.70 1.03 -14.79
N SER A 6 17.84 1.21 -13.48
CA SER A 6 16.90 0.64 -12.51
C SER A 6 16.60 1.65 -11.40
N GLY A 7 15.32 1.75 -11.04
CA GLY A 7 14.92 2.67 -10.00
C GLY A 7 15.30 2.17 -8.62
N PRO A 8 14.63 2.71 -7.58
CA PRO A 8 14.89 2.34 -6.18
C PRO A 8 14.41 0.92 -5.88
N LYS A 9 14.71 0.45 -4.67
CA LYS A 9 14.32 -0.88 -4.24
C LYS A 9 12.97 -0.86 -3.54
N PRO A 10 12.26 -2.00 -3.58
CA PRO A 10 10.95 -2.13 -2.95
C PRO A 10 11.03 -2.14 -1.43
N PRO A 11 10.00 -1.59 -0.77
CA PRO A 11 9.94 -1.52 0.70
C PRO A 11 9.75 -2.90 1.34
N ILE A 12 10.23 -3.05 2.57
CA ILE A 12 10.11 -4.31 3.28
C ILE A 12 9.35 -4.13 4.59
N ASP A 13 9.15 -5.22 5.32
CA ASP A 13 8.44 -5.18 6.59
C ASP A 13 7.01 -4.68 6.40
N LEU A 14 6.41 -5.01 5.26
CA LEU A 14 5.06 -4.59 4.96
C LEU A 14 4.04 -5.43 5.76
N VAL A 15 3.40 -4.78 6.73
CA VAL A 15 2.40 -5.45 7.56
C VAL A 15 1.32 -4.48 8.02
N VAL A 16 0.17 -5.02 8.39
CA VAL A 16 -0.94 -4.21 8.86
C VAL A 16 -1.02 -4.18 10.38
N THR A 17 -1.21 -2.99 10.95
CA THR A 17 -1.29 -2.83 12.39
C THR A 17 -2.70 -2.45 12.82
N GLU A 18 -3.26 -1.44 12.15
CA GLU A 18 -4.61 -0.97 12.46
C GLU A 18 -5.53 -1.14 11.26
N THR A 19 -6.78 -1.48 11.54
CA THR A 19 -7.78 -1.68 10.49
C THR A 19 -9.13 -1.12 10.89
N THR A 20 -9.70 -0.29 10.03
CA THR A 20 -11.00 0.32 10.29
C THR A 20 -12.04 -0.15 9.30
N ALA A 21 -13.30 0.18 9.56
CA ALA A 21 -14.40 -0.21 8.67
C ALA A 21 -14.27 0.47 7.31
N THR A 22 -13.76 1.69 7.31
CA THR A 22 -13.58 2.44 6.07
C THR A 22 -12.16 3.00 5.97
N SER A 23 -11.23 2.37 6.66
CA SER A 23 -9.83 2.79 6.64
C SER A 23 -8.91 1.65 7.03
N VAL A 24 -7.61 1.83 6.79
CA VAL A 24 -6.62 0.82 7.11
C VAL A 24 -5.24 1.44 7.31
N THR A 25 -4.43 0.81 8.16
CA THR A 25 -3.09 1.30 8.44
C THR A 25 -2.03 0.32 7.97
N LEU A 26 -0.99 0.83 7.33
CA LEU A 26 0.10 0.00 6.83
C LEU A 26 1.45 0.48 7.36
N THR A 27 2.29 -0.47 7.74
CA THR A 27 3.61 -0.15 8.26
C THR A 27 4.70 -0.88 7.49
N TRP A 28 5.80 -0.18 7.22
CA TRP A 28 6.92 -0.76 6.48
C TRP A 28 8.22 -0.07 6.84
N ASP A 29 9.35 -0.67 6.44
CA ASP A 29 10.66 -0.11 6.72
C ASP A 29 11.23 0.57 5.49
N SER A 30 12.16 1.49 5.70
CA SER A 30 12.79 2.21 4.60
C SER A 30 13.25 1.26 3.50
N GLY A 31 13.99 0.22 3.90
CA GLY A 31 14.47 -0.75 2.94
C GLY A 31 15.65 -0.24 2.15
N ASN A 32 15.55 0.99 1.66
CA ASN A 32 16.62 1.60 0.88
C ASN A 32 17.63 2.29 1.78
N SER A 33 18.85 2.50 1.27
CA SER A 33 19.89 3.16 2.04
C SER A 33 20.05 4.62 1.61
N GLU A 34 19.57 4.93 0.41
CA GLU A 34 19.67 6.28 -0.13
C GLU A 34 18.40 7.08 0.21
N PRO A 35 18.55 8.41 0.29
CA PRO A 35 17.44 9.31 0.59
C PRO A 35 16.43 9.40 -0.54
N VAL A 36 15.43 8.52 -0.50
CA VAL A 36 14.40 8.49 -1.52
C VAL A 36 13.52 9.74 -1.45
N THR A 37 12.83 10.04 -2.55
CA THR A 37 11.96 11.20 -2.62
C THR A 37 10.67 10.96 -1.85
N TYR A 38 9.97 9.89 -2.21
CA TYR A 38 8.70 9.55 -1.55
C TYR A 38 8.29 8.11 -1.87
N TYR A 39 7.36 7.59 -1.11
CA TYR A 39 6.87 6.23 -1.30
C TYR A 39 5.41 6.22 -1.72
N GLY A 40 5.13 5.61 -2.87
CA GLY A 40 3.76 5.55 -3.37
C GLY A 40 2.98 4.40 -2.76
N ILE A 41 1.67 4.39 -2.99
CA ILE A 41 0.82 3.33 -2.46
C ILE A 41 -0.26 2.95 -3.47
N GLN A 42 -0.47 1.65 -3.65
CA GLN A 42 -1.47 1.15 -4.59
C GLN A 42 -2.36 0.12 -3.92
N TYR A 43 -3.67 0.31 -4.02
CA TYR A 43 -4.63 -0.61 -3.42
C TYR A 43 -5.88 -0.74 -4.29
N ARG A 44 -6.57 -1.87 -4.16
CA ARG A 44 -7.78 -2.12 -4.94
C ARG A 44 -8.50 -3.37 -4.45
N ALA A 45 -9.82 -3.38 -4.59
CA ALA A 45 -10.63 -4.51 -4.17
C ALA A 45 -10.04 -5.83 -4.67
N ALA A 46 -9.81 -6.77 -3.76
CA ALA A 46 -9.26 -8.06 -4.13
C ALA A 46 -10.26 -8.88 -4.94
N GLY A 47 -10.38 -8.55 -6.22
CA GLY A 47 -11.31 -9.27 -7.08
C GLY A 47 -11.55 -8.55 -8.39
N THR A 48 -12.27 -7.44 -8.34
CA THR A 48 -12.57 -6.66 -9.53
C THR A 48 -11.42 -6.72 -10.54
N GLU A 49 -10.19 -6.67 -10.02
CA GLU A 49 -9.00 -6.72 -10.87
C GLU A 49 -8.99 -5.55 -11.85
N GLY A 50 -9.36 -4.37 -11.37
CA GLY A 50 -9.39 -3.19 -12.22
C GLY A 50 -8.21 -2.27 -11.97
N PRO A 51 -8.38 -0.99 -12.31
CA PRO A 51 -7.33 0.03 -12.14
C PRO A 51 -7.08 0.35 -10.66
N PHE A 52 -5.88 0.01 -10.18
CA PHE A 52 -5.51 0.26 -8.80
C PHE A 52 -5.29 1.75 -8.56
N GLN A 53 -5.67 2.22 -7.38
CA GLN A 53 -5.50 3.63 -7.03
C GLN A 53 -4.03 4.01 -7.02
N GLU A 54 -3.76 5.30 -6.79
CA GLU A 54 -2.39 5.80 -6.77
C GLU A 54 -2.25 6.95 -5.77
N VAL A 55 -1.29 6.82 -4.86
CA VAL A 55 -1.04 7.85 -3.86
C VAL A 55 0.43 8.23 -3.80
N ASP A 56 0.71 9.51 -3.99
CA ASP A 56 2.09 10.00 -3.96
C ASP A 56 2.22 11.16 -2.98
N GLY A 57 3.34 11.18 -2.24
CA GLY A 57 3.57 12.24 -1.29
C GLY A 57 3.69 11.72 0.13
N VAL A 58 4.08 10.46 0.27
CA VAL A 58 4.24 9.84 1.58
C VAL A 58 5.71 9.81 2.00
N ALA A 59 6.12 10.82 2.74
CA ALA A 59 7.50 10.91 3.21
C ALA A 59 7.64 10.30 4.61
N THR A 60 6.86 9.26 4.87
CA THR A 60 6.90 8.59 6.17
C THR A 60 6.92 7.08 6.01
N THR A 61 7.20 6.37 7.09
CA THR A 61 7.24 4.91 7.07
C THR A 61 5.92 4.32 7.55
N ARG A 62 4.88 5.15 7.58
CA ARG A 62 3.56 4.70 8.02
C ARG A 62 2.46 5.59 7.43
N TYR A 63 1.49 4.97 6.78
CA TYR A 63 0.39 5.70 6.17
C TYR A 63 -0.94 4.96 6.36
N SER A 64 -2.03 5.70 6.28
CA SER A 64 -3.36 5.11 6.44
C SER A 64 -4.21 5.34 5.20
N ILE A 65 -4.88 4.29 4.73
CA ILE A 65 -5.73 4.38 3.55
C ILE A 65 -7.19 4.59 3.95
N GLY A 66 -7.92 5.32 3.11
CA GLY A 66 -9.32 5.57 3.39
C GLY A 66 -10.18 5.55 2.13
N GLY A 67 -11.47 5.32 2.30
CA GLY A 67 -12.37 5.28 1.16
C GLY A 67 -12.70 3.86 0.74
N LEU A 68 -12.68 2.94 1.70
CA LEU A 68 -12.98 1.54 1.41
C LEU A 68 -14.33 1.13 2.01
N SER A 69 -14.81 -0.03 1.62
CA SER A 69 -16.09 -0.54 2.12
C SER A 69 -15.87 -1.49 3.30
N PRO A 70 -16.81 -1.45 4.26
CA PRO A 70 -16.74 -2.31 5.45
C PRO A 70 -16.99 -3.78 5.13
N PHE A 71 -16.15 -4.65 5.66
CA PHE A 71 -16.27 -6.08 5.43
C PHE A 71 -15.84 -6.44 4.02
N SER A 72 -14.75 -5.84 3.57
CA SER A 72 -14.23 -6.10 2.22
C SER A 72 -12.76 -6.44 2.27
N GLU A 73 -12.26 -7.02 1.17
CA GLU A 73 -10.85 -7.40 1.08
C GLU A 73 -10.11 -6.52 0.08
N TYR A 74 -8.95 -6.00 0.50
CA TYR A 74 -8.14 -5.16 -0.36
C TYR A 74 -6.67 -5.53 -0.26
N ALA A 75 -5.92 -5.26 -1.33
CA ALA A 75 -4.49 -5.56 -1.37
C ALA A 75 -3.66 -4.28 -1.36
N PHE A 76 -2.83 -4.13 -0.33
CA PHE A 76 -1.98 -2.95 -0.20
C PHE A 76 -0.54 -3.27 -0.61
N ARG A 77 0.12 -2.30 -1.22
CA ARG A 77 1.50 -2.47 -1.66
C ARG A 77 2.21 -1.13 -1.79
N VAL A 78 3.37 -1.01 -1.15
CA VAL A 78 4.15 0.22 -1.19
C VAL A 78 5.32 0.09 -2.15
N LEU A 79 5.88 1.23 -2.55
CA LEU A 79 7.00 1.26 -3.46
C LEU A 79 7.80 2.55 -3.32
N ALA A 80 9.12 2.42 -3.28
CA ALA A 80 10.00 3.59 -3.15
C ALA A 80 10.08 4.36 -4.47
N VAL A 81 10.17 5.68 -4.37
CA VAL A 81 10.25 6.53 -5.54
C VAL A 81 11.19 7.72 -5.30
N ASN A 82 12.15 7.89 -6.19
CA ASN A 82 13.12 8.99 -6.07
C ASN A 82 13.31 9.69 -7.41
N SER A 83 14.22 10.66 -7.44
CA SER A 83 14.50 11.41 -8.66
C SER A 83 14.36 10.52 -9.89
N ILE A 84 15.02 9.37 -9.85
CA ILE A 84 14.99 8.43 -10.96
C ILE A 84 13.54 8.05 -11.31
N GLY A 85 12.81 7.55 -10.33
CA GLY A 85 11.44 7.17 -10.54
C GLY A 85 10.93 6.19 -9.49
N ARG A 86 9.77 5.59 -9.75
CA ARG A 86 9.18 4.65 -8.81
C ARG A 86 9.67 3.23 -9.09
N GLY A 87 10.08 2.53 -8.03
CA GLY A 87 10.56 1.17 -8.18
C GLY A 87 9.45 0.15 -8.14
N PRO A 88 9.82 -1.13 -8.09
CA PRO A 88 8.86 -2.24 -8.05
C PRO A 88 8.12 -2.31 -6.72
N PRO A 89 6.86 -2.77 -6.77
CA PRO A 89 6.02 -2.90 -5.57
C PRO A 89 6.50 -4.00 -4.64
N SER A 90 6.17 -3.87 -3.35
CA SER A 90 6.56 -4.85 -2.36
C SER A 90 5.51 -5.95 -2.23
N GLU A 91 5.87 -7.03 -1.54
CA GLU A 91 4.96 -8.14 -1.33
C GLU A 91 3.54 -7.65 -1.06
N ALA A 92 2.64 -7.88 -2.01
CA ALA A 92 1.26 -7.45 -1.88
C ALA A 92 0.60 -8.12 -0.67
N VAL A 93 0.08 -7.29 0.24
CA VAL A 93 -0.57 -7.80 1.44
C VAL A 93 -2.08 -7.57 1.37
N ARG A 94 -2.85 -8.62 1.66
CA ARG A 94 -4.30 -8.53 1.64
C ARG A 94 -4.86 -8.37 3.05
N ALA A 95 -5.57 -7.27 3.29
CA ALA A 95 -6.16 -6.99 4.59
C ALA A 95 -7.65 -6.68 4.47
N ARG A 96 -8.47 -7.45 5.17
CA ARG A 96 -9.92 -7.26 5.14
C ARG A 96 -10.35 -6.24 6.19
N THR A 97 -11.12 -5.25 5.77
CA THR A 97 -11.61 -4.22 6.68
C THR A 97 -12.76 -4.73 7.54
N GLY A 98 -12.94 -4.12 8.70
CA GLY A 98 -14.01 -4.53 9.59
C GLY A 98 -15.38 -4.14 9.08
N GLU A 99 -16.43 -4.60 9.76
CA GLU A 99 -17.79 -4.29 9.37
C GLU A 99 -18.23 -2.93 9.90
N GLN A 100 -19.44 -2.53 9.54
CA GLN A 100 -19.98 -1.24 9.99
C GLN A 100 -21.51 -1.28 10.04
N SER A 101 -22.08 -0.40 10.86
CA SER A 101 -23.53 -0.34 11.01
C SER A 101 -24.17 0.37 9.83
N GLY A 102 -23.79 -0.06 8.62
CA GLY A 102 -24.35 0.53 7.41
C GLY A 102 -24.84 -0.50 6.43
N PRO A 103 -23.98 -0.90 5.48
CA PRO A 103 -24.32 -1.89 4.46
C PRO A 103 -24.47 -3.28 5.04
N SER A 104 -25.70 -3.64 5.42
CA SER A 104 -25.97 -4.95 6.00
C SER A 104 -27.40 -5.38 5.68
N SER A 105 -27.64 -6.69 5.72
CA SER A 105 -28.96 -7.24 5.44
C SER A 105 -30.05 -6.39 6.09
N GLY A 106 -31.12 -6.14 5.34
CA GLY A 106 -32.21 -5.34 5.85
C GLY A 106 -33.06 -4.74 4.75
N GLY A 1 25.61 -11.06 -16.55
CA GLY A 1 24.63 -10.62 -15.57
C GLY A 1 23.21 -10.78 -16.08
N SER A 2 22.25 -10.73 -15.16
CA SER A 2 20.84 -10.88 -15.51
C SER A 2 19.95 -10.47 -14.34
N SER A 3 18.74 -10.01 -14.65
CA SER A 3 17.79 -9.60 -13.64
C SER A 3 18.22 -8.27 -13.00
N GLY A 4 18.66 -7.34 -13.83
CA GLY A 4 19.09 -6.05 -13.33
C GLY A 4 17.94 -5.22 -12.80
N SER A 5 18.07 -4.75 -11.56
CA SER A 5 17.04 -3.94 -10.93
C SER A 5 17.22 -2.46 -11.27
N SER A 6 16.11 -1.73 -11.32
CA SER A 6 16.14 -0.30 -11.63
C SER A 6 15.56 0.52 -10.49
N GLY A 7 15.81 1.82 -10.52
CA GLY A 7 15.31 2.69 -9.48
C GLY A 7 15.65 2.20 -8.08
N PRO A 8 14.95 2.74 -7.07
CA PRO A 8 15.15 2.36 -5.68
C PRO A 8 14.68 0.94 -5.38
N LYS A 9 14.95 0.47 -4.16
CA LYS A 9 14.54 -0.87 -3.76
C LYS A 9 13.16 -0.84 -3.12
N PRO A 10 12.45 -1.98 -3.19
CA PRO A 10 11.12 -2.12 -2.61
C PRO A 10 11.14 -2.12 -1.08
N PRO A 11 10.07 -1.58 -0.48
CA PRO A 11 9.94 -1.52 0.98
C PRO A 11 9.74 -2.88 1.61
N ILE A 12 10.24 -3.05 2.84
CA ILE A 12 10.11 -4.32 3.55
C ILE A 12 9.27 -4.15 4.81
N ASP A 13 9.13 -5.23 5.56
CA ASP A 13 8.34 -5.21 6.79
C ASP A 13 6.93 -4.72 6.53
N LEU A 14 6.33 -5.19 5.45
CA LEU A 14 4.97 -4.79 5.09
C LEU A 14 3.94 -5.56 5.91
N VAL A 15 3.38 -4.90 6.91
CA VAL A 15 2.38 -5.52 7.78
C VAL A 15 1.36 -4.49 8.26
N VAL A 16 0.14 -4.96 8.54
CA VAL A 16 -0.92 -4.08 9.00
C VAL A 16 -0.96 -4.03 10.52
N THR A 17 -1.06 -2.82 11.06
CA THR A 17 -1.11 -2.63 12.50
C THR A 17 -2.53 -2.31 12.98
N GLU A 18 -3.28 -1.63 12.12
CA GLU A 18 -4.65 -1.26 12.46
C GLU A 18 -5.56 -1.39 11.23
N THR A 19 -6.82 -1.74 11.47
CA THR A 19 -7.79 -1.90 10.38
C THR A 19 -9.16 -1.37 10.80
N THR A 20 -9.71 -0.50 9.96
CA THR A 20 -11.02 0.10 10.22
C THR A 20 -12.05 -0.36 9.20
N ALA A 21 -13.31 0.01 9.43
CA ALA A 21 -14.39 -0.36 8.52
C ALA A 21 -14.19 0.27 7.15
N THR A 22 -13.73 1.51 7.13
CA THR A 22 -13.51 2.23 5.88
C THR A 22 -12.08 2.77 5.81
N SER A 23 -11.21 2.25 6.66
CA SER A 23 -9.82 2.69 6.70
C SER A 23 -8.90 1.52 7.02
N VAL A 24 -7.60 1.72 6.78
CA VAL A 24 -6.61 0.68 7.04
C VAL A 24 -5.23 1.28 7.29
N THR A 25 -4.46 0.66 8.17
CA THR A 25 -3.12 1.15 8.50
C THR A 25 -2.05 0.20 7.97
N LEU A 26 -1.04 0.75 7.32
CA LEU A 26 0.05 -0.05 6.77
C LEU A 26 1.41 0.43 7.30
N THR A 27 2.24 -0.51 7.72
CA THR A 27 3.55 -0.19 8.25
C THR A 27 4.65 -0.92 7.47
N TRP A 28 5.73 -0.20 7.15
CA TRP A 28 6.84 -0.78 6.42
C TRP A 28 8.13 -0.01 6.69
N ASP A 29 9.26 -0.61 6.31
CA ASP A 29 10.56 0.02 6.51
C ASP A 29 11.09 0.62 5.22
N SER A 30 11.86 1.69 5.33
CA SER A 30 12.43 2.35 4.16
C SER A 30 13.01 1.34 3.19
N GLY A 31 13.83 0.42 3.72
CA GLY A 31 14.44 -0.60 2.89
C GLY A 31 15.70 -0.10 2.20
N ASN A 32 15.64 1.12 1.68
CA ASN A 32 16.79 1.71 0.99
C ASN A 32 17.69 2.44 1.97
N SER A 33 18.90 2.80 1.53
CA SER A 33 19.85 3.50 2.36
C SER A 33 19.85 4.99 2.06
N GLU A 34 19.48 5.34 0.84
CA GLU A 34 19.44 6.73 0.42
C GLU A 34 18.04 7.32 0.62
N PRO A 35 17.98 8.60 1.00
CA PRO A 35 16.71 9.30 1.23
C PRO A 35 15.95 9.55 -0.07
N VAL A 36 15.04 8.64 -0.41
CA VAL A 36 14.24 8.77 -1.62
C VAL A 36 13.25 9.93 -1.51
N THR A 37 12.70 10.33 -2.64
CA THR A 37 11.74 11.43 -2.68
C THR A 37 10.51 11.11 -1.82
N TYR A 38 9.89 9.98 -2.10
CA TYR A 38 8.71 9.56 -1.35
C TYR A 38 8.35 8.11 -1.66
N TYR A 39 7.24 7.65 -1.09
CA TYR A 39 6.78 6.28 -1.31
C TYR A 39 5.32 6.26 -1.76
N GLY A 40 5.08 5.69 -2.94
CA GLY A 40 3.73 5.61 -3.45
C GLY A 40 2.96 4.44 -2.88
N ILE A 41 1.63 4.52 -2.94
CA ILE A 41 0.77 3.46 -2.42
C ILE A 41 -0.29 3.07 -3.44
N GLN A 42 -0.42 1.77 -3.69
CA GLN A 42 -1.40 1.27 -4.63
C GLN A 42 -2.24 0.15 -4.01
N TYR A 43 -3.56 0.23 -4.21
CA TYR A 43 -4.47 -0.76 -3.66
C TYR A 43 -5.67 -0.97 -4.59
N ARG A 44 -6.41 -2.04 -4.35
CA ARG A 44 -7.59 -2.36 -5.16
C ARG A 44 -8.46 -3.40 -4.48
N ALA A 45 -9.75 -3.35 -4.74
CA ALA A 45 -10.70 -4.29 -4.15
C ALA A 45 -10.44 -5.71 -4.66
N ALA A 46 -9.96 -6.57 -3.77
CA ALA A 46 -9.67 -7.96 -4.13
C ALA A 46 -10.85 -8.59 -4.85
N GLY A 47 -10.88 -8.44 -6.17
CA GLY A 47 -11.97 -9.01 -6.96
C GLY A 47 -12.45 -8.07 -8.04
N THR A 48 -12.94 -6.90 -7.63
CA THR A 48 -13.45 -5.92 -8.57
C THR A 48 -12.50 -5.74 -9.75
N GLU A 49 -13.06 -5.69 -10.95
CA GLU A 49 -12.26 -5.53 -12.16
C GLU A 49 -11.96 -4.04 -12.43
N GLY A 50 -11.33 -3.40 -11.46
CA GLY A 50 -11.00 -1.99 -11.60
C GLY A 50 -9.51 -1.72 -11.46
N PRO A 51 -9.08 -0.52 -11.89
CA PRO A 51 -7.68 -0.12 -11.82
C PRO A 51 -7.20 0.11 -10.38
N PHE A 52 -5.93 -0.17 -10.13
CA PHE A 52 -5.36 0.01 -8.81
C PHE A 52 -5.13 1.48 -8.50
N GLN A 53 -5.64 1.93 -7.35
CA GLN A 53 -5.49 3.32 -6.94
C GLN A 53 -4.02 3.71 -6.88
N GLU A 54 -3.77 5.02 -6.78
CA GLU A 54 -2.41 5.52 -6.70
C GLU A 54 -2.33 6.75 -5.79
N VAL A 55 -1.39 6.70 -4.84
CA VAL A 55 -1.20 7.81 -3.91
C VAL A 55 0.25 8.24 -3.84
N ASP A 56 0.49 9.52 -4.13
CA ASP A 56 1.85 10.07 -4.10
C ASP A 56 1.94 11.22 -3.11
N GLY A 57 3.07 11.30 -2.42
CA GLY A 57 3.28 12.36 -1.45
C GLY A 57 3.36 11.85 -0.03
N VAL A 58 4.09 10.76 0.16
CA VAL A 58 4.26 10.16 1.48
C VAL A 58 5.71 10.16 1.91
N ALA A 59 6.10 11.17 2.68
CA ALA A 59 7.47 11.29 3.16
C ALA A 59 7.64 10.58 4.50
N THR A 60 6.91 9.49 4.69
CA THR A 60 6.98 8.73 5.92
C THR A 60 6.97 7.23 5.65
N THR A 61 7.27 6.43 6.68
CA THR A 61 7.30 4.98 6.55
C THR A 61 5.94 4.38 6.85
N ARG A 62 5.03 5.20 7.37
CA ARG A 62 3.68 4.75 7.70
C ARG A 62 2.63 5.64 7.04
N TYR A 63 1.55 5.02 6.55
CA TYR A 63 0.48 5.76 5.90
C TYR A 63 -0.84 4.99 5.98
N SER A 64 -1.90 5.69 6.34
CA SER A 64 -3.22 5.08 6.47
C SER A 64 -4.05 5.34 5.22
N ILE A 65 -4.81 4.33 4.80
CA ILE A 65 -5.66 4.46 3.63
C ILE A 65 -7.12 4.63 4.02
N GLY A 66 -7.87 5.38 3.21
CA GLY A 66 -9.28 5.61 3.48
C GLY A 66 -10.11 5.66 2.22
N GLY A 67 -11.40 5.37 2.37
CA GLY A 67 -12.29 5.38 1.22
C GLY A 67 -12.70 3.99 0.78
N LEU A 68 -12.60 3.02 1.70
CA LEU A 68 -12.96 1.64 1.41
C LEU A 68 -14.32 1.29 2.00
N SER A 69 -14.78 0.07 1.73
CA SER A 69 -16.07 -0.39 2.23
C SER A 69 -15.88 -1.31 3.43
N PRO A 70 -16.88 -1.32 4.33
CA PRO A 70 -16.85 -2.15 5.53
C PRO A 70 -17.00 -3.63 5.21
N PHE A 71 -16.22 -4.46 5.90
CA PHE A 71 -16.26 -5.91 5.69
C PHE A 71 -15.89 -6.26 4.26
N SER A 72 -14.77 -5.71 3.79
CA SER A 72 -14.29 -5.96 2.44
C SER A 72 -12.83 -6.38 2.44
N GLU A 73 -12.35 -6.81 1.28
CA GLU A 73 -10.95 -7.24 1.14
C GLU A 73 -10.21 -6.37 0.14
N TYR A 74 -9.05 -5.87 0.55
CA TYR A 74 -8.24 -5.02 -0.32
C TYR A 74 -6.76 -5.34 -0.17
N ALA A 75 -6.02 -5.26 -1.27
CA ALA A 75 -4.59 -5.55 -1.26
C ALA A 75 -3.78 -4.25 -1.29
N PHE A 76 -2.79 -4.16 -0.41
CA PHE A 76 -1.93 -2.98 -0.33
C PHE A 76 -0.51 -3.31 -0.74
N ARG A 77 0.16 -2.35 -1.38
CA ARG A 77 1.53 -2.55 -1.83
C ARG A 77 2.24 -1.21 -1.98
N VAL A 78 3.33 -1.03 -1.22
CA VAL A 78 4.10 0.21 -1.27
C VAL A 78 5.29 0.07 -2.21
N LEU A 79 5.83 1.21 -2.62
CA LEU A 79 6.98 1.22 -3.52
C LEU A 79 7.75 2.54 -3.41
N ALA A 80 9.04 2.44 -3.12
CA ALA A 80 9.89 3.61 -2.99
C ALA A 80 10.00 4.36 -4.32
N VAL A 81 10.04 5.69 -4.25
CA VAL A 81 10.15 6.52 -5.44
C VAL A 81 11.10 7.69 -5.22
N ASN A 82 11.84 8.04 -6.25
CA ASN A 82 12.80 9.15 -6.17
C ASN A 82 13.14 9.67 -7.56
N SER A 83 14.08 10.61 -7.62
CA SER A 83 14.51 11.20 -8.88
C SER A 83 14.47 10.16 -9.99
N ILE A 84 15.08 9.00 -9.74
CA ILE A 84 15.13 7.93 -10.73
C ILE A 84 13.71 7.49 -11.12
N GLY A 85 12.92 7.09 -10.13
CA GLY A 85 11.56 6.66 -10.39
C GLY A 85 11.01 5.79 -9.28
N ARG A 86 9.90 5.11 -9.56
CA ARG A 86 9.26 4.25 -8.58
C ARG A 86 9.70 2.80 -8.77
N GLY A 87 10.48 2.30 -7.82
CA GLY A 87 10.95 0.92 -7.90
C GLY A 87 9.82 -0.08 -7.90
N PRO A 88 10.17 -1.37 -7.83
CA PRO A 88 9.18 -2.46 -7.82
C PRO A 88 8.38 -2.50 -6.53
N PRO A 89 7.13 -2.97 -6.62
CA PRO A 89 6.24 -3.07 -5.46
C PRO A 89 6.67 -4.16 -4.50
N SER A 90 6.44 -3.93 -3.21
CA SER A 90 6.81 -4.89 -2.18
C SER A 90 5.79 -6.02 -2.09
N GLU A 91 6.15 -7.10 -1.40
CA GLU A 91 5.27 -8.25 -1.25
C GLU A 91 3.83 -7.80 -1.00
N ALA A 92 3.03 -7.79 -2.06
CA ALA A 92 1.63 -7.38 -1.95
C ALA A 92 0.94 -8.09 -0.78
N VAL A 93 0.28 -7.30 0.06
CA VAL A 93 -0.42 -7.85 1.23
C VAL A 93 -1.92 -7.59 1.12
N ARG A 94 -2.69 -8.42 1.81
CA ARG A 94 -4.14 -8.29 1.81
C ARG A 94 -4.68 -8.10 3.22
N ALA A 95 -5.59 -7.14 3.38
CA ALA A 95 -6.19 -6.85 4.68
C ALA A 95 -7.69 -6.62 4.56
N ARG A 96 -8.47 -7.41 5.28
CA ARG A 96 -9.93 -7.29 5.25
C ARG A 96 -10.41 -6.29 6.28
N THR A 97 -11.19 -5.31 5.83
CA THR A 97 -11.71 -4.28 6.72
C THR A 97 -12.80 -4.83 7.63
N GLY A 98 -13.01 -4.16 8.76
CA GLY A 98 -14.03 -4.60 9.70
C GLY A 98 -15.42 -4.17 9.30
N GLU A 99 -16.43 -4.81 9.89
CA GLU A 99 -17.82 -4.48 9.60
C GLU A 99 -18.39 -3.52 10.64
N GLN A 100 -17.55 -2.61 11.11
CA GLN A 100 -17.96 -1.63 12.10
C GLN A 100 -19.16 -0.82 11.61
N SER A 101 -20.33 -1.07 12.19
CA SER A 101 -21.55 -0.37 11.80
C SER A 101 -21.55 -0.07 10.30
N GLY A 102 -21.13 -1.06 9.51
CA GLY A 102 -21.09 -0.89 8.07
C GLY A 102 -22.46 -1.02 7.44
N PRO A 103 -22.83 -2.25 7.05
CA PRO A 103 -24.12 -2.52 6.43
C PRO A 103 -25.28 -2.38 7.40
N SER A 104 -26.49 -2.27 6.86
CA SER A 104 -27.69 -2.12 7.69
C SER A 104 -28.62 -3.32 7.51
N SER A 105 -28.05 -4.51 7.49
CA SER A 105 -28.82 -5.74 7.32
C SER A 105 -28.89 -6.52 8.64
N GLY A 106 -30.09 -6.96 8.99
CA GLY A 106 -30.27 -7.71 10.21
C GLY A 106 -30.95 -6.89 11.30
N GLY A 1 19.86 -14.59 -11.40
CA GLY A 1 20.94 -13.61 -11.46
C GLY A 1 20.45 -12.24 -11.86
N SER A 2 20.34 -11.34 -10.88
CA SER A 2 19.89 -9.98 -11.14
C SER A 2 20.96 -8.97 -10.79
N SER A 3 21.45 -8.24 -11.79
CA SER A 3 22.49 -7.25 -11.59
C SER A 3 22.07 -5.91 -12.20
N GLY A 4 22.55 -4.82 -11.60
CA GLY A 4 22.23 -3.49 -12.10
C GLY A 4 20.80 -3.09 -11.76
N SER A 5 20.46 -3.14 -10.48
CA SER A 5 19.12 -2.78 -10.05
C SER A 5 18.77 -1.35 -10.44
N SER A 6 17.86 -1.20 -11.39
CA SER A 6 17.44 0.12 -11.86
C SER A 6 16.51 0.79 -10.86
N GLY A 7 16.92 1.94 -10.35
CA GLY A 7 16.11 2.66 -9.39
C GLY A 7 16.28 2.13 -7.98
N PRO A 8 15.44 2.63 -7.05
CA PRO A 8 15.48 2.22 -5.65
C PRO A 8 15.00 0.78 -5.45
N LYS A 9 14.80 0.40 -4.20
CA LYS A 9 14.34 -0.95 -3.87
C LYS A 9 12.99 -0.91 -3.17
N PRO A 10 12.25 -2.03 -3.24
CA PRO A 10 10.94 -2.15 -2.63
C PRO A 10 11.01 -2.19 -1.11
N PRO A 11 9.98 -1.64 -0.45
CA PRO A 11 9.90 -1.60 1.02
C PRO A 11 9.69 -2.98 1.63
N ILE A 12 10.27 -3.20 2.80
CA ILE A 12 10.14 -4.47 3.49
C ILE A 12 9.33 -4.33 4.78
N ASP A 13 9.03 -5.46 5.41
CA ASP A 13 8.26 -5.46 6.65
C ASP A 13 6.88 -4.88 6.43
N LEU A 14 6.31 -5.14 5.25
CA LEU A 14 4.98 -4.64 4.91
C LEU A 14 3.90 -5.37 5.71
N VAL A 15 3.37 -4.71 6.73
CA VAL A 15 2.33 -5.29 7.57
C VAL A 15 1.39 -4.22 8.11
N VAL A 16 0.11 -4.55 8.20
CA VAL A 16 -0.88 -3.61 8.70
C VAL A 16 -1.12 -3.82 10.19
N THR A 17 -1.16 -2.71 10.94
CA THR A 17 -1.38 -2.78 12.38
C THR A 17 -2.85 -2.61 12.72
N GLU A 18 -3.47 -1.56 12.19
CA GLU A 18 -4.88 -1.29 12.44
C GLU A 18 -5.69 -1.41 11.16
N THR A 19 -6.96 -1.77 11.29
CA THR A 19 -7.84 -1.92 10.15
C THR A 19 -9.24 -1.38 10.46
N THR A 20 -9.60 -0.28 9.80
CA THR A 20 -10.90 0.34 10.00
C THR A 20 -11.89 -0.10 8.92
N ALA A 21 -13.17 0.12 9.18
CA ALA A 21 -14.22 -0.24 8.22
C ALA A 21 -14.03 0.50 6.90
N THR A 22 -13.63 1.76 6.99
CA THR A 22 -13.42 2.58 5.80
C THR A 22 -11.99 3.12 5.75
N SER A 23 -11.09 2.47 6.46
CA SER A 23 -9.70 2.89 6.49
C SER A 23 -8.79 1.76 7.01
N VAL A 24 -7.49 1.94 6.87
CA VAL A 24 -6.53 0.95 7.31
C VAL A 24 -5.16 1.57 7.59
N THR A 25 -4.37 0.93 8.44
CA THR A 25 -3.05 1.43 8.78
C THR A 25 -1.97 0.43 8.37
N LEU A 26 -1.18 0.80 7.36
CA LEU A 26 -0.10 -0.07 6.89
C LEU A 26 1.26 0.50 7.26
N THR A 27 2.16 -0.38 7.71
CA THR A 27 3.50 0.03 8.10
C THR A 27 4.56 -0.71 7.29
N TRP A 28 5.79 -0.24 7.36
CA TRP A 28 6.90 -0.86 6.64
C TRP A 28 8.22 -0.18 7.00
N ASP A 29 9.32 -0.76 6.50
CA ASP A 29 10.64 -0.20 6.75
C ASP A 29 11.21 0.46 5.50
N SER A 30 12.08 1.44 5.70
CA SER A 30 12.70 2.15 4.58
C SER A 30 13.15 1.18 3.49
N GLY A 31 13.90 0.16 3.91
CA GLY A 31 14.40 -0.83 2.96
C GLY A 31 15.64 -0.36 2.22
N ASN A 32 15.68 0.93 1.91
CA ASN A 32 16.81 1.51 1.19
C ASN A 32 17.65 2.37 2.13
N SER A 33 18.79 2.86 1.61
CA SER A 33 19.68 3.70 2.40
C SER A 33 19.76 5.10 1.81
N GLU A 34 19.41 5.23 0.53
CA GLU A 34 19.45 6.51 -0.15
C GLU A 34 18.22 7.35 0.22
N PRO A 35 18.38 8.68 0.14
CA PRO A 35 17.29 9.62 0.45
C PRO A 35 16.18 9.60 -0.59
N VAL A 36 15.21 8.71 -0.40
CA VAL A 36 14.09 8.58 -1.32
C VAL A 36 13.21 9.83 -1.29
N THR A 37 12.72 10.22 -2.46
CA THR A 37 11.86 11.40 -2.57
C THR A 37 10.52 11.17 -1.89
N TYR A 38 9.83 10.11 -2.29
CA TYR A 38 8.53 9.79 -1.70
C TYR A 38 8.17 8.33 -1.97
N TYR A 39 7.12 7.85 -1.30
CA TYR A 39 6.67 6.47 -1.46
C TYR A 39 5.24 6.44 -1.99
N GLY A 40 4.98 5.50 -2.90
CA GLY A 40 3.66 5.37 -3.46
C GLY A 40 2.88 4.20 -2.88
N ILE A 41 1.56 4.23 -3.03
CA ILE A 41 0.72 3.16 -2.51
C ILE A 41 -0.35 2.77 -3.53
N GLN A 42 -0.54 1.46 -3.70
CA GLN A 42 -1.53 0.95 -4.65
C GLN A 42 -2.46 -0.05 -3.97
N TYR A 43 -3.77 0.21 -4.07
CA TYR A 43 -4.76 -0.67 -3.46
C TYR A 43 -6.04 -0.70 -4.30
N ARG A 44 -6.76 -1.81 -4.21
CA ARG A 44 -8.00 -1.97 -4.97
C ARG A 44 -8.73 -3.25 -4.56
N ALA A 45 -10.05 -3.23 -4.62
CA ALA A 45 -10.85 -4.38 -4.26
C ALA A 45 -10.16 -5.68 -4.66
N ALA A 46 -9.89 -6.53 -3.68
CA ALA A 46 -9.23 -7.81 -3.93
C ALA A 46 -10.15 -8.75 -4.70
N GLY A 47 -9.89 -8.90 -6.00
CA GLY A 47 -10.70 -9.77 -6.83
C GLY A 47 -10.56 -9.46 -8.31
N THR A 48 -10.70 -8.19 -8.66
CA THR A 48 -10.59 -7.76 -10.05
C THR A 48 -9.13 -7.67 -10.49
N GLU A 49 -8.88 -7.95 -11.76
CA GLU A 49 -7.53 -7.91 -12.30
C GLU A 49 -7.35 -6.67 -13.19
N GLY A 50 -7.45 -5.50 -12.60
CA GLY A 50 -7.29 -4.26 -13.37
C GLY A 50 -6.35 -3.28 -12.70
N PRO A 51 -6.48 -2.00 -13.05
CA PRO A 51 -5.65 -0.94 -12.50
C PRO A 51 -5.94 -0.67 -11.02
N PHE A 52 -4.88 -0.58 -10.22
CA PHE A 52 -5.04 -0.34 -8.79
C PHE A 52 -4.83 1.14 -8.47
N GLN A 53 -5.46 1.60 -7.40
CA GLN A 53 -5.36 3.00 -6.99
C GLN A 53 -3.89 3.44 -6.95
N GLU A 54 -3.67 4.74 -6.90
CA GLU A 54 -2.32 5.29 -6.86
C GLU A 54 -2.26 6.51 -5.94
N VAL A 55 -1.34 6.47 -4.98
CA VAL A 55 -1.19 7.58 -4.04
C VAL A 55 0.27 8.04 -3.97
N ASP A 56 0.50 9.31 -4.24
CA ASP A 56 1.84 9.88 -4.21
C ASP A 56 1.94 10.97 -3.15
N GLY A 57 3.07 10.99 -2.44
CA GLY A 57 3.28 11.98 -1.40
C GLY A 57 3.40 11.36 -0.03
N VAL A 58 4.08 10.22 0.06
CA VAL A 58 4.28 9.53 1.32
C VAL A 58 5.73 9.57 1.76
N ALA A 59 6.11 10.64 2.45
CA ALA A 59 7.47 10.80 2.93
C ALA A 59 7.65 10.18 4.30
N THR A 60 6.90 9.12 4.57
CA THR A 60 6.98 8.43 5.85
C THR A 60 7.01 6.91 5.66
N THR A 61 7.25 6.19 6.75
CA THR A 61 7.31 4.74 6.70
C THR A 61 5.95 4.13 6.96
N ARG A 62 5.06 4.89 7.60
CA ARG A 62 3.72 4.41 7.90
C ARG A 62 2.66 5.31 7.25
N TYR A 63 1.67 4.69 6.63
CA TYR A 63 0.61 5.43 5.96
C TYR A 63 -0.74 4.73 6.16
N SER A 64 -1.80 5.52 6.24
CA SER A 64 -3.15 4.99 6.43
C SER A 64 -4.01 5.27 5.20
N ILE A 65 -4.64 4.22 4.68
CA ILE A 65 -5.51 4.34 3.52
C ILE A 65 -6.97 4.51 3.92
N GLY A 66 -7.71 5.30 3.15
CA GLY A 66 -9.11 5.52 3.45
C GLY A 66 -9.98 5.50 2.21
N GLY A 67 -11.29 5.45 2.40
CA GLY A 67 -12.21 5.42 1.28
C GLY A 67 -12.51 4.01 0.81
N LEU A 68 -12.46 3.06 1.73
CA LEU A 68 -12.73 1.66 1.41
C LEU A 68 -14.12 1.25 1.88
N SER A 69 -14.47 -0.02 1.67
CA SER A 69 -15.75 -0.54 2.07
C SER A 69 -15.63 -1.43 3.31
N PRO A 70 -16.65 -1.37 4.18
CA PRO A 70 -16.67 -2.16 5.42
C PRO A 70 -16.83 -3.66 5.15
N PHE A 71 -15.96 -4.45 5.76
CA PHE A 71 -16.01 -5.90 5.59
C PHE A 71 -15.63 -6.29 4.17
N SER A 72 -14.53 -5.73 3.68
CA SER A 72 -14.05 -6.02 2.33
C SER A 72 -12.57 -6.34 2.32
N GLU A 73 -12.10 -6.95 1.25
CA GLU A 73 -10.69 -7.32 1.12
C GLU A 73 -9.98 -6.40 0.12
N TYR A 74 -8.78 -5.95 0.49
CA TYR A 74 -8.00 -5.07 -0.37
C TYR A 74 -6.52 -5.41 -0.29
N ALA A 75 -5.82 -5.26 -1.41
CA ALA A 75 -4.40 -5.55 -1.47
C ALA A 75 -3.57 -4.27 -1.42
N PHE A 76 -2.81 -4.10 -0.35
CA PHE A 76 -1.97 -2.91 -0.18
C PHE A 76 -0.52 -3.21 -0.55
N ARG A 77 0.09 -2.30 -1.31
CA ARG A 77 1.47 -2.46 -1.73
C ARG A 77 2.18 -1.11 -1.82
N VAL A 78 3.31 -1.00 -1.13
CA VAL A 78 4.09 0.24 -1.13
C VAL A 78 5.33 0.11 -1.99
N LEU A 79 5.83 1.24 -2.47
CA LEU A 79 7.02 1.26 -3.32
C LEU A 79 7.77 2.58 -3.18
N ALA A 80 9.09 2.50 -3.13
CA ALA A 80 9.92 3.70 -3.02
C ALA A 80 9.99 4.45 -4.34
N VAL A 81 10.12 5.78 -4.26
CA VAL A 81 10.19 6.61 -5.45
C VAL A 81 11.12 7.80 -5.23
N ASN A 82 12.04 8.00 -6.16
CA ASN A 82 13.00 9.11 -6.07
C ASN A 82 13.30 9.69 -7.44
N SER A 83 14.19 10.68 -7.48
CA SER A 83 14.57 11.31 -8.73
C SER A 83 14.60 10.29 -9.88
N ILE A 84 15.18 9.13 -9.61
CA ILE A 84 15.27 8.07 -10.60
C ILE A 84 13.88 7.62 -11.06
N GLY A 85 13.08 7.15 -10.11
CA GLY A 85 11.74 6.70 -10.44
C GLY A 85 11.16 5.80 -9.36
N ARG A 86 10.00 5.23 -9.64
CA ARG A 86 9.33 4.35 -8.68
C ARG A 86 9.74 2.91 -8.90
N GLY A 87 10.42 2.33 -7.91
CA GLY A 87 10.87 0.95 -8.01
C GLY A 87 9.72 -0.04 -8.01
N PRO A 88 10.05 -1.33 -7.93
CA PRO A 88 9.05 -2.40 -7.91
C PRO A 88 8.25 -2.42 -6.62
N PRO A 89 6.99 -2.88 -6.70
CA PRO A 89 6.09 -2.96 -5.54
C PRO A 89 6.52 -4.04 -4.56
N SER A 90 6.43 -3.74 -3.27
CA SER A 90 6.81 -4.69 -2.23
C SER A 90 5.80 -5.82 -2.13
N GLU A 91 6.12 -6.82 -1.31
CA GLU A 91 5.23 -7.97 -1.13
C GLU A 91 3.80 -7.51 -0.84
N ALA A 92 2.98 -7.49 -1.88
CA ALA A 92 1.59 -7.07 -1.73
C ALA A 92 0.91 -7.83 -0.59
N VAL A 93 0.33 -7.08 0.34
CA VAL A 93 -0.36 -7.68 1.49
C VAL A 93 -1.87 -7.53 1.36
N ARG A 94 -2.59 -8.49 1.90
CA ARG A 94 -4.05 -8.48 1.85
C ARG A 94 -4.65 -8.32 3.24
N ALA A 95 -5.44 -7.27 3.43
CA ALA A 95 -6.07 -7.00 4.72
C ALA A 95 -7.56 -6.72 4.55
N ARG A 96 -8.38 -7.46 5.29
CA ARG A 96 -9.83 -7.28 5.23
C ARG A 96 -10.30 -6.24 6.23
N THR A 97 -10.96 -5.20 5.73
CA THR A 97 -11.46 -4.12 6.57
C THR A 97 -12.49 -4.65 7.56
N GLY A 98 -12.66 -3.92 8.67
CA GLY A 98 -13.61 -4.33 9.69
C GLY A 98 -15.05 -4.15 9.23
N GLU A 99 -15.96 -4.87 9.87
CA GLU A 99 -17.37 -4.80 9.52
C GLU A 99 -18.10 -3.81 10.44
N GLN A 100 -17.48 -2.66 10.66
CA GLN A 100 -18.07 -1.63 11.51
C GLN A 100 -18.65 -0.50 10.67
N SER A 101 -19.72 0.11 11.18
CA SER A 101 -20.38 1.21 10.48
C SER A 101 -20.83 0.77 9.09
N GLY A 102 -21.45 -0.41 9.02
CA GLY A 102 -21.91 -0.92 7.75
C GLY A 102 -23.25 -1.62 7.85
N PRO A 103 -23.55 -2.50 6.89
CA PRO A 103 -24.80 -3.26 6.87
C PRO A 103 -24.88 -4.31 7.96
N SER A 104 -23.77 -4.48 8.68
CA SER A 104 -23.70 -5.45 9.77
C SER A 104 -24.14 -4.83 11.09
N SER A 105 -25.05 -5.49 11.78
CA SER A 105 -25.56 -5.00 13.05
C SER A 105 -26.29 -6.10 13.82
N GLY A 106 -26.61 -5.84 15.08
CA GLY A 106 -27.30 -6.82 15.90
C GLY A 106 -26.35 -7.67 16.71
N GLY A 1 13.80 -13.57 -9.89
CA GLY A 1 15.06 -12.97 -10.30
C GLY A 1 14.86 -11.64 -11.00
N SER A 2 15.72 -10.67 -10.69
CA SER A 2 15.63 -9.34 -11.29
C SER A 2 16.77 -9.12 -12.27
N SER A 3 16.53 -9.44 -13.53
CA SER A 3 17.53 -9.27 -14.58
C SER A 3 18.01 -7.83 -14.66
N GLY A 4 17.08 -6.93 -14.98
CA GLY A 4 17.41 -5.52 -15.09
C GLY A 4 16.52 -4.65 -14.25
N SER A 5 17.11 -3.93 -13.29
CA SER A 5 16.36 -3.06 -12.41
C SER A 5 16.74 -1.60 -12.63
N SER A 6 15.76 -0.70 -12.50
CA SER A 6 16.00 0.72 -12.69
C SER A 6 15.26 1.54 -11.64
N GLY A 7 16.01 2.08 -10.68
CA GLY A 7 15.41 2.88 -9.63
C GLY A 7 15.65 2.30 -8.25
N PRO A 8 14.92 2.81 -7.25
CA PRO A 8 15.05 2.35 -5.86
C PRO A 8 14.50 0.94 -5.67
N LYS A 9 14.64 0.41 -4.45
CA LYS A 9 14.16 -0.93 -4.14
C LYS A 9 12.85 -0.87 -3.36
N PRO A 10 12.08 -1.95 -3.43
CA PRO A 10 10.79 -2.06 -2.73
C PRO A 10 10.96 -2.14 -1.22
N PRO A 11 9.97 -1.58 -0.49
CA PRO A 11 9.98 -1.58 0.98
C PRO A 11 9.77 -2.97 1.57
N ILE A 12 10.25 -3.17 2.79
CA ILE A 12 10.11 -4.46 3.46
C ILE A 12 9.34 -4.31 4.78
N ASP A 13 9.05 -5.44 5.41
CA ASP A 13 8.31 -5.44 6.67
C ASP A 13 6.90 -4.88 6.48
N LEU A 14 6.32 -5.16 5.32
CA LEU A 14 4.97 -4.69 5.02
C LEU A 14 3.93 -5.43 5.85
N VAL A 15 3.37 -4.74 6.84
CA VAL A 15 2.35 -5.34 7.70
C VAL A 15 1.34 -4.29 8.16
N VAL A 16 0.14 -4.76 8.50
CA VAL A 16 -0.92 -3.87 8.96
C VAL A 16 -1.01 -3.86 10.48
N THR A 17 -1.15 -2.68 11.06
CA THR A 17 -1.25 -2.53 12.51
C THR A 17 -2.70 -2.29 12.94
N GLU A 18 -3.45 -1.58 12.10
CA GLU A 18 -4.84 -1.27 12.39
C GLU A 18 -5.70 -1.44 11.15
N THR A 19 -6.97 -1.78 11.35
CA THR A 19 -7.91 -1.96 10.25
C THR A 19 -9.28 -1.40 10.58
N THR A 20 -9.65 -0.32 9.91
CA THR A 20 -10.94 0.31 10.14
C THR A 20 -11.99 -0.19 9.15
N ALA A 21 -13.26 0.07 9.45
CA ALA A 21 -14.35 -0.36 8.59
C ALA A 21 -14.20 0.24 7.18
N THR A 22 -13.68 1.46 7.11
CA THR A 22 -13.49 2.13 5.84
C THR A 22 -12.07 2.69 5.72
N SER A 23 -11.17 2.18 6.55
CA SER A 23 -9.78 2.63 6.53
C SER A 23 -8.85 1.52 7.01
N VAL A 24 -7.54 1.74 6.86
CA VAL A 24 -6.55 0.76 7.27
C VAL A 24 -5.18 1.41 7.47
N THR A 25 -4.35 0.80 8.30
CA THR A 25 -3.02 1.32 8.58
C THR A 25 -1.95 0.38 8.07
N LEU A 26 -1.00 0.91 7.31
CA LEU A 26 0.09 0.11 6.76
C LEU A 26 1.43 0.56 7.34
N THR A 27 2.28 -0.41 7.66
CA THR A 27 3.60 -0.12 8.22
C THR A 27 4.69 -0.89 7.49
N TRP A 28 5.81 -0.24 7.24
CA TRP A 28 6.94 -0.87 6.55
C TRP A 28 8.25 -0.19 6.91
N ASP A 29 9.35 -0.74 6.41
CA ASP A 29 10.67 -0.18 6.68
C ASP A 29 11.24 0.49 5.43
N SER A 30 12.09 1.49 5.63
CA SER A 30 12.69 2.22 4.52
C SER A 30 13.23 1.25 3.47
N GLY A 31 14.01 0.27 3.91
CA GLY A 31 14.57 -0.71 3.01
C GLY A 31 15.80 -0.18 2.28
N ASN A 32 15.73 1.07 1.83
CA ASN A 32 16.84 1.69 1.12
C ASN A 32 17.63 2.60 2.04
N SER A 33 18.90 2.27 2.24
CA SER A 33 19.78 3.05 3.11
C SER A 33 19.93 4.48 2.57
N GLU A 34 19.50 4.68 1.33
CA GLU A 34 19.61 5.98 0.69
C GLU A 34 18.32 6.79 0.91
N PRO A 35 18.46 8.13 0.93
CA PRO A 35 17.32 9.03 1.13
C PRO A 35 16.39 9.04 -0.08
N VAL A 36 15.20 8.48 0.09
CA VAL A 36 14.21 8.43 -0.98
C VAL A 36 13.23 9.60 -0.88
N THR A 37 12.75 10.06 -2.03
CA THR A 37 11.80 11.17 -2.07
C THR A 37 10.50 10.82 -1.36
N TYR A 38 9.72 9.95 -1.98
CA TYR A 38 8.44 9.53 -1.40
C TYR A 38 8.11 8.10 -1.82
N TYR A 39 7.18 7.48 -1.09
CA TYR A 39 6.76 6.11 -1.37
C TYR A 39 5.31 6.07 -1.82
N GLY A 40 5.09 5.52 -3.01
CA GLY A 40 3.73 5.42 -3.54
C GLY A 40 2.99 4.22 -3.00
N ILE A 41 1.66 4.27 -3.09
CA ILE A 41 0.83 3.18 -2.59
C ILE A 41 -0.27 2.83 -3.59
N GLN A 42 -0.39 1.54 -3.90
CA GLN A 42 -1.38 1.07 -4.85
C GLN A 42 -2.24 -0.03 -4.23
N TYR A 43 -3.55 0.19 -4.20
CA TYR A 43 -4.48 -0.78 -3.64
C TYR A 43 -5.72 -0.92 -4.51
N ARG A 44 -6.32 -2.12 -4.51
CA ARG A 44 -7.50 -2.39 -5.31
C ARG A 44 -8.36 -3.45 -4.64
N ALA A 45 -9.68 -3.34 -4.83
CA ALA A 45 -10.61 -4.31 -4.26
C ALA A 45 -10.28 -5.73 -4.70
N ALA A 46 -10.09 -6.62 -3.73
CA ALA A 46 -9.76 -8.01 -4.02
C ALA A 46 -10.88 -8.67 -4.82
N GLY A 47 -10.50 -9.50 -5.79
CA GLY A 47 -11.48 -10.19 -6.60
C GLY A 47 -11.57 -9.62 -8.00
N THR A 48 -12.26 -8.48 -8.13
CA THR A 48 -12.43 -7.83 -9.42
C THR A 48 -11.07 -7.59 -10.09
N GLU A 49 -11.11 -6.96 -11.26
CA GLU A 49 -9.89 -6.67 -12.00
C GLU A 49 -9.88 -5.23 -12.49
N GLY A 50 -10.19 -4.30 -11.58
CA GLY A 50 -10.21 -2.90 -11.94
C GLY A 50 -8.87 -2.22 -11.73
N PRO A 51 -8.79 -0.94 -12.07
CA PRO A 51 -7.56 -0.14 -11.93
C PRO A 51 -7.21 0.11 -10.46
N PHE A 52 -5.95 -0.11 -10.11
CA PHE A 52 -5.48 0.11 -8.75
C PHE A 52 -5.24 1.59 -8.48
N GLN A 53 -5.56 2.03 -7.27
CA GLN A 53 -5.38 3.42 -6.88
C GLN A 53 -3.90 3.78 -6.82
N GLU A 54 -3.61 5.08 -6.83
CA GLU A 54 -2.23 5.56 -6.78
C GLU A 54 -2.10 6.76 -5.85
N VAL A 55 -1.36 6.57 -4.76
CA VAL A 55 -1.16 7.63 -3.78
C VAL A 55 0.29 8.07 -3.74
N ASP A 56 0.53 9.36 -3.97
CA ASP A 56 1.87 9.91 -3.97
C ASP A 56 2.00 11.03 -2.94
N GLY A 57 3.11 11.05 -2.22
CA GLY A 57 3.33 12.07 -1.21
C GLY A 57 3.53 11.49 0.18
N VAL A 58 3.97 10.24 0.24
CA VAL A 58 4.20 9.57 1.51
C VAL A 58 5.67 9.64 1.91
N ALA A 59 6.03 10.71 2.62
CA ALA A 59 7.40 10.91 3.07
C ALA A 59 7.62 10.27 4.44
N THR A 60 6.95 9.14 4.69
CA THR A 60 7.07 8.44 5.95
C THR A 60 7.02 6.93 5.75
N THR A 61 7.35 6.18 6.81
CA THR A 61 7.34 4.73 6.74
C THR A 61 5.95 4.17 7.08
N ARG A 62 5.11 5.02 7.65
CA ARG A 62 3.76 4.62 8.02
C ARG A 62 2.72 5.46 7.29
N TYR A 63 1.66 4.81 6.81
CA TYR A 63 0.60 5.49 6.10
C TYR A 63 -0.74 4.77 6.26
N SER A 64 -1.82 5.54 6.28
CA SER A 64 -3.15 4.96 6.45
C SER A 64 -4.01 5.25 5.22
N ILE A 65 -4.83 4.27 4.84
CA ILE A 65 -5.70 4.41 3.68
C ILE A 65 -7.15 4.64 4.11
N GLY A 66 -7.88 5.39 3.30
CA GLY A 66 -9.27 5.67 3.61
C GLY A 66 -10.16 5.67 2.38
N GLY A 67 -11.45 5.41 2.57
CA GLY A 67 -12.37 5.38 1.46
C GLY A 67 -12.63 3.97 0.95
N LEU A 68 -12.75 3.04 1.87
CA LEU A 68 -12.99 1.64 1.51
C LEU A 68 -14.36 1.17 2.02
N SER A 69 -14.66 -0.10 1.82
CA SER A 69 -15.93 -0.67 2.26
C SER A 69 -15.73 -1.60 3.45
N PRO A 70 -16.70 -1.58 4.38
CA PRO A 70 -16.65 -2.41 5.59
C PRO A 70 -16.85 -3.89 5.27
N PHE A 71 -16.11 -4.74 5.98
CA PHE A 71 -16.19 -6.18 5.78
C PHE A 71 -15.75 -6.56 4.36
N SER A 72 -14.76 -5.85 3.85
CA SER A 72 -14.24 -6.10 2.51
C SER A 72 -12.77 -6.50 2.56
N GLU A 73 -12.21 -6.77 1.39
CA GLU A 73 -10.80 -7.16 1.30
C GLU A 73 -10.08 -6.36 0.21
N TYR A 74 -8.90 -5.85 0.56
CA TYR A 74 -8.11 -5.06 -0.38
C TYR A 74 -6.64 -5.42 -0.28
N ALA A 75 -5.94 -5.33 -1.42
CA ALA A 75 -4.52 -5.64 -1.46
C ALA A 75 -3.69 -4.37 -1.57
N PHE A 76 -2.92 -4.07 -0.52
CA PHE A 76 -2.08 -2.88 -0.50
C PHE A 76 -0.65 -3.23 -0.92
N ARG A 77 0.08 -2.21 -1.39
CA ARG A 77 1.46 -2.41 -1.83
C ARG A 77 2.18 -1.07 -1.95
N VAL A 78 3.21 -0.90 -1.12
CA VAL A 78 4.00 0.34 -1.14
C VAL A 78 5.18 0.23 -2.09
N LEU A 79 5.64 1.37 -2.58
CA LEU A 79 6.77 1.41 -3.50
C LEU A 79 7.60 2.68 -3.29
N ALA A 80 8.92 2.53 -3.35
CA ALA A 80 9.82 3.67 -3.17
C ALA A 80 9.93 4.49 -4.45
N VAL A 81 9.99 5.81 -4.29
CA VAL A 81 10.09 6.71 -5.43
C VAL A 81 11.17 7.76 -5.21
N ASN A 82 11.86 8.11 -6.29
CA ASN A 82 12.94 9.11 -6.21
C ASN A 82 13.08 9.85 -7.53
N SER A 83 14.06 10.75 -7.59
CA SER A 83 14.30 11.53 -8.81
C SER A 83 14.42 10.62 -10.03
N ILE A 84 14.96 9.42 -9.81
CA ILE A 84 15.12 8.46 -10.89
C ILE A 84 13.78 7.90 -11.35
N GLY A 85 13.04 7.33 -10.40
CA GLY A 85 11.73 6.77 -10.73
C GLY A 85 11.19 5.91 -9.61
N ARG A 86 9.93 5.50 -9.75
CA ARG A 86 9.28 4.66 -8.74
C ARG A 86 9.60 3.19 -8.98
N GLY A 87 10.22 2.56 -7.98
CA GLY A 87 10.57 1.16 -8.10
C GLY A 87 9.35 0.24 -8.00
N PRO A 88 9.60 -1.08 -8.00
CA PRO A 88 8.53 -2.07 -7.91
C PRO A 88 7.87 -2.09 -6.53
N PRO A 89 6.58 -2.44 -6.50
CA PRO A 89 5.80 -2.51 -5.26
C PRO A 89 6.24 -3.67 -4.37
N SER A 90 6.11 -3.48 -3.06
CA SER A 90 6.48 -4.51 -2.09
C SER A 90 5.47 -5.64 -2.07
N GLU A 91 5.80 -6.72 -1.38
CA GLU A 91 4.91 -7.87 -1.29
C GLU A 91 3.49 -7.43 -0.95
N ALA A 92 2.66 -7.28 -1.98
CA ALA A 92 1.27 -6.87 -1.78
C ALA A 92 0.64 -7.59 -0.61
N VAL A 93 0.15 -6.82 0.37
CA VAL A 93 -0.49 -7.40 1.54
C VAL A 93 -2.00 -7.22 1.50
N ARG A 94 -2.73 -8.29 1.77
CA ARG A 94 -4.19 -8.26 1.76
C ARG A 94 -4.74 -8.13 3.18
N ALA A 95 -5.52 -7.08 3.42
CA ALA A 95 -6.11 -6.86 4.73
C ALA A 95 -7.61 -6.65 4.63
N ARG A 96 -8.37 -7.43 5.41
CA ARG A 96 -9.82 -7.34 5.40
C ARG A 96 -10.30 -6.30 6.39
N THR A 97 -11.01 -5.29 5.90
CA THR A 97 -11.53 -4.22 6.74
C THR A 97 -12.62 -4.74 7.68
N GLY A 98 -12.82 -4.06 8.80
CA GLY A 98 -13.83 -4.47 9.75
C GLY A 98 -15.23 -4.19 9.27
N GLU A 99 -16.22 -4.82 9.90
CA GLU A 99 -17.61 -4.63 9.52
C GLU A 99 -18.33 -3.72 10.50
N GLN A 100 -17.58 -2.80 11.11
CA GLN A 100 -18.15 -1.87 12.07
C GLN A 100 -19.10 -0.89 11.39
N SER A 101 -20.32 -0.80 11.91
CA SER A 101 -21.33 0.10 11.35
C SER A 101 -21.34 0.01 9.83
N GLY A 102 -21.26 -1.20 9.31
CA GLY A 102 -21.26 -1.40 7.87
C GLY A 102 -22.46 -2.21 7.40
N PRO A 103 -22.32 -3.53 7.41
CA PRO A 103 -23.39 -4.45 6.99
C PRO A 103 -24.58 -4.45 7.95
N SER A 104 -25.74 -4.04 7.47
CA SER A 104 -26.94 -4.00 8.29
C SER A 104 -27.02 -5.22 9.20
N SER A 105 -27.54 -5.02 10.40
CA SER A 105 -27.68 -6.10 11.37
C SER A 105 -28.14 -7.39 10.69
N GLY A 106 -29.19 -7.28 9.89
CA GLY A 106 -29.71 -8.44 9.20
C GLY A 106 -30.98 -8.97 9.82
N GLY A 1 25.94 5.99 -15.26
CA GLY A 1 26.15 7.33 -15.76
C GLY A 1 25.11 8.31 -15.25
N SER A 2 24.75 9.27 -16.10
CA SER A 2 23.76 10.28 -15.72
C SER A 2 22.48 9.62 -15.22
N SER A 3 21.90 8.76 -16.05
CA SER A 3 20.66 8.06 -15.68
C SER A 3 20.89 6.55 -15.65
N GLY A 4 21.46 6.07 -14.55
CA GLY A 4 21.72 4.64 -14.41
C GLY A 4 20.54 3.79 -14.87
N SER A 5 20.80 2.52 -15.10
CA SER A 5 19.76 1.60 -15.55
C SER A 5 19.18 0.81 -14.37
N SER A 6 18.78 1.54 -13.33
CA SER A 6 18.21 0.92 -12.14
C SER A 6 17.64 1.97 -11.19
N GLY A 7 16.58 1.61 -10.49
CA GLY A 7 15.96 2.53 -9.55
C GLY A 7 16.12 2.10 -8.12
N PRO A 8 15.28 2.66 -7.23
CA PRO A 8 15.32 2.34 -5.80
C PRO A 8 14.85 0.92 -5.50
N LYS A 9 14.85 0.55 -4.22
CA LYS A 9 14.42 -0.78 -3.81
C LYS A 9 13.06 -0.72 -3.12
N PRO A 10 12.29 -1.81 -3.23
CA PRO A 10 10.97 -1.91 -2.61
C PRO A 10 11.03 -1.98 -1.09
N PRO A 11 10.00 -1.44 -0.43
CA PRO A 11 9.92 -1.43 1.03
C PRO A 11 9.67 -2.82 1.61
N ILE A 12 10.14 -3.05 2.83
CA ILE A 12 9.98 -4.34 3.49
C ILE A 12 9.14 -4.20 4.77
N ASP A 13 8.89 -5.32 5.42
CA ASP A 13 8.11 -5.33 6.65
C ASP A 13 6.70 -4.78 6.41
N LEU A 14 6.19 -5.02 5.21
CA LEU A 14 4.85 -4.55 4.86
C LEU A 14 3.78 -5.30 5.64
N VAL A 15 3.15 -4.60 6.59
CA VAL A 15 2.11 -5.19 7.42
C VAL A 15 1.15 -4.13 7.94
N VAL A 16 -0.07 -4.54 8.27
CA VAL A 16 -1.07 -3.62 8.78
C VAL A 16 -1.28 -3.82 10.29
N THR A 17 -1.24 -2.72 11.03
CA THR A 17 -1.42 -2.79 12.47
C THR A 17 -2.88 -2.55 12.86
N GLU A 18 -3.53 -1.63 12.16
CA GLU A 18 -4.93 -1.31 12.41
C GLU A 18 -5.76 -1.37 11.14
N THR A 19 -7.02 -1.72 11.28
CA THR A 19 -7.92 -1.81 10.13
C THR A 19 -9.31 -1.28 10.46
N THR A 20 -9.65 -0.14 9.86
CA THR A 20 -10.95 0.49 10.10
C THR A 20 -11.97 0.05 9.05
N ALA A 21 -13.25 0.20 9.38
CA ALA A 21 -14.32 -0.17 8.46
C ALA A 21 -14.21 0.58 7.15
N THR A 22 -13.67 1.79 7.21
CA THR A 22 -13.51 2.62 6.02
C THR A 22 -12.08 3.15 5.91
N SER A 23 -11.17 2.55 6.67
CA SER A 23 -9.77 2.96 6.65
C SER A 23 -8.86 1.81 7.09
N VAL A 24 -7.56 2.01 6.94
CA VAL A 24 -6.58 1.00 7.32
C VAL A 24 -5.22 1.62 7.58
N THR A 25 -4.44 0.98 8.45
CA THR A 25 -3.11 1.48 8.79
C THR A 25 -2.03 0.47 8.40
N LEU A 26 -1.18 0.86 7.46
CA LEU A 26 -0.11 -0.01 7.00
C LEU A 26 1.25 0.52 7.45
N THR A 27 2.22 -0.38 7.57
CA THR A 27 3.56 -0.01 7.98
C THR A 27 4.63 -0.76 7.18
N TRP A 28 5.84 -0.25 7.20
CA TRP A 28 6.95 -0.87 6.47
C TRP A 28 8.27 -0.17 6.79
N ASP A 29 9.35 -0.65 6.17
CA ASP A 29 10.67 -0.08 6.39
C ASP A 29 11.23 0.48 5.09
N SER A 30 12.16 1.43 5.20
CA SER A 30 12.78 2.04 4.05
C SER A 30 13.27 0.99 3.07
N GLY A 31 13.99 0.00 3.59
CA GLY A 31 14.51 -1.07 2.75
C GLY A 31 15.73 -0.62 1.95
N ASN A 32 15.63 0.54 1.31
CA ASN A 32 16.73 1.07 0.51
C ASN A 32 17.63 1.97 1.36
N SER A 33 18.87 2.13 0.91
CA SER A 33 19.84 2.95 1.62
C SER A 33 19.91 4.36 1.01
N GLU A 34 19.79 4.42 -0.31
CA GLU A 34 19.84 5.70 -1.01
C GLU A 34 18.69 6.61 -0.58
N PRO A 35 18.91 7.92 -0.67
CA PRO A 35 17.91 8.92 -0.30
C PRO A 35 16.72 8.96 -1.26
N VAL A 36 15.61 8.36 -0.85
CA VAL A 36 14.41 8.33 -1.68
C VAL A 36 13.56 9.57 -1.46
N THR A 37 12.83 9.97 -2.50
CA THR A 37 11.96 11.14 -2.42
C THR A 37 10.69 10.84 -1.65
N TYR A 38 9.92 9.87 -2.15
CA TYR A 38 8.66 9.49 -1.51
C TYR A 38 8.31 8.04 -1.83
N TYR A 39 7.27 7.54 -1.19
CA TYR A 39 6.83 6.16 -1.40
C TYR A 39 5.36 6.13 -1.86
N GLY A 40 5.12 5.51 -3.02
CA GLY A 40 3.78 5.42 -3.54
C GLY A 40 3.01 4.25 -2.96
N ILE A 41 1.69 4.36 -2.96
CA ILE A 41 0.83 3.30 -2.43
C ILE A 41 -0.29 2.96 -3.40
N GLN A 42 -0.54 1.66 -3.58
CA GLN A 42 -1.58 1.21 -4.49
C GLN A 42 -2.43 0.12 -3.84
N TYR A 43 -3.74 0.23 -3.98
CA TYR A 43 -4.66 -0.75 -3.40
C TYR A 43 -5.92 -0.89 -4.26
N ARG A 44 -6.44 -2.11 -4.34
CA ARG A 44 -7.63 -2.38 -5.13
C ARG A 44 -8.44 -3.53 -4.51
N ALA A 45 -9.75 -3.45 -4.65
CA ALA A 45 -10.63 -4.50 -4.12
C ALA A 45 -10.12 -5.89 -4.47
N ALA A 46 -9.68 -6.63 -3.45
CA ALA A 46 -9.17 -7.98 -3.66
C ALA A 46 -10.04 -8.75 -4.64
N GLY A 47 -9.41 -9.29 -5.68
CA GLY A 47 -10.14 -10.05 -6.68
C GLY A 47 -10.19 -9.34 -8.02
N THR A 48 -10.37 -8.02 -7.99
CA THR A 48 -10.43 -7.24 -9.21
C THR A 48 -9.06 -7.08 -9.85
N GLU A 49 -8.97 -7.44 -11.13
CA GLU A 49 -7.71 -7.35 -11.86
C GLU A 49 -7.67 -6.09 -12.72
N GLY A 50 -8.26 -5.00 -12.21
CA GLY A 50 -8.28 -3.76 -12.95
C GLY A 50 -7.23 -2.78 -12.46
N PRO A 51 -7.43 -1.49 -12.77
CA PRO A 51 -6.49 -0.43 -12.37
C PRO A 51 -6.52 -0.18 -10.87
N PHE A 52 -5.37 -0.38 -10.21
CA PHE A 52 -5.27 -0.17 -8.77
C PHE A 52 -5.05 1.31 -8.46
N GLN A 53 -5.62 1.75 -7.34
CA GLN A 53 -5.48 3.15 -6.92
C GLN A 53 -4.02 3.57 -6.90
N GLU A 54 -3.79 4.87 -6.76
CA GLU A 54 -2.44 5.41 -6.74
C GLU A 54 -2.35 6.61 -5.81
N VAL A 55 -1.56 6.47 -4.74
CA VAL A 55 -1.39 7.54 -3.77
C VAL A 55 0.07 7.99 -3.70
N ASP A 56 0.30 9.27 -3.95
CA ASP A 56 1.65 9.83 -3.92
C ASP A 56 1.75 10.92 -2.86
N GLY A 57 2.87 10.93 -2.13
CA GLY A 57 3.07 11.92 -1.09
C GLY A 57 3.26 11.30 0.28
N VAL A 58 3.95 10.16 0.32
CA VAL A 58 4.18 9.47 1.58
C VAL A 58 5.66 9.49 1.94
N ALA A 59 6.07 10.51 2.70
CA ALA A 59 7.45 10.66 3.13
C ALA A 59 7.67 10.03 4.50
N THR A 60 6.89 9.00 4.80
CA THR A 60 7.00 8.32 6.09
C THR A 60 7.01 6.80 5.90
N THR A 61 7.40 6.08 6.95
CA THR A 61 7.45 4.62 6.90
C THR A 61 6.14 4.01 7.36
N ARG A 62 5.11 4.84 7.49
CA ARG A 62 3.79 4.38 7.91
C ARG A 62 2.69 5.30 7.41
N TYR A 63 1.69 4.73 6.78
CA TYR A 63 0.57 5.51 6.25
C TYR A 63 -0.73 4.70 6.30
N SER A 64 -1.85 5.41 6.42
CA SER A 64 -3.15 4.77 6.48
C SER A 64 -3.97 5.08 5.23
N ILE A 65 -4.72 4.08 4.77
CA ILE A 65 -5.56 4.23 3.58
C ILE A 65 -7.03 4.35 3.96
N GLY A 66 -7.75 5.24 3.25
CA GLY A 66 -9.15 5.43 3.52
C GLY A 66 -9.99 5.37 2.26
N GLY A 67 -11.32 5.39 2.44
CA GLY A 67 -12.21 5.35 1.29
C GLY A 67 -12.53 3.93 0.86
N LEU A 68 -12.49 3.00 1.81
CA LEU A 68 -12.78 1.60 1.52
C LEU A 68 -14.12 1.18 2.11
N SER A 69 -14.54 -0.04 1.80
CA SER A 69 -15.81 -0.56 2.30
C SER A 69 -15.60 -1.41 3.54
N PRO A 70 -16.54 -1.29 4.49
CA PRO A 70 -16.48 -2.06 5.75
C PRO A 70 -16.72 -3.55 5.54
N PHE A 71 -15.84 -4.37 6.10
CA PHE A 71 -15.95 -5.81 5.99
C PHE A 71 -15.59 -6.27 4.57
N SER A 72 -14.61 -5.61 3.98
CA SER A 72 -14.16 -5.93 2.63
C SER A 72 -12.69 -6.34 2.63
N GLU A 73 -12.20 -6.77 1.46
CA GLU A 73 -10.81 -7.18 1.33
C GLU A 73 -10.10 -6.36 0.25
N TYR A 74 -8.86 -5.98 0.53
CA TYR A 74 -8.08 -5.20 -0.42
C TYR A 74 -6.60 -5.54 -0.31
N ALA A 75 -5.88 -5.39 -1.43
CA ALA A 75 -4.46 -5.68 -1.46
C ALA A 75 -3.63 -4.40 -1.46
N PHE A 76 -2.88 -4.18 -0.38
CA PHE A 76 -2.05 -2.99 -0.26
C PHE A 76 -0.61 -3.28 -0.68
N ARG A 77 0.07 -2.26 -1.17
CA ARG A 77 1.45 -2.40 -1.62
C ARG A 77 2.13 -1.04 -1.71
N VAL A 78 3.30 -0.92 -1.10
CA VAL A 78 4.07 0.32 -1.12
C VAL A 78 5.34 0.19 -1.94
N LEU A 79 5.83 1.30 -2.46
CA LEU A 79 7.04 1.30 -3.27
C LEU A 79 7.80 2.62 -3.12
N ALA A 80 9.11 2.57 -3.27
CA ALA A 80 9.95 3.76 -3.16
C ALA A 80 9.98 4.53 -4.47
N VAL A 81 10.18 5.84 -4.38
CA VAL A 81 10.22 6.69 -5.57
C VAL A 81 11.20 7.86 -5.37
N ASN A 82 12.16 7.98 -6.28
CA ASN A 82 13.14 9.04 -6.21
C ASN A 82 13.42 9.63 -7.59
N SER A 83 14.36 10.58 -7.64
CA SER A 83 14.71 11.21 -8.91
C SER A 83 14.69 10.21 -10.06
N ILE A 84 15.17 9.00 -9.78
CA ILE A 84 15.22 7.94 -10.78
C ILE A 84 13.80 7.55 -11.22
N GLY A 85 12.96 7.23 -10.26
CA GLY A 85 11.59 6.85 -10.55
C GLY A 85 11.01 5.92 -9.52
N ARG A 86 9.83 5.37 -9.81
CA ARG A 86 9.17 4.47 -8.89
C ARG A 86 9.65 3.03 -9.11
N GLY A 87 10.27 2.46 -8.08
CA GLY A 87 10.77 1.10 -8.17
C GLY A 87 9.67 0.07 -8.17
N PRO A 88 10.04 -1.21 -8.04
CA PRO A 88 9.08 -2.32 -8.02
C PRO A 88 8.25 -2.33 -6.74
N PRO A 89 6.99 -2.80 -6.86
CA PRO A 89 6.06 -2.89 -5.73
C PRO A 89 6.48 -3.95 -4.72
N SER A 90 6.37 -3.62 -3.44
CA SER A 90 6.74 -4.55 -2.37
C SER A 90 5.72 -5.69 -2.28
N GLU A 91 6.11 -6.75 -1.57
CA GLU A 91 5.23 -7.92 -1.41
C GLU A 91 3.82 -7.49 -1.03
N ALA A 92 2.96 -7.39 -2.04
CA ALA A 92 1.57 -6.99 -1.82
C ALA A 92 0.95 -7.76 -0.66
N VAL A 93 0.29 -7.04 0.24
CA VAL A 93 -0.34 -7.66 1.40
C VAL A 93 -1.85 -7.45 1.38
N ARG A 94 -2.60 -8.53 1.57
CA ARG A 94 -4.05 -8.45 1.58
C ARG A 94 -4.59 -8.30 3.00
N ALA A 95 -5.35 -7.23 3.23
CA ALA A 95 -5.91 -6.97 4.55
C ALA A 95 -7.40 -6.66 4.45
N ARG A 96 -8.20 -7.35 5.25
CA ARG A 96 -9.64 -7.16 5.25
C ARG A 96 -10.04 -6.10 6.28
N THR A 97 -10.74 -5.07 5.82
CA THR A 97 -11.19 -3.99 6.69
C THR A 97 -12.20 -4.49 7.71
N GLY A 98 -12.31 -3.77 8.82
CA GLY A 98 -13.25 -4.16 9.86
C GLY A 98 -14.69 -3.95 9.44
N GLU A 99 -15.62 -4.49 10.24
CA GLU A 99 -17.05 -4.35 9.94
C GLU A 99 -17.69 -3.30 10.85
N GLN A 100 -18.49 -2.43 10.25
CA GLN A 100 -19.17 -1.37 11.00
C GLN A 100 -20.41 -0.89 10.26
N SER A 101 -21.58 -1.09 10.86
CA SER A 101 -22.84 -0.68 10.26
C SER A 101 -22.80 -0.86 8.74
N GLY A 102 -22.29 -2.00 8.30
CA GLY A 102 -22.20 -2.28 6.88
C GLY A 102 -23.49 -1.98 6.15
N PRO A 103 -23.37 -1.46 4.91
CA PRO A 103 -24.52 -1.12 4.08
C PRO A 103 -25.29 -2.35 3.61
N SER A 104 -26.58 -2.16 3.35
CA SER A 104 -27.43 -3.27 2.88
C SER A 104 -28.69 -2.74 2.22
N SER A 105 -28.97 -3.23 1.01
CA SER A 105 -30.15 -2.79 0.28
C SER A 105 -31.27 -3.83 0.39
N GLY A 106 -32.40 -3.41 0.95
CA GLY A 106 -33.53 -4.30 1.12
C GLY A 106 -34.47 -3.86 2.21
N GLY A 1 16.26 -14.95 -17.77
CA GLY A 1 16.10 -13.52 -17.94
C GLY A 1 16.09 -12.78 -16.62
N SER A 2 17.27 -12.46 -16.10
CA SER A 2 17.39 -11.76 -14.84
C SER A 2 17.55 -10.26 -15.07
N SER A 3 16.42 -9.58 -15.23
CA SER A 3 16.42 -8.14 -15.46
C SER A 3 15.99 -7.39 -14.21
N GLY A 4 16.92 -6.62 -13.64
CA GLY A 4 16.62 -5.87 -12.43
C GLY A 4 17.62 -4.76 -12.18
N SER A 5 17.88 -4.48 -10.91
CA SER A 5 18.83 -3.43 -10.53
C SER A 5 18.47 -2.12 -11.19
N SER A 6 17.22 -1.69 -11.03
CA SER A 6 16.74 -0.44 -11.61
C SER A 6 16.08 0.43 -10.56
N GLY A 7 16.62 1.63 -10.37
CA GLY A 7 16.08 2.54 -9.39
C GLY A 7 16.17 2.01 -7.98
N PRO A 8 15.32 2.53 -7.07
CA PRO A 8 15.29 2.12 -5.67
C PRO A 8 14.76 0.70 -5.49
N LYS A 9 14.79 0.21 -4.26
CA LYS A 9 14.32 -1.14 -3.96
C LYS A 9 12.95 -1.08 -3.27
N PRO A 10 12.21 -2.20 -3.35
CA PRO A 10 10.88 -2.30 -2.74
C PRO A 10 10.94 -2.32 -1.21
N PRO A 11 9.91 -1.76 -0.56
CA PRO A 11 9.83 -1.71 0.90
C PRO A 11 9.59 -3.08 1.51
N ILE A 12 10.01 -3.24 2.76
CA ILE A 12 9.84 -4.51 3.47
C ILE A 12 9.01 -4.33 4.74
N ASP A 13 8.87 -5.40 5.50
CA ASP A 13 8.10 -5.36 6.74
C ASP A 13 6.70 -4.81 6.50
N LEU A 14 6.16 -5.10 5.32
CA LEU A 14 4.82 -4.63 4.97
C LEU A 14 3.75 -5.37 5.77
N VAL A 15 3.27 -4.74 6.83
CA VAL A 15 2.24 -5.34 7.68
C VAL A 15 1.22 -4.29 8.13
N VAL A 16 0.03 -4.76 8.48
CA VAL A 16 -1.03 -3.87 8.94
C VAL A 16 -1.18 -3.91 10.45
N THR A 17 -1.23 -2.74 11.07
CA THR A 17 -1.38 -2.64 12.52
C THR A 17 -2.82 -2.35 12.91
N GLU A 18 -3.50 -1.56 12.10
CA GLU A 18 -4.90 -1.21 12.36
C GLU A 18 -5.76 -1.42 11.11
N THR A 19 -7.02 -1.79 11.32
CA THR A 19 -7.94 -2.01 10.21
C THR A 19 -9.33 -1.49 10.54
N THR A 20 -9.73 -0.42 9.85
CA THR A 20 -11.04 0.19 10.07
C THR A 20 -12.04 -0.31 9.05
N ALA A 21 -13.33 -0.03 9.30
CA ALA A 21 -14.39 -0.43 8.38
C ALA A 21 -14.21 0.20 7.01
N THR A 22 -13.66 1.42 6.99
CA THR A 22 -13.44 2.12 5.75
C THR A 22 -12.03 2.71 5.68
N SER A 23 -11.14 2.14 6.48
CA SER A 23 -9.75 2.61 6.53
C SER A 23 -8.82 1.50 7.01
N VAL A 24 -7.52 1.74 6.91
CA VAL A 24 -6.52 0.77 7.33
C VAL A 24 -5.17 1.42 7.56
N THR A 25 -4.32 0.78 8.37
CA THR A 25 -3.00 1.31 8.67
C THR A 25 -1.91 0.35 8.19
N LEU A 26 -1.04 0.85 7.32
CA LEU A 26 0.05 0.03 6.80
C LEU A 26 1.40 0.50 7.35
N THR A 27 2.20 -0.45 7.81
CA THR A 27 3.51 -0.13 8.37
C THR A 27 4.62 -0.87 7.62
N TRP A 28 5.70 -0.17 7.33
CA TRP A 28 6.83 -0.76 6.61
C TRP A 28 8.13 -0.05 6.98
N ASP A 29 9.24 -0.57 6.46
CA ASP A 29 10.55 0.00 6.74
C ASP A 29 11.14 0.63 5.47
N SER A 30 11.99 1.64 5.65
CA SER A 30 12.61 2.32 4.53
C SER A 30 13.09 1.32 3.49
N GLY A 31 13.84 0.32 3.94
CA GLY A 31 14.36 -0.69 3.03
C GLY A 31 15.56 -0.20 2.24
N ASN A 32 15.46 1.01 1.72
CA ASN A 32 16.55 1.59 0.94
C ASN A 32 17.59 2.23 1.84
N SER A 33 18.74 2.59 1.27
CA SER A 33 19.83 3.20 2.02
C SER A 33 19.98 4.67 1.65
N GLU A 34 19.67 4.99 0.40
CA GLU A 34 19.78 6.37 -0.08
C GLU A 34 18.54 7.18 0.31
N PRO A 35 18.69 8.51 0.32
CA PRO A 35 17.60 9.42 0.66
C PRO A 35 16.51 9.45 -0.41
N VAL A 36 15.54 8.55 -0.27
CA VAL A 36 14.43 8.48 -1.22
C VAL A 36 13.58 9.74 -1.17
N THR A 37 12.99 10.09 -2.32
CA THR A 37 12.15 11.28 -2.41
C THR A 37 10.81 11.06 -1.71
N TYR A 38 10.07 10.05 -2.15
CA TYR A 38 8.78 9.73 -1.57
C TYR A 38 8.38 8.29 -1.87
N TYR A 39 7.30 7.85 -1.25
CA TYR A 39 6.81 6.48 -1.44
C TYR A 39 5.35 6.49 -1.91
N GLY A 40 5.05 5.66 -2.89
CA GLY A 40 3.69 5.58 -3.42
C GLY A 40 2.92 4.40 -2.86
N ILE A 41 1.61 4.43 -3.01
CA ILE A 41 0.76 3.35 -2.53
C ILE A 41 -0.33 3.00 -3.53
N GLN A 42 -0.54 1.70 -3.73
CA GLN A 42 -1.55 1.23 -4.67
C GLN A 42 -2.42 0.14 -4.04
N TYR A 43 -3.73 0.37 -4.05
CA TYR A 43 -4.67 -0.59 -3.47
C TYR A 43 -5.96 -0.64 -4.28
N ARG A 44 -6.66 -1.76 -4.20
CA ARG A 44 -7.92 -1.93 -4.92
C ARG A 44 -8.64 -3.19 -4.46
N ALA A 45 -9.95 -3.20 -4.61
CA ALA A 45 -10.76 -4.35 -4.22
C ALA A 45 -10.06 -5.66 -4.57
N ALA A 46 -9.75 -6.46 -3.55
CA ALA A 46 -9.08 -7.74 -3.76
C ALA A 46 -9.97 -8.71 -4.52
N GLY A 47 -9.91 -8.65 -5.85
CA GLY A 47 -10.72 -9.54 -6.67
C GLY A 47 -10.73 -9.12 -8.13
N THR A 48 -11.00 -7.85 -8.38
CA THR A 48 -11.04 -7.33 -9.75
C THR A 48 -9.64 -7.32 -10.37
N GLU A 49 -9.59 -7.08 -11.68
CA GLU A 49 -8.32 -7.04 -12.39
C GLU A 49 -8.16 -5.73 -13.14
N GLY A 50 -8.38 -4.61 -12.44
CA GLY A 50 -8.26 -3.31 -13.05
C GLY A 50 -7.13 -2.49 -12.46
N PRO A 51 -7.12 -1.18 -12.76
CA PRO A 51 -6.09 -0.27 -12.26
C PRO A 51 -6.23 -0.01 -10.76
N PHE A 52 -5.14 -0.24 -10.03
CA PHE A 52 -5.14 -0.04 -8.59
C PHE A 52 -4.91 1.42 -8.24
N GLN A 53 -5.62 1.90 -7.22
CA GLN A 53 -5.50 3.29 -6.80
C GLN A 53 -4.04 3.73 -6.79
N GLU A 54 -3.82 5.04 -6.80
CA GLU A 54 -2.47 5.59 -6.80
C GLU A 54 -2.35 6.74 -5.80
N VAL A 55 -1.32 6.68 -4.97
CA VAL A 55 -1.09 7.73 -3.96
C VAL A 55 0.36 8.18 -3.96
N ASP A 56 0.57 9.49 -4.06
CA ASP A 56 1.92 10.05 -4.07
C ASP A 56 2.05 11.17 -3.03
N GLY A 57 3.21 11.26 -2.41
CA GLY A 57 3.44 12.29 -1.41
C GLY A 57 3.55 11.73 -0.01
N VAL A 58 4.22 10.59 0.12
CA VAL A 58 4.39 9.95 1.41
C VAL A 58 5.87 9.89 1.81
N ALA A 59 6.31 10.92 2.53
CA ALA A 59 7.70 10.99 2.97
C ALA A 59 7.88 10.30 4.33
N THR A 60 7.05 9.30 4.59
CA THR A 60 7.12 8.57 5.86
C THR A 60 7.06 7.06 5.63
N THR A 61 7.49 6.31 6.62
CA THR A 61 7.50 4.85 6.52
C THR A 61 6.17 4.26 6.96
N ARG A 62 5.17 5.13 7.13
CA ARG A 62 3.84 4.70 7.54
C ARG A 62 2.76 5.56 6.89
N TYR A 63 1.62 4.94 6.60
CA TYR A 63 0.51 5.64 5.97
C TYR A 63 -0.81 4.92 6.21
N SER A 64 -1.91 5.67 6.22
CA SER A 64 -3.23 5.10 6.43
C SER A 64 -4.12 5.29 5.21
N ILE A 65 -4.81 4.24 4.81
CA ILE A 65 -5.71 4.29 3.67
C ILE A 65 -7.16 4.51 4.10
N GLY A 66 -7.89 5.26 3.30
CA GLY A 66 -9.29 5.52 3.61
C GLY A 66 -10.18 5.48 2.38
N GLY A 67 -11.46 5.22 2.60
CA GLY A 67 -12.41 5.15 1.50
C GLY A 67 -12.62 3.73 1.01
N LEU A 68 -12.70 2.80 1.95
CA LEU A 68 -12.91 1.39 1.61
C LEU A 68 -14.26 0.90 2.12
N SER A 69 -14.61 -0.33 1.78
CA SER A 69 -15.88 -0.91 2.19
C SER A 69 -15.70 -1.74 3.46
N PRO A 70 -16.71 -1.70 4.34
CA PRO A 70 -16.70 -2.44 5.60
C PRO A 70 -16.82 -3.94 5.39
N PHE A 71 -15.94 -4.70 6.05
CA PHE A 71 -15.94 -6.15 5.93
C PHE A 71 -15.58 -6.58 4.52
N SER A 72 -14.55 -5.95 3.95
CA SER A 72 -14.10 -6.27 2.61
C SER A 72 -12.61 -6.61 2.60
N GLU A 73 -12.14 -7.15 1.47
CA GLU A 73 -10.73 -7.51 1.33
C GLU A 73 -10.05 -6.65 0.27
N TYR A 74 -8.98 -5.98 0.67
CA TYR A 74 -8.24 -5.11 -0.25
C TYR A 74 -6.75 -5.43 -0.22
N ALA A 75 -6.09 -5.24 -1.35
CA ALA A 75 -4.65 -5.50 -1.44
C ALA A 75 -3.85 -4.21 -1.41
N PHE A 76 -2.77 -4.21 -0.65
CA PHE A 76 -1.92 -3.04 -0.52
C PHE A 76 -0.49 -3.34 -1.00
N ARG A 77 0.20 -2.30 -1.46
CA ARG A 77 1.56 -2.46 -1.95
C ARG A 77 2.27 -1.10 -2.02
N VAL A 78 3.41 -1.01 -1.33
CA VAL A 78 4.18 0.23 -1.32
C VAL A 78 5.45 0.10 -2.16
N LEU A 79 5.93 1.23 -2.68
CA LEU A 79 7.13 1.24 -3.50
C LEU A 79 7.93 2.51 -3.27
N ALA A 80 9.26 2.39 -3.35
CA ALA A 80 10.13 3.54 -3.15
C ALA A 80 10.29 4.34 -4.45
N VAL A 81 10.37 5.66 -4.31
CA VAL A 81 10.51 6.54 -5.47
C VAL A 81 11.45 7.70 -5.15
N ASN A 82 12.39 7.95 -6.07
CA ASN A 82 13.36 9.02 -5.90
C ASN A 82 13.74 9.64 -7.25
N SER A 83 14.61 10.64 -7.21
CA SER A 83 15.06 11.31 -8.43
C SER A 83 15.13 10.33 -9.59
N ILE A 84 15.68 9.14 -9.32
CA ILE A 84 15.82 8.11 -10.34
C ILE A 84 14.46 7.72 -10.91
N GLY A 85 13.58 7.24 -10.04
CA GLY A 85 12.25 6.83 -10.47
C GLY A 85 11.59 5.89 -9.47
N ARG A 86 10.36 5.49 -9.78
CA ARG A 86 9.61 4.59 -8.92
C ARG A 86 10.06 3.14 -9.12
N GLY A 87 10.48 2.50 -8.03
CA GLY A 87 10.91 1.12 -8.11
C GLY A 87 9.76 0.13 -8.10
N PRO A 88 10.09 -1.16 -8.06
CA PRO A 88 9.08 -2.23 -8.04
C PRO A 88 8.31 -2.28 -6.73
N PRO A 89 7.04 -2.70 -6.80
CA PRO A 89 6.17 -2.80 -5.64
C PRO A 89 6.59 -3.94 -4.70
N SER A 90 6.31 -3.77 -3.41
CA SER A 90 6.67 -4.77 -2.41
C SER A 90 5.67 -5.94 -2.44
N GLU A 91 6.00 -7.00 -1.72
CA GLU A 91 5.15 -8.18 -1.66
C GLU A 91 3.71 -7.79 -1.32
N ALA A 92 2.89 -7.64 -2.36
CA ALA A 92 1.50 -7.27 -2.17
C ALA A 92 0.88 -8.02 -1.00
N VAL A 93 0.28 -7.27 -0.07
CA VAL A 93 -0.35 -7.86 1.11
C VAL A 93 -1.87 -7.77 1.02
N ARG A 94 -2.54 -8.54 1.87
CA ARG A 94 -4.01 -8.55 1.88
C ARG A 94 -4.53 -8.34 3.30
N ALA A 95 -5.37 -7.31 3.46
CA ALA A 95 -5.95 -7.00 4.76
C ALA A 95 -7.45 -6.74 4.65
N ARG A 96 -8.23 -7.48 5.42
CA ARG A 96 -9.68 -7.35 5.40
C ARG A 96 -10.13 -6.26 6.38
N THR A 97 -10.95 -5.32 5.90
CA THR A 97 -11.44 -4.24 6.74
C THR A 97 -12.46 -4.75 7.75
N GLY A 98 -12.62 -4.02 8.85
CA GLY A 98 -13.55 -4.41 9.88
C GLY A 98 -15.00 -4.18 9.46
N GLU A 99 -15.93 -4.68 10.26
CA GLU A 99 -17.35 -4.54 9.98
C GLU A 99 -17.98 -3.47 10.87
N GLN A 100 -18.89 -2.69 10.30
CA GLN A 100 -19.57 -1.63 11.05
C GLN A 100 -21.00 -1.45 10.56
N SER A 101 -21.93 -1.32 11.50
CA SER A 101 -23.33 -1.14 11.16
C SER A 101 -23.49 -0.23 9.94
N GLY A 102 -23.97 -0.81 8.84
CA GLY A 102 -24.15 -0.05 7.63
C GLY A 102 -24.63 -0.90 6.47
N PRO A 103 -23.80 -1.90 6.10
CA PRO A 103 -24.11 -2.81 4.99
C PRO A 103 -25.28 -3.75 5.33
N SER A 104 -25.68 -3.75 6.60
CA SER A 104 -26.78 -4.61 7.05
C SER A 104 -27.76 -3.83 7.91
N SER A 105 -28.98 -4.32 8.00
CA SER A 105 -30.02 -3.67 8.79
C SER A 105 -29.94 -2.15 8.64
N GLY A 106 -29.78 -1.70 7.39
CA GLY A 106 -29.70 -0.28 7.13
C GLY A 106 -30.89 0.48 7.66
N GLY A 1 17.61 -10.90 -20.50
CA GLY A 1 18.64 -9.90 -20.70
C GLY A 1 18.39 -8.64 -19.89
N SER A 2 18.00 -8.82 -18.63
CA SER A 2 17.72 -7.69 -17.76
C SER A 2 18.86 -6.67 -17.80
N SER A 3 18.59 -5.47 -17.30
CA SER A 3 19.59 -4.41 -17.27
C SER A 3 20.40 -4.44 -15.97
N GLY A 4 19.69 -4.43 -14.85
CA GLY A 4 20.35 -4.45 -13.56
C GLY A 4 19.57 -3.69 -12.50
N SER A 5 20.23 -2.71 -11.88
CA SER A 5 19.59 -1.91 -10.85
C SER A 5 19.29 -0.50 -11.35
N SER A 6 18.05 -0.30 -11.81
CA SER A 6 17.64 0.99 -12.32
C SER A 6 16.52 1.59 -11.45
N GLY A 7 16.92 2.37 -10.46
CA GLY A 7 15.95 2.98 -9.57
C GLY A 7 16.05 2.48 -8.15
N PRO A 8 15.16 2.95 -7.28
CA PRO A 8 15.13 2.54 -5.86
C PRO A 8 14.68 1.09 -5.69
N LYS A 9 14.74 0.62 -4.46
CA LYS A 9 14.35 -0.75 -4.15
C LYS A 9 12.98 -0.79 -3.46
N PRO A 10 12.31 -1.94 -3.54
CA PRO A 10 10.99 -2.13 -2.93
C PRO A 10 11.04 -2.15 -1.41
N PRO A 11 9.98 -1.66 -0.76
CA PRO A 11 9.88 -1.62 0.70
C PRO A 11 9.73 -3.00 1.32
N ILE A 12 10.01 -3.10 2.61
CA ILE A 12 9.92 -4.37 3.32
C ILE A 12 9.11 -4.21 4.60
N ASP A 13 8.97 -5.31 5.34
CA ASP A 13 8.23 -5.30 6.60
C ASP A 13 6.81 -4.78 6.39
N LEU A 14 6.24 -5.09 5.24
CA LEU A 14 4.89 -4.65 4.91
C LEU A 14 3.86 -5.43 5.71
N VAL A 15 3.29 -4.78 6.73
CA VAL A 15 2.28 -5.40 7.57
C VAL A 15 1.21 -4.41 7.99
N VAL A 16 0.09 -4.92 8.49
CA VAL A 16 -1.00 -4.07 8.94
C VAL A 16 -1.06 -4.00 10.46
N THR A 17 -1.18 -2.78 10.99
CA THR A 17 -1.25 -2.58 12.43
C THR A 17 -2.68 -2.32 12.88
N GLU A 18 -3.45 -1.65 12.04
CA GLU A 18 -4.85 -1.34 12.36
C GLU A 18 -5.72 -1.40 11.11
N THR A 19 -6.98 -1.75 11.30
CA THR A 19 -7.92 -1.84 10.18
C THR A 19 -9.30 -1.30 10.57
N THR A 20 -9.65 -0.16 9.98
CA THR A 20 -10.94 0.46 10.27
C THR A 20 -11.99 0.06 9.23
N ALA A 21 -13.26 0.19 9.61
CA ALA A 21 -14.36 -0.17 8.71
C ALA A 21 -14.22 0.55 7.37
N THR A 22 -13.78 1.80 7.41
CA THR A 22 -13.61 2.59 6.21
C THR A 22 -12.20 3.16 6.12
N SER A 23 -11.25 2.50 6.79
CA SER A 23 -9.86 2.93 6.78
C SER A 23 -8.94 1.79 7.16
N VAL A 24 -7.64 1.98 6.92
CA VAL A 24 -6.65 0.96 7.24
C VAL A 24 -5.27 1.58 7.45
N THR A 25 -4.45 0.94 8.27
CA THR A 25 -3.11 1.42 8.56
C THR A 25 -2.06 0.44 8.08
N LEU A 26 -1.10 0.94 7.29
CA LEU A 26 -0.03 0.10 6.76
C LEU A 26 1.33 0.54 7.31
N THR A 27 2.16 -0.44 7.66
CA THR A 27 3.48 -0.15 8.20
C THR A 27 4.56 -0.90 7.42
N TRP A 28 5.70 -0.25 7.22
CA TRP A 28 6.82 -0.86 6.51
C TRP A 28 8.13 -0.14 6.81
N ASP A 29 9.24 -0.77 6.46
CA ASP A 29 10.55 -0.19 6.70
C ASP A 29 11.09 0.48 5.44
N SER A 30 11.96 1.46 5.62
CA SER A 30 12.54 2.19 4.50
C SER A 30 13.04 1.22 3.43
N GLY A 31 13.79 0.21 3.84
CA GLY A 31 14.31 -0.77 2.90
C GLY A 31 15.50 -0.25 2.12
N ASN A 32 15.35 0.94 1.55
CA ASN A 32 16.43 1.55 0.78
C ASN A 32 17.56 2.03 1.69
N SER A 33 18.77 2.07 1.14
CA SER A 33 19.93 2.51 1.91
C SER A 33 20.01 4.04 1.96
N GLU A 34 19.49 4.68 0.92
CA GLU A 34 19.50 6.14 0.84
C GLU A 34 18.09 6.69 0.93
N PRO A 35 17.96 7.91 1.50
CA PRO A 35 16.67 8.58 1.66
C PRO A 35 16.08 9.03 0.32
N VAL A 36 15.13 8.26 -0.20
CA VAL A 36 14.50 8.58 -1.46
C VAL A 36 13.58 9.80 -1.32
N THR A 37 12.94 10.19 -2.43
CA THR A 37 12.05 11.34 -2.43
C THR A 37 10.79 11.04 -1.63
N TYR A 38 10.06 10.01 -2.04
CA TYR A 38 8.83 9.63 -1.37
C TYR A 38 8.47 8.17 -1.66
N TYR A 39 7.38 7.71 -1.08
CA TYR A 39 6.93 6.33 -1.28
C TYR A 39 5.47 6.29 -1.72
N GLY A 40 5.23 5.71 -2.89
CA GLY A 40 3.87 5.61 -3.41
C GLY A 40 3.11 4.46 -2.80
N ILE A 41 1.79 4.45 -3.02
CA ILE A 41 0.94 3.41 -2.49
C ILE A 41 -0.17 3.04 -3.47
N GLN A 42 -0.43 1.75 -3.61
CA GLN A 42 -1.46 1.26 -4.52
C GLN A 42 -2.33 0.21 -3.85
N TYR A 43 -3.64 0.32 -4.05
CA TYR A 43 -4.58 -0.63 -3.46
C TYR A 43 -5.79 -0.83 -4.37
N ARG A 44 -6.38 -2.02 -4.29
CA ARG A 44 -7.55 -2.34 -5.11
C ARG A 44 -8.38 -3.45 -4.47
N ALA A 45 -9.70 -3.32 -4.51
CA ALA A 45 -10.58 -4.31 -3.93
C ALA A 45 -10.22 -5.71 -4.40
N ALA A 46 -9.85 -6.57 -3.47
CA ALA A 46 -9.48 -7.94 -3.79
C ALA A 46 -10.52 -8.60 -4.69
N GLY A 47 -10.05 -9.33 -5.70
CA GLY A 47 -10.96 -9.99 -6.62
C GLY A 47 -10.97 -9.36 -7.99
N THR A 48 -11.21 -8.05 -8.04
CA THR A 48 -11.25 -7.33 -9.30
C THR A 48 -9.86 -7.23 -9.91
N GLU A 49 -9.80 -7.26 -11.24
CA GLU A 49 -8.53 -7.17 -11.96
C GLU A 49 -8.48 -5.93 -12.83
N GLY A 50 -8.46 -4.76 -12.18
CA GLY A 50 -8.40 -3.51 -12.91
C GLY A 50 -7.26 -2.62 -12.46
N PRO A 51 -7.34 -1.33 -12.80
CA PRO A 51 -6.30 -0.35 -12.45
C PRO A 51 -6.29 -0.04 -10.95
N PHE A 52 -5.24 -0.49 -10.28
CA PHE A 52 -5.11 -0.27 -8.84
C PHE A 52 -4.91 1.21 -8.53
N GLN A 53 -5.51 1.68 -7.45
CA GLN A 53 -5.41 3.07 -7.04
C GLN A 53 -3.94 3.50 -6.93
N GLU A 54 -3.71 4.80 -6.86
CA GLU A 54 -2.36 5.34 -6.77
C GLU A 54 -2.31 6.51 -5.80
N VAL A 55 -1.24 6.59 -5.02
CA VAL A 55 -1.06 7.66 -4.05
C VAL A 55 0.39 8.11 -3.97
N ASP A 56 0.60 9.42 -4.00
CA ASP A 56 1.95 9.98 -3.94
C ASP A 56 2.02 11.11 -2.92
N GLY A 57 3.09 11.14 -2.14
CA GLY A 57 3.25 12.18 -1.13
C GLY A 57 3.33 11.62 0.27
N VAL A 58 4.01 10.48 0.42
CA VAL A 58 4.15 9.84 1.73
C VAL A 58 5.61 9.80 2.16
N ALA A 59 6.05 10.87 2.81
CA ALA A 59 7.43 10.95 3.28
C ALA A 59 7.58 10.30 4.66
N THR A 60 6.84 9.23 4.88
CA THR A 60 6.87 8.52 6.16
C THR A 60 6.82 7.02 5.95
N THR A 61 7.16 6.26 7.00
CA THR A 61 7.15 4.80 6.92
C THR A 61 5.84 4.25 7.46
N ARG A 62 4.82 5.10 7.56
CA ARG A 62 3.52 4.69 8.05
C ARG A 62 2.41 5.53 7.43
N TYR A 63 1.53 4.87 6.67
CA TYR A 63 0.43 5.56 6.01
C TYR A 63 -0.86 4.75 6.12
N SER A 64 -1.98 5.45 6.21
CA SER A 64 -3.28 4.79 6.32
C SER A 64 -4.14 5.07 5.10
N ILE A 65 -4.90 4.07 4.66
CA ILE A 65 -5.76 4.21 3.50
C ILE A 65 -7.23 4.30 3.92
N GLY A 66 -7.95 5.23 3.31
CA GLY A 66 -9.35 5.41 3.62
C GLY A 66 -10.24 5.40 2.39
N GLY A 67 -11.55 5.45 2.60
CA GLY A 67 -12.48 5.45 1.48
C GLY A 67 -12.76 4.05 0.96
N LEU A 68 -12.65 3.06 1.85
CA LEU A 68 -12.89 1.68 1.47
C LEU A 68 -14.22 1.19 2.03
N SER A 69 -14.60 -0.04 1.67
CA SER A 69 -15.85 -0.62 2.14
C SER A 69 -15.62 -1.51 3.36
N PRO A 70 -16.56 -1.47 4.31
CA PRO A 70 -16.48 -2.26 5.53
C PRO A 70 -16.65 -3.76 5.28
N PHE A 71 -15.92 -4.57 6.03
CA PHE A 71 -15.99 -6.02 5.88
C PHE A 71 -15.59 -6.44 4.46
N SER A 72 -14.55 -5.79 3.94
CA SER A 72 -14.06 -6.10 2.60
C SER A 72 -12.58 -6.44 2.63
N GLU A 73 -12.09 -7.03 1.54
CA GLU A 73 -10.67 -7.40 1.44
C GLU A 73 -9.98 -6.63 0.32
N TYR A 74 -8.84 -6.02 0.64
CA TYR A 74 -8.09 -5.25 -0.34
C TYR A 74 -6.61 -5.62 -0.30
N ALA A 75 -5.90 -5.31 -1.37
CA ALA A 75 -4.47 -5.61 -1.46
C ALA A 75 -3.65 -4.32 -1.54
N PHE A 76 -2.88 -4.05 -0.51
CA PHE A 76 -2.04 -2.86 -0.45
C PHE A 76 -0.60 -3.19 -0.84
N ARG A 77 0.09 -2.20 -1.40
CA ARG A 77 1.48 -2.38 -1.83
C ARG A 77 2.22 -1.05 -1.84
N VAL A 78 3.42 -1.04 -1.28
CA VAL A 78 4.23 0.17 -1.22
C VAL A 78 5.45 0.05 -2.13
N LEU A 79 5.87 1.19 -2.69
CA LEU A 79 7.03 1.21 -3.59
C LEU A 79 7.83 2.50 -3.40
N ALA A 80 9.15 2.37 -3.45
CA ALA A 80 10.03 3.53 -3.30
C ALA A 80 10.10 4.34 -4.57
N VAL A 81 10.07 5.67 -4.44
CA VAL A 81 10.15 6.56 -5.59
C VAL A 81 11.19 7.65 -5.38
N ASN A 82 11.82 8.07 -6.47
CA ASN A 82 12.85 9.11 -6.40
C ASN A 82 12.96 9.83 -7.75
N SER A 83 13.89 10.78 -7.81
CA SER A 83 14.11 11.55 -9.03
C SER A 83 14.27 10.63 -10.23
N ILE A 84 14.82 9.45 -10.00
CA ILE A 84 15.03 8.47 -11.07
C ILE A 84 13.70 7.88 -11.53
N GLY A 85 12.85 7.51 -10.58
CA GLY A 85 11.56 6.93 -10.90
C GLY A 85 11.05 6.00 -9.83
N ARG A 86 9.80 5.59 -9.97
CA ARG A 86 9.18 4.70 -8.99
C ARG A 86 9.61 3.24 -9.23
N GLY A 87 10.27 2.66 -8.22
CA GLY A 87 10.72 1.28 -8.34
C GLY A 87 9.58 0.29 -8.27
N PRO A 88 9.93 -1.01 -8.24
CA PRO A 88 8.94 -2.09 -8.17
C PRO A 88 8.26 -2.15 -6.81
N PRO A 89 6.98 -2.58 -6.81
CA PRO A 89 6.18 -2.69 -5.58
C PRO A 89 6.67 -3.82 -4.68
N SER A 90 6.27 -3.77 -3.42
CA SER A 90 6.67 -4.79 -2.45
C SER A 90 5.60 -5.87 -2.32
N GLU A 91 5.97 -6.99 -1.72
CA GLU A 91 5.04 -8.11 -1.54
C GLU A 91 3.64 -7.60 -1.21
N ALA A 92 2.75 -7.66 -2.19
CA ALA A 92 1.37 -7.21 -1.99
C ALA A 92 0.74 -7.89 -0.79
N VAL A 93 0.21 -7.09 0.13
CA VAL A 93 -0.43 -7.62 1.33
C VAL A 93 -1.94 -7.44 1.26
N ARG A 94 -2.68 -8.43 1.74
CA ARG A 94 -4.14 -8.38 1.75
C ARG A 94 -4.67 -8.19 3.16
N ALA A 95 -5.38 -7.10 3.37
CA ALA A 95 -5.96 -6.80 4.69
C ALA A 95 -7.47 -6.60 4.60
N ARG A 96 -8.21 -7.30 5.46
CA ARG A 96 -9.66 -7.20 5.48
C ARG A 96 -10.13 -6.11 6.44
N THR A 97 -10.80 -5.10 5.90
CA THR A 97 -11.29 -4.00 6.71
C THR A 97 -12.34 -4.47 7.72
N GLY A 98 -12.45 -3.75 8.83
CA GLY A 98 -13.42 -4.12 9.86
C GLY A 98 -14.85 -3.93 9.40
N GLU A 99 -15.79 -4.49 10.15
CA GLU A 99 -17.20 -4.38 9.83
C GLU A 99 -17.87 -3.30 10.67
N GLN A 100 -19.03 -2.83 10.21
CA GLN A 100 -19.77 -1.80 10.91
C GLN A 100 -21.21 -1.70 10.40
N SER A 101 -22.11 -1.27 11.27
CA SER A 101 -23.52 -1.13 10.88
C SER A 101 -23.65 -0.43 9.54
N GLY A 102 -24.08 -1.19 8.52
CA GLY A 102 -24.25 -0.62 7.20
C GLY A 102 -25.16 -1.45 6.32
N PRO A 103 -24.55 -2.34 5.52
CA PRO A 103 -25.30 -3.21 4.61
C PRO A 103 -26.08 -4.30 5.35
N SER A 104 -25.65 -4.60 6.57
CA SER A 104 -26.30 -5.62 7.39
C SER A 104 -27.08 -4.97 8.53
N SER A 105 -28.39 -4.95 8.41
CA SER A 105 -29.25 -4.36 9.44
C SER A 105 -29.94 -5.44 10.26
N GLY A 106 -30.62 -6.36 9.57
CA GLY A 106 -31.32 -7.44 10.24
C GLY A 106 -32.09 -6.95 11.46
N GLY A 1 16.17 -12.54 -15.24
CA GLY A 1 14.79 -12.11 -15.26
C GLY A 1 14.63 -10.67 -14.79
N SER A 2 15.27 -9.74 -15.49
CA SER A 2 15.20 -8.32 -15.13
C SER A 2 15.07 -7.45 -16.37
N SER A 3 14.04 -6.63 -16.42
CA SER A 3 13.80 -5.75 -17.56
C SER A 3 14.95 -4.74 -17.71
N GLY A 4 15.33 -4.11 -16.60
CA GLY A 4 16.40 -3.15 -16.64
C GLY A 4 16.07 -1.88 -15.87
N SER A 5 15.73 -2.03 -14.60
CA SER A 5 15.38 -0.89 -13.76
C SER A 5 16.57 -0.49 -12.87
N SER A 6 16.95 0.79 -12.95
CA SER A 6 18.05 1.29 -12.16
C SER A 6 17.56 2.22 -11.06
N GLY A 7 16.33 1.99 -10.60
CA GLY A 7 15.75 2.80 -9.56
C GLY A 7 16.02 2.24 -8.17
N PRO A 8 15.25 2.72 -7.18
CA PRO A 8 15.39 2.28 -5.79
C PRO A 8 14.92 0.84 -5.59
N LYS A 9 14.81 0.43 -4.33
CA LYS A 9 14.36 -0.93 -4.01
C LYS A 9 13.01 -0.89 -3.31
N PRO A 10 12.29 -2.03 -3.37
CA PRO A 10 10.97 -2.16 -2.74
C PRO A 10 11.04 -2.16 -1.23
N PRO A 11 10.00 -1.62 -0.58
CA PRO A 11 9.92 -1.55 0.88
C PRO A 11 9.72 -2.93 1.51
N ILE A 12 10.12 -3.06 2.78
CA ILE A 12 9.99 -4.32 3.49
C ILE A 12 9.18 -4.13 4.77
N ASP A 13 9.01 -5.22 5.52
CA ASP A 13 8.24 -5.18 6.76
C ASP A 13 6.83 -4.69 6.51
N LEU A 14 6.28 -5.03 5.35
CA LEU A 14 4.93 -4.62 4.99
C LEU A 14 3.89 -5.42 5.77
N VAL A 15 3.26 -4.76 6.75
CA VAL A 15 2.25 -5.40 7.58
C VAL A 15 1.19 -4.41 8.02
N VAL A 16 0.05 -4.92 8.48
CA VAL A 16 -1.04 -4.07 8.95
C VAL A 16 -1.13 -4.08 10.46
N THR A 17 -1.24 -2.90 11.06
CA THR A 17 -1.34 -2.77 12.51
C THR A 17 -2.76 -2.47 12.93
N GLU A 18 -3.48 -1.69 12.12
CA GLU A 18 -4.86 -1.33 12.42
C GLU A 18 -5.74 -1.44 11.18
N THR A 19 -7.01 -1.78 11.38
CA THR A 19 -7.94 -1.91 10.28
C THR A 19 -9.31 -1.36 10.63
N THR A 20 -9.67 -0.24 10.01
CA THR A 20 -10.96 0.40 10.27
C THR A 20 -12.01 -0.05 9.25
N ALA A 21 -13.28 0.12 9.62
CA ALA A 21 -14.38 -0.27 8.74
C ALA A 21 -14.23 0.36 7.36
N THR A 22 -13.73 1.59 7.33
CA THR A 22 -13.52 2.31 6.08
C THR A 22 -12.11 2.88 5.98
N SER A 23 -11.19 2.26 6.71
CA SER A 23 -9.80 2.70 6.71
C SER A 23 -8.87 1.56 7.12
N VAL A 24 -7.57 1.77 6.93
CA VAL A 24 -6.57 0.76 7.27
C VAL A 24 -5.21 1.40 7.52
N THR A 25 -4.40 0.77 8.37
CA THR A 25 -3.08 1.27 8.69
C THR A 25 -1.99 0.34 8.17
N LEU A 26 -1.11 0.86 7.33
CA LEU A 26 -0.02 0.07 6.77
C LEU A 26 1.32 0.49 7.36
N THR A 27 2.18 -0.49 7.64
CA THR A 27 3.50 -0.22 8.20
C THR A 27 4.59 -0.94 7.41
N TRP A 28 5.73 -0.27 7.25
CA TRP A 28 6.85 -0.85 6.52
C TRP A 28 8.15 -0.16 6.90
N ASP A 29 9.25 -0.59 6.28
CA ASP A 29 10.56 -0.02 6.55
C ASP A 29 11.13 0.63 5.30
N SER A 30 11.98 1.64 5.49
CA SER A 30 12.60 2.35 4.37
C SER A 30 13.09 1.36 3.31
N GLY A 31 13.85 0.36 3.75
CA GLY A 31 14.37 -0.63 2.84
C GLY A 31 15.62 -0.16 2.12
N ASN A 32 15.60 1.09 1.64
CA ASN A 32 16.73 1.66 0.93
C ASN A 32 17.65 2.41 1.90
N SER A 33 18.93 2.47 1.56
CA SER A 33 19.91 3.17 2.40
C SER A 33 19.84 4.68 2.18
N GLU A 34 19.61 5.09 0.94
CA GLU A 34 19.52 6.50 0.60
C GLU A 34 18.08 7.00 0.72
N PRO A 35 17.91 8.23 1.21
CA PRO A 35 16.58 8.83 1.39
C PRO A 35 15.93 9.18 0.05
N VAL A 36 15.02 8.32 -0.40
CA VAL A 36 14.32 8.53 -1.65
C VAL A 36 13.44 9.77 -1.59
N THR A 37 12.89 10.16 -2.73
CA THR A 37 12.03 11.33 -2.81
C THR A 37 10.71 11.11 -2.06
N TYR A 38 10.02 10.04 -2.42
CA TYR A 38 8.74 9.71 -1.78
C TYR A 38 8.34 8.27 -2.10
N TYR A 39 7.35 7.77 -1.36
CA TYR A 39 6.87 6.41 -1.57
C TYR A 39 5.42 6.41 -2.03
N GLY A 40 5.12 5.59 -3.04
CA GLY A 40 3.77 5.52 -3.56
C GLY A 40 2.97 4.39 -2.93
N ILE A 41 1.65 4.45 -3.08
CA ILE A 41 0.77 3.43 -2.52
C ILE A 41 -0.32 3.04 -3.51
N GLN A 42 -0.42 1.76 -3.82
CA GLN A 42 -1.43 1.27 -4.74
C GLN A 42 -2.26 0.15 -4.11
N TYR A 43 -3.58 0.30 -4.17
CA TYR A 43 -4.49 -0.68 -3.59
C TYR A 43 -5.74 -0.83 -4.44
N ARG A 44 -6.39 -1.97 -4.33
CA ARG A 44 -7.61 -2.24 -5.10
C ARG A 44 -8.40 -3.39 -4.47
N ALA A 45 -9.73 -3.28 -4.51
CA ALA A 45 -10.59 -4.31 -3.96
C ALA A 45 -10.22 -5.69 -4.49
N ALA A 46 -9.69 -6.53 -3.61
CA ALA A 46 -9.29 -7.88 -3.99
C ALA A 46 -10.39 -8.58 -4.78
N GLY A 47 -10.13 -8.82 -6.06
CA GLY A 47 -11.11 -9.47 -6.91
C GLY A 47 -11.15 -8.90 -8.31
N THR A 48 -12.12 -8.04 -8.58
CA THR A 48 -12.26 -7.42 -9.89
C THR A 48 -10.93 -6.86 -10.37
N GLU A 49 -10.64 -7.05 -11.66
CA GLU A 49 -9.40 -6.57 -12.24
C GLU A 49 -9.54 -5.12 -12.71
N GLY A 50 -9.77 -4.22 -11.76
CA GLY A 50 -9.93 -2.82 -12.09
C GLY A 50 -8.66 -2.02 -11.88
N PRO A 51 -8.71 -0.71 -12.18
CA PRO A 51 -7.56 0.18 -12.03
C PRO A 51 -7.19 0.42 -10.57
N PHE A 52 -5.97 0.04 -10.19
CA PHE A 52 -5.49 0.21 -8.83
C PHE A 52 -5.26 1.69 -8.53
N GLN A 53 -5.74 2.13 -7.36
CA GLN A 53 -5.58 3.52 -6.95
C GLN A 53 -4.11 3.93 -6.96
N GLU A 54 -3.86 5.22 -6.85
CA GLU A 54 -2.49 5.74 -6.85
C GLU A 54 -2.36 6.90 -5.88
N VAL A 55 -1.41 6.80 -4.95
CA VAL A 55 -1.17 7.84 -3.96
C VAL A 55 0.31 8.24 -3.92
N ASP A 56 0.57 9.51 -4.16
CA ASP A 56 1.95 10.01 -4.15
C ASP A 56 2.10 11.14 -3.12
N GLY A 57 3.25 11.16 -2.45
CA GLY A 57 3.50 12.18 -1.46
C GLY A 57 3.64 11.60 -0.06
N VAL A 58 4.17 10.40 0.03
CA VAL A 58 4.37 9.73 1.32
C VAL A 58 5.84 9.69 1.70
N ALA A 59 6.29 10.73 2.40
CA ALA A 59 7.68 10.81 2.83
C ALA A 59 7.87 10.14 4.19
N THR A 60 7.11 9.08 4.44
CA THR A 60 7.20 8.35 5.70
C THR A 60 7.05 6.85 5.47
N THR A 61 7.43 6.07 6.48
CA THR A 61 7.34 4.62 6.39
C THR A 61 6.03 4.11 7.00
N ARG A 62 5.06 5.01 7.14
CA ARG A 62 3.76 4.66 7.70
C ARG A 62 2.66 5.53 7.12
N TYR A 63 1.61 4.90 6.60
CA TYR A 63 0.49 5.62 6.01
C TYR A 63 -0.81 4.85 6.20
N SER A 64 -1.91 5.58 6.35
CA SER A 64 -3.22 4.98 6.54
C SER A 64 -4.12 5.24 5.34
N ILE A 65 -4.78 4.18 4.86
CA ILE A 65 -5.67 4.29 3.72
C ILE A 65 -7.12 4.47 4.16
N GLY A 66 -7.85 5.32 3.45
CA GLY A 66 -9.24 5.56 3.79
C GLY A 66 -10.13 5.65 2.56
N GLY A 67 -11.42 5.40 2.75
CA GLY A 67 -12.36 5.46 1.64
C GLY A 67 -12.71 4.08 1.10
N LEU A 68 -12.67 3.09 1.97
CA LEU A 68 -12.99 1.71 1.58
C LEU A 68 -14.34 1.28 2.13
N SER A 69 -14.73 0.06 1.82
CA SER A 69 -16.01 -0.48 2.28
C SER A 69 -15.80 -1.46 3.42
N PRO A 70 -16.75 -1.48 4.38
CA PRO A 70 -16.69 -2.36 5.54
C PRO A 70 -16.93 -3.83 5.15
N PHE A 71 -16.11 -4.71 5.70
CA PHE A 71 -16.23 -6.14 5.42
C PHE A 71 -15.79 -6.45 3.99
N SER A 72 -14.69 -5.83 3.57
CA SER A 72 -14.17 -6.03 2.22
C SER A 72 -12.67 -6.35 2.26
N GLU A 73 -12.19 -7.04 1.23
CA GLU A 73 -10.78 -7.40 1.15
C GLU A 73 -10.05 -6.54 0.12
N TYR A 74 -8.92 -5.98 0.53
CA TYR A 74 -8.13 -5.13 -0.36
C TYR A 74 -6.65 -5.49 -0.27
N ALA A 75 -5.93 -5.30 -1.38
CA ALA A 75 -4.51 -5.61 -1.43
C ALA A 75 -3.68 -4.32 -1.48
N PHE A 76 -2.82 -4.14 -0.50
CA PHE A 76 -1.97 -2.95 -0.43
C PHE A 76 -0.54 -3.29 -0.87
N ARG A 77 0.17 -2.27 -1.34
CA ARG A 77 1.55 -2.45 -1.80
C ARG A 77 2.27 -1.11 -1.89
N VAL A 78 3.34 -0.96 -1.11
CA VAL A 78 4.11 0.27 -1.11
C VAL A 78 5.37 0.13 -1.98
N LEU A 79 5.84 1.26 -2.50
CA LEU A 79 7.02 1.27 -3.36
C LEU A 79 7.82 2.56 -3.17
N ALA A 80 9.14 2.46 -3.26
CA ALA A 80 10.00 3.61 -3.10
C ALA A 80 10.18 4.35 -4.43
N VAL A 81 10.26 5.67 -4.36
CA VAL A 81 10.43 6.50 -5.55
C VAL A 81 11.36 7.68 -5.27
N ASN A 82 12.27 7.93 -6.21
CA ASN A 82 13.22 9.03 -6.08
C ASN A 82 13.56 9.62 -7.45
N SER A 83 14.45 10.61 -7.44
CA SER A 83 14.87 11.26 -8.67
C SER A 83 14.90 10.26 -9.83
N ILE A 84 15.53 9.12 -9.59
CA ILE A 84 15.64 8.08 -10.61
C ILE A 84 14.26 7.66 -11.12
N GLY A 85 13.41 7.23 -10.20
CA GLY A 85 12.07 6.81 -10.57
C GLY A 85 11.40 5.98 -9.50
N ARG A 86 10.41 5.19 -9.88
CA ARG A 86 9.68 4.34 -8.94
C ARG A 86 10.06 2.87 -9.13
N GLY A 87 10.66 2.28 -8.11
CA GLY A 87 11.05 0.89 -8.18
C GLY A 87 9.87 -0.06 -8.11
N PRO A 88 10.16 -1.36 -8.06
CA PRO A 88 9.11 -2.40 -7.98
C PRO A 88 8.38 -2.39 -6.64
N PRO A 89 7.11 -2.83 -6.66
CA PRO A 89 6.28 -2.90 -5.46
C PRO A 89 6.74 -3.98 -4.48
N SER A 90 6.30 -3.87 -3.24
CA SER A 90 6.67 -4.84 -2.21
C SER A 90 5.63 -5.94 -2.10
N GLU A 91 5.98 -7.01 -1.39
CA GLU A 91 5.08 -8.14 -1.22
C GLU A 91 3.67 -7.65 -0.89
N ALA A 92 2.82 -7.60 -1.90
CA ALA A 92 1.45 -7.16 -1.73
C ALA A 92 0.79 -7.85 -0.53
N VAL A 93 0.18 -7.05 0.34
CA VAL A 93 -0.47 -7.59 1.54
C VAL A 93 -1.99 -7.46 1.43
N ARG A 94 -2.70 -8.48 1.90
CA ARG A 94 -4.15 -8.48 1.86
C ARG A 94 -4.73 -8.27 3.25
N ALA A 95 -5.54 -7.21 3.40
CA ALA A 95 -6.16 -6.90 4.67
C ALA A 95 -7.65 -6.63 4.51
N ARG A 96 -8.47 -7.35 5.26
CA ARG A 96 -9.92 -7.19 5.19
C ARG A 96 -10.40 -6.23 6.28
N THR A 97 -11.06 -5.16 5.86
CA THR A 97 -11.58 -4.16 6.79
C THR A 97 -12.68 -4.76 7.67
N GLY A 98 -12.82 -4.22 8.87
CA GLY A 98 -13.83 -4.71 9.79
C GLY A 98 -15.24 -4.39 9.32
N GLU A 99 -16.23 -4.91 10.02
CA GLU A 99 -17.63 -4.69 9.68
C GLU A 99 -18.35 -3.91 10.77
N GLN A 100 -18.07 -2.61 10.85
CA GLN A 100 -18.69 -1.75 11.85
C GLN A 100 -19.86 -0.97 11.25
N SER A 101 -19.55 -0.09 10.30
CA SER A 101 -20.56 0.73 9.66
C SER A 101 -21.20 -0.03 8.50
N GLY A 102 -21.61 -1.27 8.76
CA GLY A 102 -22.22 -2.08 7.73
C GLY A 102 -23.45 -1.42 7.13
N PRO A 103 -23.61 -1.54 5.81
CA PRO A 103 -24.75 -0.95 5.09
C PRO A 103 -26.06 -1.65 5.41
N SER A 104 -25.99 -2.96 5.63
CA SER A 104 -27.17 -3.75 5.94
C SER A 104 -27.11 -4.28 7.37
N SER A 105 -28.24 -4.82 7.84
CA SER A 105 -28.31 -5.36 9.19
C SER A 105 -28.11 -6.87 9.18
N GLY A 106 -27.10 -7.32 8.43
CA GLY A 106 -26.82 -8.74 8.34
C GLY A 106 -26.82 -9.26 6.92
N GLY A 1 9.01 -15.00 -11.38
CA GLY A 1 9.79 -13.92 -10.79
C GLY A 1 10.67 -13.24 -11.81
N SER A 2 11.20 -12.07 -11.45
CA SER A 2 12.07 -11.31 -12.34
C SER A 2 13.05 -10.46 -11.54
N SER A 3 14.34 -10.59 -11.87
CA SER A 3 15.37 -9.83 -11.18
C SER A 3 15.97 -8.77 -12.11
N GLY A 4 16.14 -7.56 -11.59
CA GLY A 4 16.70 -6.48 -12.37
C GLY A 4 15.68 -5.40 -12.67
N SER A 5 16.01 -4.16 -12.30
CA SER A 5 15.12 -3.03 -12.52
C SER A 5 15.84 -1.71 -12.29
N SER A 6 15.19 -0.61 -12.66
CA SER A 6 15.78 0.72 -12.50
C SER A 6 15.06 1.50 -11.40
N GLY A 7 15.81 2.36 -10.71
CA GLY A 7 15.21 3.15 -9.65
C GLY A 7 15.51 2.59 -8.27
N PRO A 8 14.79 3.07 -7.26
CA PRO A 8 14.96 2.63 -5.87
C PRO A 8 14.47 1.20 -5.66
N LYS A 9 14.68 0.67 -4.46
CA LYS A 9 14.27 -0.68 -4.13
C LYS A 9 12.96 -0.67 -3.34
N PRO A 10 12.21 -1.79 -3.41
CA PRO A 10 10.94 -1.93 -2.70
C PRO A 10 11.11 -2.02 -1.19
N PRO A 11 10.13 -1.50 -0.44
CA PRO A 11 10.16 -1.51 1.02
C PRO A 11 9.98 -2.92 1.59
N ILE A 12 10.28 -3.07 2.88
CA ILE A 12 10.16 -4.35 3.54
C ILE A 12 9.34 -4.24 4.82
N ASP A 13 9.19 -5.36 5.52
CA ASP A 13 8.42 -5.37 6.76
C ASP A 13 7.03 -4.77 6.56
N LEU A 14 6.42 -5.09 5.43
CA LEU A 14 5.08 -4.58 5.11
C LEU A 14 4.01 -5.38 5.85
N VAL A 15 3.38 -4.73 6.83
CA VAL A 15 2.32 -5.37 7.61
C VAL A 15 1.29 -4.35 8.06
N VAL A 16 0.11 -4.84 8.45
CA VAL A 16 -0.97 -3.98 8.91
C VAL A 16 -1.13 -4.07 10.42
N THR A 17 -1.25 -2.91 11.07
CA THR A 17 -1.42 -2.85 12.51
C THR A 17 -2.85 -2.48 12.89
N GLU A 18 -3.40 -1.50 12.20
CA GLU A 18 -4.76 -1.04 12.46
C GLU A 18 -5.63 -1.18 11.21
N THR A 19 -6.91 -1.51 11.42
CA THR A 19 -7.84 -1.66 10.32
C THR A 19 -9.21 -1.08 10.67
N THR A 20 -9.57 0.01 10.00
CA THR A 20 -10.84 0.66 10.24
C THR A 20 -11.90 0.19 9.26
N ALA A 21 -13.17 0.35 9.63
CA ALA A 21 -14.27 -0.07 8.77
C ALA A 21 -14.17 0.59 7.40
N THR A 22 -13.58 1.78 7.36
CA THR A 22 -13.44 2.51 6.10
C THR A 22 -12.02 3.04 5.95
N SER A 23 -11.09 2.49 6.72
CA SER A 23 -9.70 2.91 6.67
C SER A 23 -8.77 1.77 7.10
N VAL A 24 -7.47 1.96 6.90
CA VAL A 24 -6.48 0.95 7.27
C VAL A 24 -5.10 1.58 7.47
N THR A 25 -4.30 0.94 8.31
CA THR A 25 -2.95 1.44 8.60
C THR A 25 -1.89 0.45 8.14
N LEU A 26 -0.94 0.93 7.34
CA LEU A 26 0.13 0.09 6.83
C LEU A 26 1.47 0.48 7.45
N THR A 27 2.28 -0.52 7.79
CA THR A 27 3.59 -0.28 8.37
C THR A 27 4.69 -0.99 7.60
N TRP A 28 5.79 -0.29 7.38
CA TRP A 28 6.92 -0.87 6.65
C TRP A 28 8.20 -0.09 6.92
N ASP A 29 9.33 -0.61 6.42
CA ASP A 29 10.61 0.04 6.61
C ASP A 29 11.13 0.61 5.30
N SER A 30 11.97 1.65 5.39
CA SER A 30 12.53 2.29 4.21
C SER A 30 13.07 1.24 3.24
N GLY A 31 13.90 0.34 3.75
CA GLY A 31 14.48 -0.70 2.92
C GLY A 31 15.70 -0.22 2.16
N ASN A 32 15.77 1.09 1.92
CA ASN A 32 16.88 1.68 1.19
C ASN A 32 17.71 2.58 2.09
N SER A 33 18.86 3.03 1.59
CA SER A 33 19.74 3.91 2.36
C SER A 33 19.80 5.29 1.74
N GLU A 34 19.47 5.39 0.45
CA GLU A 34 19.48 6.66 -0.25
C GLU A 34 18.27 7.51 0.13
N PRO A 35 18.41 8.83 -0.01
CA PRO A 35 17.35 9.78 0.32
C PRO A 35 16.19 9.70 -0.67
N VAL A 36 15.21 8.85 -0.37
CA VAL A 36 14.05 8.69 -1.23
C VAL A 36 13.09 9.87 -1.10
N THR A 37 12.40 10.19 -2.18
CA THR A 37 11.45 11.30 -2.18
C THR A 37 10.17 10.92 -1.46
N TYR A 38 9.48 9.91 -1.97
CA TYR A 38 8.24 9.45 -1.37
C TYR A 38 7.95 7.99 -1.74
N TYR A 39 6.97 7.39 -1.08
CA TYR A 39 6.61 6.01 -1.33
C TYR A 39 5.15 5.90 -1.77
N GLY A 40 4.95 5.57 -3.04
CA GLY A 40 3.61 5.43 -3.57
C GLY A 40 2.87 4.24 -2.99
N ILE A 41 1.55 4.26 -3.09
CA ILE A 41 0.72 3.17 -2.56
C ILE A 41 -0.38 2.81 -3.54
N GLN A 42 -0.48 1.53 -3.88
CA GLN A 42 -1.51 1.05 -4.80
C GLN A 42 -2.40 0.01 -4.13
N TYR A 43 -3.71 0.25 -4.18
CA TYR A 43 -4.67 -0.67 -3.58
C TYR A 43 -5.93 -0.78 -4.43
N ARG A 44 -6.62 -1.91 -4.33
CA ARG A 44 -7.84 -2.14 -5.09
C ARG A 44 -8.67 -3.26 -4.46
N ALA A 45 -9.98 -3.17 -4.63
CA ALA A 45 -10.89 -4.17 -4.08
C ALA A 45 -10.55 -5.56 -4.59
N ALA A 46 -10.01 -6.40 -3.71
CA ALA A 46 -9.64 -7.76 -4.07
C ALA A 46 -10.83 -8.51 -4.66
N GLY A 47 -11.01 -8.39 -5.98
CA GLY A 47 -12.10 -9.05 -6.65
C GLY A 47 -12.45 -8.42 -7.97
N THR A 48 -12.60 -7.10 -7.98
CA THR A 48 -12.93 -6.37 -9.19
C THR A 48 -11.82 -6.47 -10.22
N GLU A 49 -12.10 -6.01 -11.44
CA GLU A 49 -11.11 -6.05 -12.51
C GLU A 49 -10.63 -4.65 -12.87
N GLY A 50 -11.27 -3.64 -12.27
CA GLY A 50 -10.91 -2.26 -12.53
C GLY A 50 -9.45 -1.98 -12.18
N PRO A 51 -9.01 -0.75 -12.48
CA PRO A 51 -7.63 -0.32 -12.21
C PRO A 51 -7.36 -0.17 -10.72
N PHE A 52 -6.08 -0.05 -10.37
CA PHE A 52 -5.68 0.10 -8.97
C PHE A 52 -5.43 1.57 -8.64
N GLN A 53 -5.84 1.98 -7.44
CA GLN A 53 -5.65 3.36 -7.00
C GLN A 53 -4.17 3.72 -6.97
N GLU A 54 -3.89 5.02 -6.84
CA GLU A 54 -2.52 5.50 -6.81
C GLU A 54 -2.39 6.71 -5.89
N VAL A 55 -1.53 6.59 -4.87
CA VAL A 55 -1.31 7.67 -3.92
C VAL A 55 0.15 8.10 -3.91
N ASP A 56 0.38 9.40 -4.10
CA ASP A 56 1.73 9.95 -4.11
C ASP A 56 1.86 11.09 -3.11
N GLY A 57 2.94 11.09 -2.35
CA GLY A 57 3.16 12.12 -1.36
C GLY A 57 3.36 11.57 0.03
N VAL A 58 3.94 10.38 0.13
CA VAL A 58 4.18 9.74 1.41
C VAL A 58 5.67 9.80 1.78
N ALA A 59 6.05 10.83 2.52
CA ALA A 59 7.42 11.00 2.95
C ALA A 59 7.68 10.31 4.28
N THR A 60 6.86 9.32 4.59
CA THR A 60 6.99 8.58 5.84
C THR A 60 6.97 7.07 5.60
N THR A 61 7.28 6.30 6.64
CA THR A 61 7.31 4.85 6.53
C THR A 61 5.95 4.26 6.91
N ARG A 62 5.08 5.09 7.47
CA ARG A 62 3.75 4.63 7.88
C ARG A 62 2.67 5.46 7.19
N TYR A 63 1.71 4.78 6.58
CA TYR A 63 0.61 5.44 5.88
C TYR A 63 -0.68 4.65 6.02
N SER A 64 -1.80 5.36 6.09
CA SER A 64 -3.11 4.73 6.23
C SER A 64 -3.96 4.99 5.00
N ILE A 65 -4.70 3.98 4.58
CA ILE A 65 -5.58 4.09 3.41
C ILE A 65 -7.03 4.21 3.82
N GLY A 66 -7.76 5.11 3.17
CA GLY A 66 -9.16 5.31 3.47
C GLY A 66 -10.03 5.30 2.24
N GLY A 67 -11.35 5.33 2.45
CA GLY A 67 -12.27 5.33 1.32
C GLY A 67 -12.64 3.93 0.88
N LEU A 68 -12.40 2.96 1.75
CA LEU A 68 -12.71 1.57 1.44
C LEU A 68 -14.07 1.16 2.02
N SER A 69 -14.52 -0.04 1.67
CA SER A 69 -15.80 -0.54 2.15
C SER A 69 -15.61 -1.47 3.34
N PRO A 70 -16.55 -1.40 4.31
CA PRO A 70 -16.50 -2.23 5.52
C PRO A 70 -16.76 -3.71 5.21
N PHE A 71 -15.93 -4.58 5.79
CA PHE A 71 -16.08 -6.01 5.59
C PHE A 71 -15.63 -6.41 4.18
N SER A 72 -14.65 -5.68 3.65
CA SER A 72 -14.14 -5.95 2.31
C SER A 72 -12.65 -6.29 2.36
N GLU A 73 -12.13 -6.83 1.26
CA GLU A 73 -10.73 -7.19 1.17
C GLU A 73 -10.01 -6.35 0.12
N TYR A 74 -8.85 -5.81 0.50
CA TYR A 74 -8.07 -4.98 -0.40
C TYR A 74 -6.59 -5.36 -0.35
N ALA A 75 -5.92 -5.26 -1.49
CA ALA A 75 -4.51 -5.59 -1.57
C ALA A 75 -3.64 -4.33 -1.59
N PHE A 76 -2.88 -4.13 -0.53
CA PHE A 76 -2.00 -2.96 -0.42
C PHE A 76 -0.59 -3.29 -0.88
N ARG A 77 0.13 -2.28 -1.36
CA ARG A 77 1.49 -2.46 -1.83
C ARG A 77 2.21 -1.11 -1.94
N VAL A 78 3.27 -0.94 -1.15
CA VAL A 78 4.04 0.29 -1.17
C VAL A 78 5.26 0.17 -2.07
N LEU A 79 5.79 1.31 -2.51
CA LEU A 79 6.96 1.32 -3.38
C LEU A 79 7.72 2.63 -3.24
N ALA A 80 9.04 2.53 -3.05
CA ALA A 80 9.88 3.71 -2.90
C ALA A 80 9.98 4.48 -4.21
N VAL A 81 10.01 5.81 -4.11
CA VAL A 81 10.10 6.66 -5.29
C VAL A 81 11.03 7.85 -5.04
N ASN A 82 11.79 8.21 -6.07
CA ASN A 82 12.72 9.33 -5.96
C ASN A 82 12.95 9.99 -7.31
N SER A 83 13.81 10.99 -7.35
CA SER A 83 14.12 11.70 -8.58
C SER A 83 14.10 10.74 -9.77
N ILE A 84 14.83 9.64 -9.64
CA ILE A 84 14.90 8.64 -10.70
C ILE A 84 13.51 8.20 -11.13
N GLY A 85 12.75 7.66 -10.18
CA GLY A 85 11.41 7.19 -10.48
C GLY A 85 10.85 6.31 -9.39
N ARG A 86 9.70 5.68 -9.66
CA ARG A 86 9.06 4.81 -8.69
C ARG A 86 9.49 3.37 -8.89
N GLY A 87 9.93 2.72 -7.81
CA GLY A 87 10.38 1.34 -7.89
C GLY A 87 9.22 0.37 -7.90
N PRO A 88 9.54 -0.93 -7.90
CA PRO A 88 8.53 -1.99 -7.92
C PRO A 88 7.76 -2.08 -6.61
N PRO A 89 6.51 -2.56 -6.69
CA PRO A 89 5.64 -2.70 -5.52
C PRO A 89 6.10 -3.81 -4.59
N SER A 90 6.31 -3.48 -3.32
CA SER A 90 6.75 -4.44 -2.33
C SER A 90 5.77 -5.60 -2.21
N GLU A 91 6.16 -6.63 -1.47
CA GLU A 91 5.31 -7.80 -1.28
C GLU A 91 3.88 -7.39 -0.94
N ALA A 92 3.05 -7.28 -1.97
CA ALA A 92 1.65 -6.90 -1.78
C ALA A 92 1.02 -7.67 -0.62
N VAL A 93 0.29 -6.96 0.23
CA VAL A 93 -0.36 -7.58 1.38
C VAL A 93 -1.87 -7.41 1.31
N ARG A 94 -2.60 -8.44 1.72
CA ARG A 94 -4.05 -8.41 1.71
C ARG A 94 -4.62 -8.26 3.11
N ALA A 95 -5.42 -7.22 3.32
CA ALA A 95 -6.01 -6.96 4.62
C ALA A 95 -7.49 -6.61 4.48
N ARG A 96 -8.34 -7.30 5.24
CA ARG A 96 -9.78 -7.06 5.20
C ARG A 96 -10.18 -6.02 6.23
N THR A 97 -10.86 -4.96 5.78
CA THR A 97 -11.30 -3.90 6.67
C THR A 97 -12.49 -4.35 7.52
N GLY A 98 -12.62 -3.75 8.70
CA GLY A 98 -13.71 -4.11 9.58
C GLY A 98 -15.08 -3.84 8.96
N GLU A 99 -16.12 -4.35 9.60
CA GLU A 99 -17.48 -4.17 9.10
C GLU A 99 -18.12 -2.92 9.71
N GLN A 100 -19.30 -2.58 9.22
CA GLN A 100 -20.02 -1.41 9.72
C GLN A 100 -21.53 -1.59 9.57
N SER A 101 -22.30 -0.68 10.16
CA SER A 101 -23.75 -0.74 10.09
C SER A 101 -24.28 0.21 9.02
N GLY A 102 -23.56 0.30 7.91
CA GLY A 102 -23.98 1.16 6.82
C GLY A 102 -24.82 0.45 5.80
N PRO A 103 -24.17 -0.35 4.93
CA PRO A 103 -24.84 -1.11 3.88
C PRO A 103 -25.67 -2.26 4.44
N SER A 104 -26.88 -1.93 4.90
CA SER A 104 -27.78 -2.93 5.47
C SER A 104 -28.94 -3.21 4.53
N SER A 105 -29.14 -4.48 4.21
CA SER A 105 -30.22 -4.88 3.31
C SER A 105 -31.55 -4.33 3.79
N GLY A 106 -31.84 -4.49 5.08
CA GLY A 106 -33.07 -4.00 5.64
C GLY A 106 -32.95 -2.59 6.19
N GLY A 1 22.65 -14.81 -12.45
CA GLY A 1 23.06 -13.42 -12.44
C GLY A 1 21.88 -12.47 -12.32
N SER A 2 22.18 -11.17 -12.27
CA SER A 2 21.13 -10.16 -12.14
C SER A 2 21.10 -9.27 -13.38
N SER A 3 20.00 -8.53 -13.54
CA SER A 3 19.85 -7.64 -14.68
C SER A 3 20.09 -6.19 -14.27
N GLY A 4 21.16 -5.97 -13.50
CA GLY A 4 21.48 -4.63 -13.06
C GLY A 4 20.52 -4.12 -12.00
N SER A 5 20.37 -2.80 -11.93
CA SER A 5 19.48 -2.18 -10.95
C SER A 5 18.78 -0.97 -11.55
N SER A 6 17.45 -0.95 -11.46
CA SER A 6 16.66 0.15 -12.00
C SER A 6 15.92 0.87 -10.89
N GLY A 7 16.24 2.15 -10.70
CA GLY A 7 15.59 2.94 -9.66
C GLY A 7 15.82 2.37 -8.28
N PRO A 8 15.03 2.85 -7.31
CA PRO A 8 15.13 2.39 -5.92
C PRO A 8 14.63 0.95 -5.74
N LYS A 9 14.62 0.50 -4.50
CA LYS A 9 14.17 -0.86 -4.19
C LYS A 9 12.84 -0.84 -3.45
N PRO A 10 12.11 -1.96 -3.51
CA PRO A 10 10.80 -2.10 -2.85
C PRO A 10 10.92 -2.15 -1.34
N PRO A 11 9.90 -1.62 -0.65
CA PRO A 11 9.86 -1.59 0.82
C PRO A 11 9.69 -2.98 1.42
N ILE A 12 10.10 -3.13 2.68
CA ILE A 12 9.99 -4.42 3.37
C ILE A 12 9.17 -4.27 4.65
N ASP A 13 8.91 -5.40 5.30
CA ASP A 13 8.14 -5.40 6.54
C ASP A 13 6.75 -4.83 6.31
N LEU A 14 6.16 -5.14 5.17
CA LEU A 14 4.83 -4.64 4.82
C LEU A 14 3.76 -5.34 5.65
N VAL A 15 3.26 -4.67 6.68
CA VAL A 15 2.23 -5.24 7.54
C VAL A 15 1.27 -4.16 8.03
N VAL A 16 0.04 -4.55 8.30
CA VAL A 16 -0.99 -3.63 8.78
C VAL A 16 -1.16 -3.74 10.29
N THR A 17 -1.04 -2.61 10.98
CA THR A 17 -1.19 -2.59 12.43
C THR A 17 -2.65 -2.40 12.82
N GLU A 18 -3.32 -1.45 12.17
CA GLU A 18 -4.72 -1.17 12.45
C GLU A 18 -5.57 -1.29 11.19
N THR A 19 -6.83 -1.66 11.36
CA THR A 19 -7.75 -1.79 10.24
C THR A 19 -9.14 -1.27 10.58
N THR A 20 -9.51 -0.16 9.95
CA THR A 20 -10.81 0.45 10.19
C THR A 20 -11.85 -0.05 9.19
N ALA A 21 -13.12 0.22 9.47
CA ALA A 21 -14.20 -0.20 8.59
C ALA A 21 -14.11 0.51 7.24
N THR A 22 -13.60 1.74 7.26
CA THR A 22 -13.47 2.53 6.04
C THR A 22 -12.04 3.05 5.88
N SER A 23 -11.12 2.50 6.66
CA SER A 23 -9.72 2.91 6.61
C SER A 23 -8.81 1.77 7.05
N VAL A 24 -7.50 1.98 6.90
CA VAL A 24 -6.51 0.99 7.28
C VAL A 24 -5.15 1.62 7.52
N THR A 25 -4.34 0.99 8.37
CA THR A 25 -3.02 1.49 8.69
C THR A 25 -1.94 0.48 8.31
N LEU A 26 -1.15 0.83 7.29
CA LEU A 26 -0.09 -0.05 6.83
C LEU A 26 1.29 0.52 7.18
N THR A 27 2.21 -0.37 7.56
CA THR A 27 3.56 0.06 7.93
C THR A 27 4.60 -0.71 7.14
N TRP A 28 5.84 -0.23 7.17
CA TRP A 28 6.94 -0.88 6.46
C TRP A 28 8.27 -0.19 6.77
N ASP A 29 9.35 -0.77 6.27
CA ASP A 29 10.69 -0.22 6.49
C ASP A 29 11.21 0.45 5.22
N SER A 30 12.11 1.42 5.40
CA SER A 30 12.69 2.14 4.28
C SER A 30 13.19 1.17 3.20
N GLY A 31 13.95 0.16 3.64
CA GLY A 31 14.48 -0.81 2.70
C GLY A 31 15.70 -0.31 1.97
N ASN A 32 15.65 0.95 1.53
CA ASN A 32 16.77 1.55 0.81
C ASN A 32 17.66 2.34 1.75
N SER A 33 18.88 2.64 1.30
CA SER A 33 19.83 3.38 2.10
C SER A 33 19.86 4.86 1.69
N GLU A 34 19.56 5.11 0.42
CA GLU A 34 19.55 6.47 -0.11
C GLU A 34 18.29 7.22 0.33
N PRO A 35 18.39 8.55 0.44
CA PRO A 35 17.27 9.40 0.84
C PRO A 35 16.18 9.47 -0.23
N VAL A 36 15.24 8.53 -0.17
CA VAL A 36 14.15 8.48 -1.14
C VAL A 36 13.27 9.73 -1.03
N THR A 37 12.57 10.05 -2.11
CA THR A 37 11.70 11.22 -2.14
C THR A 37 10.37 10.92 -1.44
N TYR A 38 9.73 9.84 -1.85
CA TYR A 38 8.45 9.45 -1.27
C TYR A 38 8.09 8.02 -1.65
N TYR A 39 7.11 7.45 -0.95
CA TYR A 39 6.66 6.09 -1.21
C TYR A 39 5.19 6.06 -1.59
N GLY A 40 4.89 5.53 -2.78
CA GLY A 40 3.52 5.45 -3.22
C GLY A 40 2.80 4.22 -2.68
N ILE A 41 1.47 4.25 -2.73
CA ILE A 41 0.67 3.14 -2.24
C ILE A 41 -0.43 2.77 -3.24
N GLN A 42 -0.49 1.48 -3.60
CA GLN A 42 -1.48 1.01 -4.54
C GLN A 42 -2.40 -0.03 -3.89
N TYR A 43 -3.70 0.13 -4.11
CA TYR A 43 -4.68 -0.79 -3.53
C TYR A 43 -5.93 -0.87 -4.40
N ARG A 44 -6.49 -2.07 -4.52
CA ARG A 44 -7.69 -2.28 -5.32
C ARG A 44 -8.50 -3.45 -4.79
N ALA A 45 -9.83 -3.30 -4.80
CA ALA A 45 -10.72 -4.35 -4.31
C ALA A 45 -10.21 -5.73 -4.71
N ALA A 46 -10.07 -6.60 -3.72
CA ALA A 46 -9.60 -7.96 -3.96
C ALA A 46 -10.65 -8.79 -4.68
N GLY A 47 -10.67 -8.68 -6.01
CA GLY A 47 -11.64 -9.43 -6.80
C GLY A 47 -11.76 -8.89 -8.21
N THR A 48 -11.90 -7.58 -8.35
CA THR A 48 -12.03 -6.95 -9.66
C THR A 48 -10.67 -6.67 -10.26
N GLU A 49 -10.52 -6.95 -11.55
CA GLU A 49 -9.27 -6.72 -12.26
C GLU A 49 -9.32 -5.42 -13.05
N GLY A 50 -9.29 -4.30 -12.34
CA GLY A 50 -9.33 -3.01 -12.99
C GLY A 50 -8.17 -2.13 -12.61
N PRO A 51 -8.31 -0.81 -12.82
CA PRO A 51 -7.27 0.17 -12.50
C PRO A 51 -7.06 0.33 -10.99
N PHE A 52 -5.85 0.01 -10.53
CA PHE A 52 -5.53 0.12 -9.12
C PHE A 52 -5.28 1.57 -8.72
N GLN A 53 -5.66 1.93 -7.50
CA GLN A 53 -5.47 3.29 -7.01
C GLN A 53 -3.99 3.58 -6.77
N GLU A 54 -3.64 4.86 -6.77
CA GLU A 54 -2.25 5.27 -6.55
C GLU A 54 -2.19 6.52 -5.68
N VAL A 55 -1.45 6.44 -4.58
CA VAL A 55 -1.32 7.56 -3.67
C VAL A 55 0.13 8.06 -3.62
N ASP A 56 0.31 9.35 -3.89
CA ASP A 56 1.64 9.95 -3.88
C ASP A 56 1.72 11.07 -2.85
N GLY A 57 2.88 11.16 -2.18
CA GLY A 57 3.06 12.19 -1.17
C GLY A 57 3.20 11.60 0.23
N VAL A 58 3.91 10.49 0.33
CA VAL A 58 4.12 9.84 1.62
C VAL A 58 5.60 9.86 2.01
N ALA A 59 5.98 10.82 2.84
CA ALA A 59 7.36 10.95 3.28
C ALA A 59 7.56 10.27 4.63
N THR A 60 6.83 9.17 4.85
CA THR A 60 6.93 8.43 6.10
C THR A 60 6.90 6.93 5.84
N THR A 61 7.27 6.15 6.85
CA THR A 61 7.28 4.70 6.74
C THR A 61 5.92 4.11 7.05
N ARG A 62 5.08 4.89 7.72
CA ARG A 62 3.73 4.45 8.08
C ARG A 62 2.68 5.30 7.39
N TYR A 63 1.71 4.64 6.75
CA TYR A 63 0.64 5.35 6.06
C TYR A 63 -0.68 4.61 6.21
N SER A 64 -1.78 5.34 6.08
CA SER A 64 -3.11 4.76 6.19
C SER A 64 -3.95 5.06 4.95
N ILE A 65 -4.79 4.10 4.57
CA ILE A 65 -5.65 4.26 3.41
C ILE A 65 -7.09 4.48 3.82
N GLY A 66 -7.80 5.33 3.06
CA GLY A 66 -9.19 5.61 3.37
C GLY A 66 -10.07 5.57 2.13
N GLY A 67 -11.38 5.55 2.35
CA GLY A 67 -12.31 5.51 1.23
C GLY A 67 -12.63 4.10 0.80
N LEU A 68 -12.57 3.16 1.74
CA LEU A 68 -12.85 1.76 1.44
C LEU A 68 -14.21 1.35 2.02
N SER A 69 -14.62 0.11 1.73
CA SER A 69 -15.89 -0.40 2.22
C SER A 69 -15.69 -1.31 3.41
N PRO A 70 -16.66 -1.29 4.34
CA PRO A 70 -16.61 -2.11 5.55
C PRO A 70 -16.79 -3.59 5.26
N PHE A 71 -15.92 -4.43 5.84
CA PHE A 71 -15.99 -5.87 5.64
C PHE A 71 -15.57 -6.23 4.21
N SER A 72 -14.48 -5.64 3.75
CA SER A 72 -13.97 -5.90 2.41
C SER A 72 -12.48 -6.22 2.44
N GLU A 73 -12.00 -6.88 1.39
CA GLU A 73 -10.59 -7.24 1.30
C GLU A 73 -9.90 -6.46 0.20
N TYR A 74 -8.70 -5.95 0.50
CA TYR A 74 -7.93 -5.17 -0.47
C TYR A 74 -6.45 -5.51 -0.38
N ALA A 75 -5.75 -5.36 -1.50
CA ALA A 75 -4.32 -5.65 -1.55
C ALA A 75 -3.50 -4.36 -1.51
N PHE A 76 -2.80 -4.15 -0.40
CA PHE A 76 -1.98 -2.95 -0.23
C PHE A 76 -0.53 -3.24 -0.59
N ARG A 77 0.14 -2.26 -1.18
CA ARG A 77 1.53 -2.41 -1.58
C ARG A 77 2.22 -1.05 -1.65
N VAL A 78 3.39 -0.95 -1.01
CA VAL A 78 4.16 0.29 -1.01
C VAL A 78 5.37 0.20 -1.93
N LEU A 79 5.77 1.33 -2.49
CA LEU A 79 6.92 1.38 -3.39
C LEU A 79 7.69 2.68 -3.21
N ALA A 80 9.01 2.59 -3.23
CA ALA A 80 9.87 3.76 -3.08
C ALA A 80 9.97 4.53 -4.39
N VAL A 81 10.01 5.87 -4.27
CA VAL A 81 10.10 6.72 -5.45
C VAL A 81 11.04 7.90 -5.19
N ASN A 82 11.88 8.19 -6.17
CA ASN A 82 12.84 9.29 -6.06
C ASN A 82 13.18 9.87 -7.43
N SER A 83 14.11 10.81 -7.46
CA SER A 83 14.53 11.45 -8.70
C SER A 83 14.50 10.44 -9.85
N ILE A 84 14.96 9.23 -9.59
CA ILE A 84 15.00 8.18 -10.60
C ILE A 84 13.58 7.83 -11.06
N GLY A 85 12.75 7.39 -10.12
CA GLY A 85 11.39 7.03 -10.45
C GLY A 85 10.78 6.08 -9.44
N ARG A 86 9.56 5.64 -9.70
CA ARG A 86 8.86 4.72 -8.81
C ARG A 86 9.31 3.28 -9.04
N GLY A 87 9.96 2.69 -8.05
CA GLY A 87 10.43 1.32 -8.17
C GLY A 87 9.30 0.31 -8.09
N PRO A 88 9.66 -0.97 -8.08
CA PRO A 88 8.68 -2.07 -7.99
C PRO A 88 8.01 -2.14 -6.63
N PRO A 89 6.74 -2.59 -6.62
CA PRO A 89 5.96 -2.71 -5.39
C PRO A 89 6.47 -3.83 -4.49
N SER A 90 6.18 -3.73 -3.19
CA SER A 90 6.61 -4.74 -2.23
C SER A 90 5.60 -5.87 -2.15
N GLU A 91 5.96 -6.93 -1.42
CA GLU A 91 5.09 -8.09 -1.27
C GLU A 91 3.66 -7.65 -0.97
N ALA A 92 2.82 -7.68 -2.01
CA ALA A 92 1.41 -7.29 -1.86
C ALA A 92 0.78 -7.96 -0.65
N VAL A 93 0.18 -7.16 0.22
CA VAL A 93 -0.47 -7.67 1.41
C VAL A 93 -1.98 -7.50 1.34
N ARG A 94 -2.71 -8.49 1.86
CA ARG A 94 -4.16 -8.45 1.85
C ARG A 94 -4.70 -8.23 3.25
N ALA A 95 -5.46 -7.14 3.43
CA ALA A 95 -6.05 -6.81 4.71
C ALA A 95 -7.55 -6.57 4.59
N ARG A 96 -8.33 -7.30 5.38
CA ARG A 96 -9.79 -7.15 5.35
C ARG A 96 -10.24 -6.07 6.33
N THR A 97 -10.82 -5.00 5.79
CA THR A 97 -11.30 -3.90 6.61
C THR A 97 -12.42 -4.35 7.54
N GLY A 98 -12.62 -3.61 8.62
CA GLY A 98 -13.66 -3.94 9.58
C GLY A 98 -15.06 -3.74 9.02
N GLU A 99 -16.06 -4.24 9.72
CA GLU A 99 -17.45 -4.10 9.29
C GLU A 99 -18.10 -2.88 9.94
N GLN A 100 -19.12 -2.34 9.26
CA GLN A 100 -19.82 -1.17 9.77
C GLN A 100 -21.34 -1.34 9.62
N SER A 101 -22.09 -0.58 10.40
CA SER A 101 -23.55 -0.64 10.35
C SER A 101 -24.10 0.21 9.21
N GLY A 102 -23.80 -0.18 7.98
CA GLY A 102 -24.27 0.56 6.83
C GLY A 102 -23.81 2.00 6.84
N PRO A 103 -22.61 2.25 6.29
CA PRO A 103 -22.03 3.59 6.23
C PRO A 103 -22.77 4.50 5.25
N SER A 104 -23.45 5.51 5.80
CA SER A 104 -24.21 6.45 4.97
C SER A 104 -24.39 7.78 5.71
N SER A 105 -24.24 8.87 4.98
CA SER A 105 -24.38 10.21 5.56
C SER A 105 -25.27 11.08 4.66
N GLY A 106 -26.02 11.99 5.30
CA GLY A 106 -26.88 12.87 4.55
C GLY A 106 -26.22 14.19 4.21
N GLY A 1 16.37 -15.36 -15.80
CA GLY A 1 15.83 -14.33 -14.94
C GLY A 1 16.35 -12.94 -15.30
N SER A 2 15.79 -11.93 -14.65
CA SER A 2 16.19 -10.55 -14.91
C SER A 2 17.06 -10.01 -13.77
N SER A 3 18.09 -9.26 -14.14
CA SER A 3 19.00 -8.69 -13.15
C SER A 3 19.32 -7.23 -13.48
N GLY A 4 19.37 -6.40 -12.44
CA GLY A 4 19.67 -4.99 -12.63
C GLY A 4 18.79 -4.09 -11.78
N SER A 5 19.40 -3.52 -10.74
CA SER A 5 18.67 -2.63 -9.84
C SER A 5 18.57 -1.22 -10.43
N SER A 6 17.53 -0.98 -11.20
CA SER A 6 17.31 0.32 -11.83
C SER A 6 16.47 1.22 -10.93
N GLY A 7 17.14 1.95 -10.04
CA GLY A 7 16.44 2.84 -9.14
C GLY A 7 16.51 2.38 -7.69
N PRO A 8 15.61 2.91 -6.86
CA PRO A 8 15.56 2.57 -5.43
C PRO A 8 15.08 1.14 -5.19
N LYS A 9 15.02 0.73 -3.93
CA LYS A 9 14.59 -0.61 -3.58
C LYS A 9 13.23 -0.58 -2.89
N PRO A 10 12.48 -1.69 -2.98
CA PRO A 10 11.15 -1.81 -2.36
C PRO A 10 11.22 -1.87 -0.85
N PRO A 11 10.18 -1.34 -0.18
CA PRO A 11 10.11 -1.33 1.29
C PRO A 11 9.90 -2.73 1.87
N ILE A 12 10.27 -2.89 3.13
CA ILE A 12 10.11 -4.18 3.81
C ILE A 12 9.26 -4.04 5.06
N ASP A 13 9.09 -5.15 5.78
CA ASP A 13 8.29 -5.16 7.00
C ASP A 13 6.88 -4.66 6.73
N LEU A 14 6.37 -4.94 5.54
CA LEU A 14 5.02 -4.52 5.16
C LEU A 14 3.97 -5.32 5.92
N VAL A 15 3.44 -4.75 6.99
CA VAL A 15 2.42 -5.41 7.79
C VAL A 15 1.30 -4.44 8.17
N VAL A 16 0.12 -4.98 8.44
CA VAL A 16 -1.03 -4.16 8.82
C VAL A 16 -1.23 -4.17 10.32
N THR A 17 -1.03 -3.02 10.95
CA THR A 17 -1.18 -2.88 12.39
C THR A 17 -2.65 -2.69 12.76
N GLU A 18 -3.28 -1.71 12.12
CA GLU A 18 -4.68 -1.41 12.39
C GLU A 18 -5.52 -1.56 11.12
N THR A 19 -6.79 -1.94 11.29
CA THR A 19 -7.70 -2.13 10.17
C THR A 19 -9.09 -1.60 10.49
N THR A 20 -9.48 -0.52 9.82
CA THR A 20 -10.79 0.08 10.03
C THR A 20 -11.78 -0.35 8.96
N ALA A 21 -13.07 -0.24 9.27
CA ALA A 21 -14.11 -0.63 8.33
C ALA A 21 -13.88 0.02 6.97
N THR A 22 -13.66 1.33 6.96
CA THR A 22 -13.42 2.06 5.72
C THR A 22 -12.03 2.68 5.70
N SER A 23 -11.10 2.05 6.42
CA SER A 23 -9.72 2.52 6.47
C SER A 23 -8.79 1.42 6.94
N VAL A 24 -7.49 1.62 6.72
CA VAL A 24 -6.48 0.64 7.12
C VAL A 24 -5.14 1.30 7.36
N THR A 25 -4.32 0.68 8.21
CA THR A 25 -3.00 1.21 8.52
C THR A 25 -1.90 0.27 8.08
N LEU A 26 -0.96 0.79 7.29
CA LEU A 26 0.15 -0.02 6.79
C LEU A 26 1.48 0.44 7.39
N THR A 27 2.35 -0.51 7.70
CA THR A 27 3.65 -0.20 8.28
C THR A 27 4.77 -0.92 7.55
N TRP A 28 5.85 -0.20 7.27
CA TRP A 28 6.98 -0.77 6.57
C TRP A 28 8.26 0.01 6.87
N ASP A 29 9.37 -0.42 6.28
CA ASP A 29 10.66 0.24 6.49
C ASP A 29 11.23 0.74 5.16
N SER A 30 12.17 1.67 5.24
CA SER A 30 12.79 2.23 4.05
C SER A 30 13.17 1.13 3.06
N GLY A 31 13.88 0.12 3.57
CA GLY A 31 14.30 -0.99 2.71
C GLY A 31 15.56 -0.67 1.93
N ASN A 32 15.60 0.52 1.33
CA ASN A 32 16.76 0.94 0.56
C ASN A 32 17.79 1.63 1.44
N SER A 33 19.03 1.70 0.95
CA SER A 33 20.11 2.32 1.71
C SER A 33 19.82 3.80 1.94
N GLU A 34 19.78 4.58 0.85
CA GLU A 34 19.52 6.01 0.95
C GLU A 34 18.03 6.29 0.85
N PRO A 35 17.58 7.33 1.57
CA PRO A 35 16.17 7.73 1.59
C PRO A 35 15.71 8.32 0.26
N VAL A 36 14.63 7.78 -0.28
CA VAL A 36 14.10 8.27 -1.56
C VAL A 36 13.23 9.51 -1.35
N THR A 37 12.70 10.04 -2.45
CA THR A 37 11.86 11.22 -2.40
C THR A 37 10.54 10.93 -1.70
N TYR A 38 9.85 9.88 -2.14
CA TYR A 38 8.58 9.50 -1.55
C TYR A 38 8.26 8.04 -1.86
N TYR A 39 7.27 7.49 -1.15
CA TYR A 39 6.86 6.11 -1.35
C TYR A 39 5.40 6.02 -1.77
N GLY A 40 5.16 5.55 -2.99
CA GLY A 40 3.81 5.43 -3.49
C GLY A 40 3.06 4.27 -2.87
N ILE A 41 1.77 4.18 -3.14
CA ILE A 41 0.94 3.11 -2.61
C ILE A 41 -0.24 2.82 -3.52
N GLN A 42 -0.47 1.54 -3.80
CA GLN A 42 -1.58 1.14 -4.67
C GLN A 42 -2.51 0.16 -3.94
N TYR A 43 -3.81 0.34 -4.13
CA TYR A 43 -4.80 -0.52 -3.49
C TYR A 43 -6.07 -0.60 -4.32
N ARG A 44 -6.70 -1.77 -4.33
CA ARG A 44 -7.93 -1.97 -5.08
C ARG A 44 -8.69 -3.19 -4.57
N ALA A 45 -10.00 -3.18 -4.76
CA ALA A 45 -10.85 -4.28 -4.31
C ALA A 45 -10.22 -5.63 -4.67
N ALA A 46 -9.94 -6.43 -3.64
CA ALA A 46 -9.34 -7.74 -3.84
C ALA A 46 -10.14 -8.56 -4.84
N GLY A 47 -9.47 -9.02 -5.90
CA GLY A 47 -10.14 -9.82 -6.92
C GLY A 47 -9.94 -9.26 -8.31
N THR A 48 -10.84 -8.38 -8.74
CA THR A 48 -10.75 -7.77 -10.07
C THR A 48 -9.32 -7.40 -10.41
N GLU A 49 -8.94 -7.61 -11.67
CA GLU A 49 -7.59 -7.31 -12.12
C GLU A 49 -7.56 -5.97 -12.87
N GLY A 50 -8.29 -5.00 -12.34
CA GLY A 50 -8.34 -3.69 -12.97
C GLY A 50 -7.23 -2.77 -12.50
N PRO A 51 -7.32 -1.48 -12.84
CA PRO A 51 -6.32 -0.48 -12.45
C PRO A 51 -6.34 -0.19 -10.95
N PHE A 52 -5.26 -0.57 -10.27
CA PHE A 52 -5.15 -0.34 -8.83
C PHE A 52 -4.91 1.13 -8.52
N GLN A 53 -5.50 1.61 -7.44
CA GLN A 53 -5.36 2.99 -7.02
C GLN A 53 -3.89 3.41 -7.02
N GLU A 54 -3.65 4.69 -6.79
CA GLU A 54 -2.29 5.22 -6.75
C GLU A 54 -2.21 6.46 -5.88
N VAL A 55 -1.28 6.46 -4.92
CA VAL A 55 -1.10 7.59 -4.03
C VAL A 55 0.36 8.02 -3.97
N ASP A 56 0.60 9.29 -4.24
CA ASP A 56 1.96 9.84 -4.23
C ASP A 56 2.06 11.00 -3.25
N GLY A 57 3.19 11.06 -2.53
CA GLY A 57 3.40 12.12 -1.56
C GLY A 57 3.47 11.60 -0.14
N VAL A 58 4.12 10.45 0.03
CA VAL A 58 4.27 9.84 1.35
C VAL A 58 5.73 9.81 1.78
N ALA A 59 6.18 10.89 2.41
CA ALA A 59 7.55 11.00 2.87
C ALA A 59 7.72 10.34 4.25
N THR A 60 6.97 9.27 4.47
CA THR A 60 7.03 8.56 5.75
C THR A 60 6.96 7.05 5.54
N THR A 61 7.42 6.30 6.52
CA THR A 61 7.41 4.84 6.45
C THR A 61 6.10 4.27 7.00
N ARG A 62 5.11 5.14 7.18
CA ARG A 62 3.82 4.71 7.71
C ARG A 62 2.70 5.58 7.14
N TYR A 63 1.70 4.93 6.55
CA TYR A 63 0.57 5.64 5.97
C TYR A 63 -0.70 4.80 6.05
N SER A 64 -1.84 5.47 6.15
CA SER A 64 -3.13 4.80 6.25
C SER A 64 -3.98 5.08 5.02
N ILE A 65 -4.75 4.08 4.60
CA ILE A 65 -5.62 4.22 3.44
C ILE A 65 -7.08 4.32 3.85
N GLY A 66 -7.84 5.15 3.13
CA GLY A 66 -9.24 5.32 3.45
C GLY A 66 -10.12 5.27 2.21
N GLY A 67 -11.43 5.22 2.42
CA GLY A 67 -12.36 5.16 1.30
C GLY A 67 -12.67 3.74 0.87
N LEU A 68 -12.58 2.81 1.82
CA LEU A 68 -12.85 1.40 1.53
C LEU A 68 -14.20 0.98 2.10
N SER A 69 -14.69 -0.18 1.66
CA SER A 69 -15.97 -0.69 2.13
C SER A 69 -15.77 -1.61 3.34
N PRO A 70 -16.76 -1.59 4.25
CA PRO A 70 -16.72 -2.42 5.46
C PRO A 70 -16.89 -3.90 5.17
N PHE A 71 -16.12 -4.73 5.86
CA PHE A 71 -16.19 -6.17 5.67
C PHE A 71 -15.73 -6.56 4.27
N SER A 72 -14.86 -5.73 3.69
CA SER A 72 -14.35 -5.97 2.35
C SER A 72 -12.87 -6.34 2.39
N GLU A 73 -12.36 -6.83 1.27
CA GLU A 73 -10.95 -7.23 1.17
C GLU A 73 -10.21 -6.37 0.15
N TYR A 74 -9.07 -5.84 0.55
CA TYR A 74 -8.26 -5.01 -0.32
C TYR A 74 -6.79 -5.40 -0.25
N ALA A 75 -6.06 -5.12 -1.33
CA ALA A 75 -4.64 -5.44 -1.39
C ALA A 75 -3.79 -4.17 -1.43
N PHE A 76 -2.97 -3.98 -0.40
CA PHE A 76 -2.11 -2.81 -0.32
C PHE A 76 -0.70 -3.13 -0.78
N ARG A 77 0.03 -2.12 -1.23
CA ARG A 77 1.39 -2.29 -1.70
C ARG A 77 2.13 -0.96 -1.76
N VAL A 78 3.27 -0.89 -1.09
CA VAL A 78 4.06 0.34 -1.07
C VAL A 78 5.33 0.19 -1.93
N LEU A 79 5.78 1.29 -2.51
CA LEU A 79 6.97 1.29 -3.35
C LEU A 79 7.78 2.56 -3.15
N ALA A 80 9.09 2.46 -3.35
CA ALA A 80 9.98 3.61 -3.20
C ALA A 80 10.09 4.38 -4.50
N VAL A 81 10.21 5.71 -4.39
CA VAL A 81 10.33 6.57 -5.55
C VAL A 81 11.19 7.79 -5.26
N ASN A 82 12.10 8.09 -6.18
CA ASN A 82 13.00 9.24 -6.01
C ASN A 82 13.33 9.87 -7.36
N SER A 83 14.16 10.89 -7.33
CA SER A 83 14.56 11.59 -8.56
C SER A 83 14.67 10.62 -9.73
N ILE A 84 15.29 9.47 -9.48
CA ILE A 84 15.46 8.45 -10.52
C ILE A 84 14.11 7.98 -11.03
N GLY A 85 13.29 7.44 -10.13
CA GLY A 85 11.98 6.95 -10.51
C GLY A 85 11.35 6.08 -9.44
N ARG A 86 10.28 5.37 -9.82
CA ARG A 86 9.58 4.50 -8.87
C ARG A 86 10.03 3.05 -9.04
N GLY A 87 10.68 2.52 -8.02
CA GLY A 87 11.15 1.14 -8.07
C GLY A 87 10.01 0.15 -8.02
N PRO A 88 10.36 -1.15 -7.89
CA PRO A 88 9.37 -2.22 -7.84
C PRO A 88 8.56 -2.21 -6.54
N PRO A 89 7.29 -2.62 -6.62
CA PRO A 89 6.39 -2.66 -5.47
C PRO A 89 6.77 -3.75 -4.47
N SER A 90 6.47 -3.51 -3.20
CA SER A 90 6.79 -4.48 -2.15
C SER A 90 5.71 -5.55 -2.06
N GLU A 91 6.08 -6.69 -1.45
CA GLU A 91 5.14 -7.79 -1.30
C GLU A 91 3.77 -7.30 -0.84
N ALA A 92 2.89 -7.06 -1.80
CA ALA A 92 1.54 -6.59 -1.49
C ALA A 92 0.92 -7.39 -0.35
N VAL A 93 0.13 -6.71 0.48
CA VAL A 93 -0.52 -7.37 1.61
C VAL A 93 -2.04 -7.26 1.50
N ARG A 94 -2.73 -8.31 1.94
CA ARG A 94 -4.19 -8.33 1.90
C ARG A 94 -4.78 -8.18 3.29
N ALA A 95 -5.56 -7.13 3.49
CA ALA A 95 -6.19 -6.86 4.78
C ALA A 95 -7.68 -6.55 4.61
N ARG A 96 -8.52 -7.35 5.26
CA ARG A 96 -9.96 -7.15 5.19
C ARG A 96 -10.45 -6.24 6.31
N THR A 97 -11.18 -5.20 5.94
CA THR A 97 -11.71 -4.25 6.92
C THR A 97 -12.69 -4.92 7.87
N GLY A 98 -12.89 -4.31 9.03
CA GLY A 98 -13.82 -4.87 10.00
C GLY A 98 -15.24 -4.39 9.79
N GLU A 99 -16.20 -5.12 10.38
CA GLU A 99 -17.61 -4.77 10.24
C GLU A 99 -18.00 -3.71 11.27
N GLN A 100 -17.31 -2.58 11.24
CA GLN A 100 -17.59 -1.49 12.17
C GLN A 100 -18.87 -0.76 11.78
N SER A 101 -18.87 -0.18 10.57
CA SER A 101 -20.02 0.56 10.08
C SER A 101 -20.42 0.08 8.69
N GLY A 102 -21.61 0.47 8.25
CA GLY A 102 -22.10 0.07 6.94
C GLY A 102 -23.29 -0.86 7.03
N PRO A 103 -23.60 -1.54 5.92
CA PRO A 103 -24.74 -2.46 5.84
C PRO A 103 -24.51 -3.72 6.66
N SER A 104 -25.58 -4.21 7.29
CA SER A 104 -25.49 -5.41 8.12
C SER A 104 -25.83 -6.65 7.30
N SER A 105 -26.87 -6.56 6.47
CA SER A 105 -27.29 -7.67 5.63
C SER A 105 -26.69 -7.56 4.23
N GLY A 106 -25.40 -7.19 4.18
CA GLY A 106 -24.73 -7.07 2.90
C GLY A 106 -25.01 -8.23 1.97
N GLY A 1 18.81 -7.82 -11.42
CA GLY A 1 19.08 -8.87 -12.40
C GLY A 1 18.54 -8.53 -13.77
N SER A 2 17.68 -9.39 -14.30
CA SER A 2 17.09 -9.19 -15.61
C SER A 2 16.47 -7.80 -15.72
N SER A 3 15.64 -7.45 -14.74
CA SER A 3 14.98 -6.16 -14.74
C SER A 3 15.90 -5.07 -15.29
N GLY A 4 15.52 -4.51 -16.44
CA GLY A 4 16.32 -3.48 -17.07
C GLY A 4 16.20 -2.14 -16.35
N SER A 5 14.98 -1.60 -16.33
CA SER A 5 14.74 -0.31 -15.68
C SER A 5 15.39 -0.27 -14.29
N SER A 6 16.12 0.80 -14.03
CA SER A 6 16.80 0.97 -12.75
C SER A 6 16.00 1.88 -11.82
N GLY A 7 16.36 1.87 -10.53
CA GLY A 7 15.66 2.70 -9.56
C GLY A 7 15.86 2.21 -8.15
N PRO A 8 15.05 2.74 -7.22
CA PRO A 8 15.12 2.37 -5.81
C PRO A 8 14.62 0.95 -5.56
N LYS A 9 14.76 0.49 -4.32
CA LYS A 9 14.32 -0.86 -3.95
C LYS A 9 12.97 -0.82 -3.25
N PRO A 10 12.23 -1.94 -3.32
CA PRO A 10 10.91 -2.06 -2.69
C PRO A 10 10.99 -2.08 -1.17
N PRO A 11 9.95 -1.54 -0.52
CA PRO A 11 9.88 -1.49 0.95
C PRO A 11 9.68 -2.87 1.57
N ILE A 12 10.12 -3.03 2.81
CA ILE A 12 9.99 -4.30 3.52
C ILE A 12 9.17 -4.13 4.80
N ASP A 13 8.95 -5.23 5.50
CA ASP A 13 8.19 -5.21 6.74
C ASP A 13 6.79 -4.66 6.51
N LEU A 14 6.25 -4.93 5.32
CA LEU A 14 4.91 -4.46 4.97
C LEU A 14 3.85 -5.21 5.76
N VAL A 15 3.35 -4.58 6.82
CA VAL A 15 2.31 -5.19 7.66
C VAL A 15 1.35 -4.13 8.20
N VAL A 16 0.10 -4.53 8.41
CA VAL A 16 -0.91 -3.63 8.93
C VAL A 16 -1.20 -3.90 10.40
N THR A 17 -1.25 -2.85 11.20
CA THR A 17 -1.52 -2.97 12.63
C THR A 17 -2.96 -2.64 12.96
N GLU A 18 -3.49 -1.60 12.30
CA GLU A 18 -4.87 -1.17 12.52
C GLU A 18 -5.69 -1.33 11.24
N THR A 19 -6.95 -1.74 11.40
CA THR A 19 -7.84 -1.92 10.26
C THR A 19 -9.25 -1.43 10.59
N THR A 20 -9.65 -0.34 9.95
CA THR A 20 -10.98 0.23 10.16
C THR A 20 -11.97 -0.28 9.13
N ALA A 21 -13.24 0.05 9.33
CA ALA A 21 -14.30 -0.37 8.41
C ALA A 21 -14.16 0.34 7.06
N THR A 22 -13.64 1.56 7.09
CA THR A 22 -13.46 2.34 5.87
C THR A 22 -12.04 2.88 5.77
N SER A 23 -11.16 2.36 6.62
CA SER A 23 -9.76 2.79 6.62
C SER A 23 -8.84 1.65 7.01
N VAL A 24 -7.54 1.85 6.83
CA VAL A 24 -6.55 0.83 7.17
C VAL A 24 -5.19 1.46 7.44
N THR A 25 -4.43 0.85 8.35
CA THR A 25 -3.11 1.35 8.71
C THR A 25 -2.02 0.36 8.31
N LEU A 26 -1.17 0.76 7.38
CA LEU A 26 -0.08 -0.09 6.91
C LEU A 26 1.27 0.45 7.38
N THR A 27 2.20 -0.47 7.63
CA THR A 27 3.54 -0.10 8.08
C THR A 27 4.62 -0.80 7.27
N TRP A 28 5.78 -0.17 7.16
CA TRP A 28 6.89 -0.74 6.40
C TRP A 28 8.19 -0.02 6.74
N ASP A 29 9.30 -0.51 6.17
CA ASP A 29 10.60 0.09 6.40
C ASP A 29 11.18 0.66 5.11
N SER A 30 12.05 1.65 5.25
CA SER A 30 12.68 2.28 4.10
C SER A 30 13.19 1.24 3.10
N GLY A 31 13.95 0.28 3.62
CA GLY A 31 14.49 -0.76 2.76
C GLY A 31 15.73 -0.32 2.01
N ASN A 32 15.72 0.92 1.55
CA ASN A 32 16.86 1.47 0.81
C ASN A 32 17.85 2.15 1.76
N SER A 33 19.09 2.28 1.30
CA SER A 33 20.14 2.90 2.10
C SER A 33 20.34 4.36 1.70
N GLU A 34 19.68 4.76 0.62
CA GLU A 34 19.79 6.13 0.13
C GLU A 34 18.53 6.93 0.45
N PRO A 35 18.66 8.26 0.49
CA PRO A 35 17.54 9.16 0.79
C PRO A 35 16.52 9.21 -0.34
N VAL A 36 15.43 8.45 -0.16
CA VAL A 36 14.37 8.40 -1.16
C VAL A 36 13.48 9.63 -1.08
N THR A 37 12.85 9.99 -2.20
CA THR A 37 11.98 11.15 -2.26
C THR A 37 10.65 10.87 -1.57
N TYR A 38 10.02 9.75 -1.93
CA TYR A 38 8.74 9.36 -1.34
C TYR A 38 8.40 7.92 -1.69
N TYR A 39 7.34 7.41 -1.07
CA TYR A 39 6.90 6.05 -1.33
C TYR A 39 5.43 6.01 -1.71
N GLY A 40 5.15 5.55 -2.94
CA GLY A 40 3.78 5.48 -3.42
C GLY A 40 3.03 4.31 -2.82
N ILE A 41 1.71 4.31 -3.01
CA ILE A 41 0.87 3.24 -2.48
C ILE A 41 -0.27 2.92 -3.44
N GLN A 42 -0.52 1.62 -3.64
CA GLN A 42 -1.57 1.17 -4.53
C GLN A 42 -2.45 0.11 -3.86
N TYR A 43 -3.75 0.22 -4.06
CA TYR A 43 -4.69 -0.72 -3.47
C TYR A 43 -5.94 -0.86 -4.33
N ARG A 44 -6.56 -2.04 -4.28
CA ARG A 44 -7.76 -2.30 -5.07
C ARG A 44 -8.56 -3.46 -4.46
N ALA A 45 -9.89 -3.35 -4.52
CA ALA A 45 -10.75 -4.39 -3.99
C ALA A 45 -10.45 -5.74 -4.61
N ALA A 46 -9.87 -6.64 -3.81
CA ALA A 46 -9.52 -7.98 -4.29
C ALA A 46 -10.62 -8.54 -5.17
N GLY A 47 -10.22 -9.26 -6.23
CA GLY A 47 -11.18 -9.85 -7.13
C GLY A 47 -11.25 -9.12 -8.45
N THR A 48 -11.97 -7.99 -8.47
CA THR A 48 -12.12 -7.20 -9.68
C THR A 48 -10.78 -6.96 -10.36
N GLU A 49 -10.74 -7.12 -11.68
CA GLU A 49 -9.51 -6.93 -12.44
C GLU A 49 -9.51 -5.57 -13.13
N GLY A 50 -9.37 -4.50 -12.35
CA GLY A 50 -9.36 -3.16 -12.91
C GLY A 50 -8.14 -2.37 -12.50
N PRO A 51 -8.17 -1.06 -12.77
CA PRO A 51 -7.06 -0.16 -12.43
C PRO A 51 -6.92 0.05 -10.93
N PHE A 52 -5.76 -0.28 -10.39
CA PHE A 52 -5.51 -0.13 -8.95
C PHE A 52 -5.30 1.34 -8.60
N GLN A 53 -5.72 1.71 -7.39
CA GLN A 53 -5.58 3.10 -6.92
C GLN A 53 -4.12 3.46 -6.75
N GLU A 54 -3.83 4.76 -6.74
CA GLU A 54 -2.46 5.24 -6.57
C GLU A 54 -2.42 6.43 -5.62
N VAL A 55 -1.43 6.43 -4.73
CA VAL A 55 -1.27 7.50 -3.76
C VAL A 55 0.20 7.88 -3.60
N ASP A 56 0.52 9.15 -3.85
CA ASP A 56 1.88 9.64 -3.72
C ASP A 56 1.96 10.80 -2.74
N GLY A 57 3.14 11.03 -2.18
CA GLY A 57 3.32 12.11 -1.24
C GLY A 57 3.49 11.62 0.19
N VAL A 58 3.97 10.38 0.33
CA VAL A 58 4.18 9.79 1.65
C VAL A 58 5.65 9.82 2.03
N ALA A 59 6.08 10.89 2.67
CA ALA A 59 7.46 11.04 3.10
C ALA A 59 7.69 10.39 4.46
N THR A 60 6.96 9.31 4.71
CA THR A 60 7.09 8.59 5.99
C THR A 60 7.03 7.09 5.78
N THR A 61 7.48 6.34 6.78
CA THR A 61 7.48 4.89 6.71
C THR A 61 6.17 4.30 7.21
N ARG A 62 5.15 5.15 7.29
CA ARG A 62 3.83 4.71 7.75
C ARG A 62 2.73 5.62 7.19
N TYR A 63 1.65 5.00 6.73
CA TYR A 63 0.53 5.76 6.17
C TYR A 63 -0.76 4.95 6.26
N SER A 64 -1.87 5.65 6.49
CA SER A 64 -3.17 5.00 6.60
C SER A 64 -4.03 5.29 5.37
N ILE A 65 -4.69 4.27 4.87
CA ILE A 65 -5.55 4.40 3.69
C ILE A 65 -7.00 4.59 4.09
N GLY A 66 -7.73 5.41 3.33
CA GLY A 66 -9.12 5.66 3.63
C GLY A 66 -9.98 5.70 2.38
N GLY A 67 -11.26 5.37 2.52
CA GLY A 67 -12.16 5.39 1.39
C GLY A 67 -12.50 3.99 0.91
N LEU A 68 -12.45 3.02 1.81
CA LEU A 68 -12.75 1.64 1.48
C LEU A 68 -14.09 1.21 2.07
N SER A 69 -14.59 0.05 1.63
CA SER A 69 -15.86 -0.47 2.12
C SER A 69 -15.64 -1.40 3.29
N PRO A 70 -16.65 -1.47 4.19
CA PRO A 70 -16.58 -2.33 5.38
C PRO A 70 -16.69 -3.81 5.01
N PHE A 71 -16.00 -4.64 5.78
CA PHE A 71 -16.00 -6.09 5.56
C PHE A 71 -15.60 -6.40 4.12
N SER A 72 -14.52 -5.79 3.66
CA SER A 72 -14.03 -6.00 2.31
C SER A 72 -12.55 -6.33 2.30
N GLU A 73 -12.09 -7.01 1.26
CA GLU A 73 -10.69 -7.39 1.15
C GLU A 73 -9.99 -6.53 0.10
N TYR A 74 -8.79 -6.06 0.43
CA TYR A 74 -8.02 -5.22 -0.48
C TYR A 74 -6.53 -5.57 -0.40
N ALA A 75 -5.83 -5.39 -1.52
CA ALA A 75 -4.41 -5.68 -1.58
C ALA A 75 -3.59 -4.40 -1.60
N PHE A 76 -2.85 -4.15 -0.51
CA PHE A 76 -2.02 -2.97 -0.40
C PHE A 76 -0.58 -3.26 -0.79
N ARG A 77 0.08 -2.28 -1.39
CA ARG A 77 1.45 -2.43 -1.84
C ARG A 77 2.17 -1.08 -1.88
N VAL A 78 3.34 -1.01 -1.25
CA VAL A 78 4.11 0.23 -1.24
C VAL A 78 5.33 0.13 -2.14
N LEU A 79 5.77 1.26 -2.66
CA LEU A 79 6.93 1.31 -3.55
C LEU A 79 7.71 2.60 -3.36
N ALA A 80 9.04 2.48 -3.34
CA ALA A 80 9.91 3.64 -3.18
C ALA A 80 10.03 4.43 -4.48
N VAL A 81 10.21 5.74 -4.34
CA VAL A 81 10.34 6.61 -5.52
C VAL A 81 11.31 7.75 -5.24
N ASN A 82 12.18 8.03 -6.21
CA ASN A 82 13.16 9.10 -6.07
C ASN A 82 13.53 9.67 -7.44
N SER A 83 14.47 10.62 -7.43
CA SER A 83 14.92 11.25 -8.67
C SER A 83 14.90 10.25 -9.83
N ILE A 84 15.39 9.05 -9.57
CA ILE A 84 15.44 8.00 -10.59
C ILE A 84 14.04 7.68 -11.10
N GLY A 85 13.16 7.27 -10.19
CA GLY A 85 11.79 6.94 -10.57
C GLY A 85 11.11 6.04 -9.56
N ARG A 86 10.01 5.42 -9.96
CA ARG A 86 9.26 4.53 -9.08
C ARG A 86 9.74 3.09 -9.23
N GLY A 87 10.23 2.52 -8.12
CA GLY A 87 10.72 1.15 -8.15
C GLY A 87 9.59 0.14 -8.12
N PRO A 88 9.95 -1.15 -8.03
CA PRO A 88 8.98 -2.24 -7.97
C PRO A 88 8.20 -2.26 -6.66
N PRO A 89 6.92 -2.69 -6.73
CA PRO A 89 6.06 -2.76 -5.56
C PRO A 89 6.47 -3.88 -4.61
N SER A 90 6.36 -3.61 -3.31
CA SER A 90 6.74 -4.58 -2.29
C SER A 90 5.72 -5.73 -2.26
N GLU A 91 6.00 -6.73 -1.41
CA GLU A 91 5.12 -7.88 -1.29
C GLU A 91 3.68 -7.45 -1.05
N ALA A 92 2.80 -7.78 -2.00
CA ALA A 92 1.39 -7.43 -1.89
C ALA A 92 0.76 -8.05 -0.66
N VAL A 93 0.11 -7.21 0.14
CA VAL A 93 -0.54 -7.68 1.37
C VAL A 93 -2.05 -7.50 1.29
N ARG A 94 -2.79 -8.55 1.63
CA ARG A 94 -4.25 -8.50 1.60
C ARG A 94 -4.82 -8.36 3.01
N ALA A 95 -5.43 -7.22 3.29
CA ALA A 95 -6.02 -6.96 4.59
C ALA A 95 -7.52 -6.72 4.48
N ARG A 96 -8.30 -7.52 5.21
CA ARG A 96 -9.75 -7.40 5.19
C ARG A 96 -10.22 -6.38 6.22
N THR A 97 -10.85 -5.32 5.75
CA THR A 97 -11.36 -4.26 6.63
C THR A 97 -12.43 -4.80 7.57
N GLY A 98 -12.62 -4.12 8.70
CA GLY A 98 -13.61 -4.54 9.66
C GLY A 98 -15.02 -4.17 9.23
N GLU A 99 -16.00 -4.61 10.01
CA GLU A 99 -17.41 -4.32 9.71
C GLU A 99 -17.99 -3.33 10.71
N GLN A 100 -18.92 -2.51 10.26
CA GLN A 100 -19.56 -1.51 11.11
C GLN A 100 -20.97 -1.20 10.63
N SER A 101 -21.81 -0.73 11.54
CA SER A 101 -23.20 -0.40 11.22
C SER A 101 -23.28 0.29 9.87
N GLY A 102 -23.80 -0.42 8.87
CA GLY A 102 -23.94 0.15 7.55
C GLY A 102 -24.91 -0.63 6.67
N PRO A 103 -24.36 -1.44 5.75
CA PRO A 103 -25.17 -2.26 4.84
C PRO A 103 -25.88 -3.40 5.56
N SER A 104 -26.86 -3.98 4.89
CA SER A 104 -27.63 -5.09 5.46
C SER A 104 -28.11 -6.04 4.37
N SER A 105 -27.79 -7.32 4.52
CA SER A 105 -28.19 -8.33 3.55
C SER A 105 -29.65 -8.71 3.73
N GLY A 106 -30.02 -9.03 4.98
CA GLY A 106 -31.39 -9.41 5.26
C GLY A 106 -32.35 -8.24 5.18
N GLY A 1 19.34 -16.21 -10.01
CA GLY A 1 20.10 -15.93 -11.21
C GLY A 1 20.68 -14.53 -11.22
N SER A 2 20.72 -13.91 -12.39
CA SER A 2 21.25 -12.57 -12.53
C SER A 2 20.26 -11.66 -13.27
N SER A 3 19.68 -10.72 -12.55
CA SER A 3 18.72 -9.79 -13.14
C SER A 3 18.90 -8.38 -12.59
N GLY A 4 18.83 -7.39 -13.47
CA GLY A 4 18.99 -6.01 -13.05
C GLY A 4 17.67 -5.35 -12.71
N SER A 5 17.74 -4.21 -12.04
CA SER A 5 16.54 -3.48 -11.63
C SER A 5 16.60 -2.04 -12.13
N SER A 6 15.54 -1.28 -11.86
CA SER A 6 15.46 0.11 -12.28
C SER A 6 14.92 0.99 -11.15
N GLY A 7 15.70 2.00 -10.77
CA GLY A 7 15.28 2.89 -9.71
C GLY A 7 15.55 2.32 -8.33
N PRO A 8 14.81 2.82 -7.33
CA PRO A 8 14.94 2.37 -5.94
C PRO A 8 14.42 0.96 -5.75
N LYS A 9 14.60 0.43 -4.53
CA LYS A 9 14.14 -0.92 -4.21
C LYS A 9 12.82 -0.87 -3.45
N PRO A 10 12.06 -1.99 -3.52
CA PRO A 10 10.77 -2.10 -2.83
C PRO A 10 10.92 -2.17 -1.32
N PRO A 11 9.92 -1.63 -0.60
CA PRO A 11 9.91 -1.62 0.87
C PRO A 11 9.73 -3.01 1.46
N ILE A 12 10.15 -3.19 2.70
CA ILE A 12 10.02 -4.47 3.39
C ILE A 12 9.22 -4.32 4.68
N ASP A 13 8.99 -5.45 5.34
CA ASP A 13 8.25 -5.45 6.60
C ASP A 13 6.84 -4.89 6.41
N LEU A 14 6.27 -5.17 5.24
CA LEU A 14 4.93 -4.70 4.93
C LEU A 14 3.87 -5.48 5.71
N VAL A 15 3.28 -4.83 6.71
CA VAL A 15 2.25 -5.45 7.53
C VAL A 15 1.21 -4.44 7.99
N VAL A 16 0.07 -4.94 8.45
CA VAL A 16 -1.01 -4.08 8.92
C VAL A 16 -1.09 -4.09 10.45
N THR A 17 -1.21 -2.91 11.04
CA THR A 17 -1.30 -2.79 12.50
C THR A 17 -2.71 -2.39 12.93
N GLU A 18 -3.46 -1.81 12.00
CA GLU A 18 -4.81 -1.37 12.28
C GLU A 18 -5.69 -1.43 11.03
N THR A 19 -6.94 -1.79 11.21
CA THR A 19 -7.88 -1.89 10.09
C THR A 19 -9.26 -1.37 10.47
N THR A 20 -9.64 -0.24 9.89
CA THR A 20 -10.93 0.38 10.18
C THR A 20 -11.96 -0.02 9.12
N ALA A 21 -13.23 0.25 9.43
CA ALA A 21 -14.31 -0.09 8.52
C ALA A 21 -14.16 0.65 7.19
N THR A 22 -13.72 1.91 7.27
CA THR A 22 -13.54 2.73 6.07
C THR A 22 -12.11 3.26 6.00
N SER A 23 -11.20 2.59 6.68
CA SER A 23 -9.79 3.02 6.69
C SER A 23 -8.89 1.84 7.06
N VAL A 24 -7.59 2.02 6.84
CA VAL A 24 -6.61 0.98 7.14
C VAL A 24 -5.23 1.58 7.37
N THR A 25 -4.43 0.91 8.19
CA THR A 25 -3.08 1.37 8.49
C THR A 25 -2.03 0.40 7.95
N LEU A 26 -0.94 0.95 7.43
CA LEU A 26 0.14 0.14 6.89
C LEU A 26 1.48 0.53 7.50
N THR A 27 2.34 -0.47 7.73
CA THR A 27 3.64 -0.23 8.32
C THR A 27 4.73 -0.97 7.55
N TRP A 28 5.88 -0.33 7.38
CA TRP A 28 6.99 -0.93 6.66
C TRP A 28 8.30 -0.21 6.98
N ASP A 29 9.39 -0.70 6.40
CA ASP A 29 10.71 -0.10 6.63
C ASP A 29 11.25 0.53 5.34
N SER A 30 12.07 1.56 5.49
CA SER A 30 12.66 2.24 4.35
C SER A 30 13.13 1.26 3.30
N GLY A 31 13.88 0.24 3.74
CA GLY A 31 14.38 -0.77 2.83
C GLY A 31 15.61 -0.30 2.06
N ASN A 32 15.56 0.94 1.57
CA ASN A 32 16.68 1.51 0.82
C ASN A 32 17.68 2.18 1.75
N SER A 33 18.77 2.67 1.18
CA SER A 33 19.81 3.32 1.96
C SER A 33 19.78 4.83 1.74
N GLU A 34 19.27 5.25 0.58
CA GLU A 34 19.19 6.66 0.26
C GLU A 34 17.75 7.16 0.38
N PRO A 35 17.61 8.42 0.85
CA PRO A 35 16.30 9.05 1.04
C PRO A 35 15.61 9.35 -0.29
N VAL A 36 14.58 8.59 -0.61
CA VAL A 36 13.83 8.77 -1.85
C VAL A 36 12.82 9.91 -1.71
N THR A 37 12.55 10.58 -2.83
CA THR A 37 11.60 11.69 -2.84
C THR A 37 10.36 11.35 -2.01
N TYR A 38 9.77 10.20 -2.28
CA TYR A 38 8.57 9.76 -1.56
C TYR A 38 8.28 8.29 -1.85
N TYR A 39 7.22 7.79 -1.23
CA TYR A 39 6.82 6.39 -1.40
C TYR A 39 5.37 6.30 -1.86
N GLY A 40 5.16 5.65 -3.00
CA GLY A 40 3.81 5.49 -3.53
C GLY A 40 3.08 4.31 -2.93
N ILE A 41 1.77 4.26 -3.13
CA ILE A 41 0.96 3.16 -2.60
C ILE A 41 -0.20 2.85 -3.54
N GLN A 42 -0.42 1.56 -3.79
CA GLN A 42 -1.49 1.12 -4.66
C GLN A 42 -2.37 0.08 -3.97
N TYR A 43 -3.68 0.22 -4.11
CA TYR A 43 -4.62 -0.71 -3.50
C TYR A 43 -5.88 -0.86 -4.35
N ARG A 44 -6.48 -2.04 -4.31
CA ARG A 44 -7.69 -2.31 -5.07
C ARG A 44 -8.39 -3.57 -4.57
N ALA A 45 -9.72 -3.55 -4.58
CA ALA A 45 -10.50 -4.69 -4.12
C ALA A 45 -9.81 -6.01 -4.46
N ALA A 46 -9.73 -6.90 -3.48
CA ALA A 46 -9.09 -8.19 -3.68
C ALA A 46 -9.92 -9.07 -4.63
N GLY A 47 -9.87 -8.75 -5.92
CA GLY A 47 -10.61 -9.52 -6.90
C GLY A 47 -11.57 -8.66 -7.70
N THR A 48 -11.02 -7.79 -8.55
CA THR A 48 -11.84 -6.90 -9.37
C THR A 48 -11.21 -6.69 -10.74
N GLU A 49 -11.94 -6.04 -11.63
CA GLU A 49 -11.45 -5.77 -12.98
C GLU A 49 -11.27 -4.27 -13.20
N GLY A 50 -10.53 -3.63 -12.30
CA GLY A 50 -10.29 -2.19 -12.42
C GLY A 50 -8.87 -1.82 -12.10
N PRO A 51 -8.47 -0.60 -12.49
CA PRO A 51 -7.11 -0.08 -12.25
C PRO A 51 -6.85 0.19 -10.77
N PHE A 52 -5.67 -0.21 -10.31
CA PHE A 52 -5.29 0.00 -8.91
C PHE A 52 -5.06 1.48 -8.62
N GLN A 53 -5.64 1.96 -7.52
CA GLN A 53 -5.48 3.35 -7.14
C GLN A 53 -4.01 3.74 -7.02
N GLU A 54 -3.75 5.02 -6.81
CA GLU A 54 -2.39 5.52 -6.68
C GLU A 54 -2.31 6.67 -5.68
N VAL A 55 -1.27 6.65 -4.85
CA VAL A 55 -1.09 7.69 -3.85
C VAL A 55 0.37 8.14 -3.78
N ASP A 56 0.62 9.42 -3.99
CA ASP A 56 1.97 9.97 -3.95
C ASP A 56 2.07 11.08 -2.92
N GLY A 57 3.10 11.01 -2.08
CA GLY A 57 3.30 12.03 -1.06
C GLY A 57 3.51 11.42 0.31
N VAL A 58 3.97 10.18 0.35
CA VAL A 58 4.20 9.49 1.61
C VAL A 58 5.68 9.56 2.01
N ALA A 59 6.01 10.55 2.84
CA ALA A 59 7.38 10.72 3.30
C ALA A 59 7.60 10.08 4.66
N THR A 60 6.80 9.05 4.96
CA THR A 60 6.90 8.35 6.23
C THR A 60 6.81 6.83 6.03
N THR A 61 7.16 6.09 7.07
CA THR A 61 7.11 4.63 7.02
C THR A 61 5.73 4.11 7.38
N ARG A 62 4.91 4.98 7.98
CA ARG A 62 3.56 4.61 8.39
C ARG A 62 2.52 5.43 7.62
N TYR A 63 1.64 4.74 6.92
CA TYR A 63 0.59 5.40 6.14
C TYR A 63 -0.71 4.62 6.21
N SER A 64 -1.83 5.34 6.24
CA SER A 64 -3.14 4.72 6.32
C SER A 64 -3.96 5.04 5.06
N ILE A 65 -4.75 4.06 4.62
CA ILE A 65 -5.58 4.24 3.44
C ILE A 65 -7.05 4.37 3.82
N GLY A 66 -7.75 5.32 3.19
CA GLY A 66 -9.15 5.53 3.47
C GLY A 66 -10.00 5.50 2.22
N GLY A 67 -11.32 5.55 2.40
CA GLY A 67 -12.23 5.54 1.27
C GLY A 67 -12.61 4.13 0.85
N LEU A 68 -12.45 3.18 1.77
CA LEU A 68 -12.79 1.79 1.50
C LEU A 68 -14.17 1.43 2.04
N SER A 69 -14.60 0.20 1.78
CA SER A 69 -15.90 -0.26 2.25
C SER A 69 -15.76 -1.19 3.45
N PRO A 70 -16.77 -1.17 4.33
CA PRO A 70 -16.77 -2.01 5.53
C PRO A 70 -16.96 -3.49 5.20
N PHE A 71 -16.16 -4.33 5.84
CA PHE A 71 -16.22 -5.78 5.62
C PHE A 71 -15.79 -6.13 4.20
N SER A 72 -14.67 -5.55 3.77
CA SER A 72 -14.16 -5.80 2.43
C SER A 72 -12.67 -6.15 2.48
N GLU A 73 -12.18 -6.79 1.42
CA GLU A 73 -10.78 -7.18 1.34
C GLU A 73 -10.07 -6.46 0.20
N TYR A 74 -8.87 -5.94 0.50
CA TYR A 74 -8.10 -5.21 -0.49
C TYR A 74 -6.61 -5.55 -0.37
N ALA A 75 -5.89 -5.37 -1.47
CA ALA A 75 -4.45 -5.65 -1.48
C ALA A 75 -3.63 -4.37 -1.62
N PHE A 76 -2.86 -4.06 -0.58
CA PHE A 76 -2.03 -2.86 -0.59
C PHE A 76 -0.61 -3.19 -1.02
N ARG A 77 0.09 -2.17 -1.53
CA ARG A 77 1.46 -2.35 -1.99
C ARG A 77 2.21 -1.02 -1.96
N VAL A 78 3.35 -1.01 -1.28
CA VAL A 78 4.17 0.20 -1.18
C VAL A 78 5.39 0.11 -2.09
N LEU A 79 5.83 1.26 -2.59
CA LEU A 79 6.99 1.32 -3.47
C LEU A 79 7.71 2.65 -3.34
N ALA A 80 9.03 2.60 -3.25
CA ALA A 80 9.84 3.82 -3.13
C ALA A 80 9.87 4.59 -4.44
N VAL A 81 9.93 5.91 -4.34
CA VAL A 81 9.95 6.77 -5.52
C VAL A 81 10.90 7.95 -5.32
N ASN A 82 11.71 8.24 -6.33
CA ASN A 82 12.67 9.34 -6.26
C ASN A 82 12.96 9.89 -7.65
N SER A 83 13.89 10.84 -7.72
CA SER A 83 14.26 11.45 -8.99
C SER A 83 14.22 10.42 -10.12
N ILE A 84 14.76 9.24 -9.86
CA ILE A 84 14.78 8.17 -10.85
C ILE A 84 13.37 7.81 -11.29
N GLY A 85 12.53 7.43 -10.33
CA GLY A 85 11.16 7.06 -10.64
C GLY A 85 10.56 6.15 -9.58
N ARG A 86 9.43 5.53 -9.91
CA ARG A 86 8.74 4.64 -8.98
C ARG A 86 9.21 3.20 -9.19
N GLY A 87 9.87 2.64 -8.17
CA GLY A 87 10.35 1.28 -8.27
C GLY A 87 9.23 0.26 -8.20
N PRO A 88 9.59 -1.03 -8.15
CA PRO A 88 8.62 -2.13 -8.08
C PRO A 88 7.90 -2.18 -6.74
N PRO A 89 6.67 -2.71 -6.75
CA PRO A 89 5.85 -2.83 -5.54
C PRO A 89 6.40 -3.87 -4.57
N SER A 90 6.11 -3.69 -3.28
CA SER A 90 6.58 -4.62 -2.26
C SER A 90 5.55 -5.72 -2.01
N GLU A 91 5.94 -6.73 -1.24
CA GLU A 91 5.06 -7.83 -0.93
C GLU A 91 3.65 -7.34 -0.62
N ALA A 92 2.77 -7.38 -1.63
CA ALA A 92 1.40 -6.93 -1.46
C ALA A 92 0.72 -7.65 -0.30
N VAL A 93 0.17 -6.88 0.63
CA VAL A 93 -0.51 -7.44 1.79
C VAL A 93 -2.02 -7.23 1.70
N ARG A 94 -2.78 -8.27 2.00
CA ARG A 94 -4.23 -8.20 1.96
C ARG A 94 -4.81 -8.04 3.37
N ALA A 95 -5.58 -6.97 3.56
CA ALA A 95 -6.20 -6.72 4.86
C ALA A 95 -7.69 -6.46 4.71
N ARG A 96 -8.49 -7.22 5.46
CA ARG A 96 -9.94 -7.09 5.42
C ARG A 96 -10.42 -6.02 6.38
N THR A 97 -11.01 -4.95 5.84
CA THR A 97 -11.51 -3.86 6.66
C THR A 97 -12.64 -4.32 7.58
N GLY A 98 -12.75 -3.67 8.74
CA GLY A 98 -13.79 -4.04 9.69
C GLY A 98 -15.18 -3.70 9.18
N GLU A 99 -16.20 -4.11 9.93
CA GLU A 99 -17.58 -3.85 9.57
C GLU A 99 -18.25 -2.92 10.57
N GLN A 100 -19.14 -2.06 10.08
CA GLN A 100 -19.85 -1.13 10.94
C GLN A 100 -21.34 -1.10 10.60
N SER A 101 -21.65 -0.82 9.34
CA SER A 101 -23.04 -0.77 8.89
C SER A 101 -23.14 -1.11 7.41
N GLY A 102 -23.92 -2.14 7.10
CA GLY A 102 -24.09 -2.56 5.72
C GLY A 102 -24.47 -1.39 4.81
N PRO A 103 -23.98 -1.43 3.56
CA PRO A 103 -24.27 -0.39 2.57
C PRO A 103 -25.72 -0.40 2.12
N SER A 104 -26.29 -1.60 1.99
CA SER A 104 -27.67 -1.76 1.55
C SER A 104 -28.60 -0.87 2.38
N SER A 105 -29.02 0.25 1.80
CA SER A 105 -29.90 1.19 2.47
C SER A 105 -31.27 1.23 1.79
N GLY A 106 -32.22 1.91 2.43
CA GLY A 106 -33.55 2.02 1.87
C GLY A 106 -34.41 0.81 2.21
N GLY A 1 16.43 -12.39 -9.47
CA GLY A 1 16.36 -13.56 -10.31
C GLY A 1 17.08 -13.37 -11.64
N SER A 2 18.36 -13.05 -11.57
CA SER A 2 19.16 -12.82 -12.78
C SER A 2 18.53 -11.74 -13.64
N SER A 3 18.10 -10.65 -13.01
CA SER A 3 17.48 -9.54 -13.72
C SER A 3 18.04 -8.21 -13.24
N GLY A 4 18.19 -7.26 -14.17
CA GLY A 4 18.71 -5.95 -13.81
C GLY A 4 17.69 -5.10 -13.08
N SER A 5 18.16 -4.32 -12.11
CA SER A 5 17.29 -3.47 -11.32
C SER A 5 17.52 -1.99 -11.67
N SER A 6 16.48 -1.34 -12.17
CA SER A 6 16.56 0.07 -12.54
C SER A 6 15.72 0.93 -11.61
N GLY A 7 16.39 1.69 -10.75
CA GLY A 7 15.68 2.55 -9.82
C GLY A 7 15.86 2.12 -8.38
N PRO A 8 15.02 2.66 -7.48
CA PRO A 8 15.07 2.33 -6.06
C PRO A 8 14.60 0.91 -5.77
N LYS A 9 14.72 0.49 -4.52
CA LYS A 9 14.31 -0.84 -4.11
C LYS A 9 12.97 -0.81 -3.40
N PRO A 10 12.23 -1.92 -3.46
CA PRO A 10 10.92 -2.04 -2.82
C PRO A 10 11.01 -2.07 -1.30
N PRO A 11 9.98 -1.53 -0.63
CA PRO A 11 9.91 -1.49 0.83
C PRO A 11 9.72 -2.87 1.45
N ILE A 12 10.22 -3.03 2.67
CA ILE A 12 10.09 -4.31 3.37
C ILE A 12 9.33 -4.14 4.68
N ASP A 13 9.02 -5.26 5.33
CA ASP A 13 8.30 -5.24 6.59
C ASP A 13 6.87 -4.74 6.39
N LEU A 14 6.32 -4.99 5.21
CA LEU A 14 4.96 -4.56 4.89
C LEU A 14 3.94 -5.37 5.69
N VAL A 15 3.34 -4.73 6.69
CA VAL A 15 2.35 -5.39 7.52
C VAL A 15 1.29 -4.40 8.00
N VAL A 16 0.15 -4.92 8.46
CA VAL A 16 -0.94 -4.08 8.95
C VAL A 16 -0.98 -4.06 10.47
N THR A 17 -1.34 -2.93 11.04
CA THR A 17 -1.42 -2.77 12.48
C THR A 17 -2.82 -2.34 12.91
N GLU A 18 -3.46 -1.52 12.09
CA GLU A 18 -4.80 -1.03 12.39
C GLU A 18 -5.72 -1.20 11.18
N THR A 19 -6.98 -1.54 11.45
CA THR A 19 -7.95 -1.74 10.39
C THR A 19 -9.32 -1.18 10.79
N THR A 20 -9.78 -0.17 10.03
CA THR A 20 -11.07 0.45 10.30
C THR A 20 -12.12 0.01 9.30
N ALA A 21 -13.39 0.23 9.63
CA ALA A 21 -14.49 -0.15 8.75
C ALA A 21 -14.37 0.55 7.40
N THR A 22 -13.82 1.75 7.40
CA THR A 22 -13.66 2.53 6.18
C THR A 22 -12.24 3.06 6.05
N SER A 23 -11.32 2.46 6.80
CA SER A 23 -9.92 2.88 6.76
C SER A 23 -8.99 1.72 7.14
N VAL A 24 -7.69 1.93 6.95
CA VAL A 24 -6.71 0.91 7.26
C VAL A 24 -5.32 1.51 7.44
N THR A 25 -4.49 0.87 8.25
CA THR A 25 -3.14 1.34 8.50
C THR A 25 -2.10 0.36 7.96
N LEU A 26 -1.00 0.91 7.47
CA LEU A 26 0.08 0.08 6.92
C LEU A 26 1.44 0.51 7.47
N THR A 27 2.27 -0.46 7.81
CA THR A 27 3.59 -0.19 8.35
C THR A 27 4.68 -0.91 7.54
N TRP A 28 5.82 -0.25 7.38
CA TRP A 28 6.93 -0.82 6.62
C TRP A 28 8.22 -0.05 6.89
N ASP A 29 9.33 -0.57 6.38
CA ASP A 29 10.63 0.07 6.55
C ASP A 29 11.16 0.60 5.23
N SER A 30 11.97 1.66 5.30
CA SER A 30 12.54 2.26 4.10
C SER A 30 13.08 1.18 3.15
N GLY A 31 13.90 0.29 3.70
CA GLY A 31 14.46 -0.77 2.88
C GLY A 31 15.66 -0.31 2.07
N ASN A 32 15.79 1.00 1.91
CA ASN A 32 16.89 1.57 1.15
C ASN A 32 17.82 2.38 2.05
N SER A 33 19.06 2.55 1.61
CA SER A 33 20.05 3.31 2.38
C SER A 33 20.06 4.77 1.95
N GLU A 34 19.77 5.01 0.68
CA GLU A 34 19.76 6.37 0.15
C GLU A 34 18.44 7.06 0.46
N PRO A 35 18.51 8.40 0.66
CA PRO A 35 17.34 9.21 0.98
C PRO A 35 16.38 9.33 -0.21
N VAL A 36 15.44 8.40 -0.30
CA VAL A 36 14.46 8.41 -1.39
C VAL A 36 13.54 9.61 -1.28
N THR A 37 12.89 9.95 -2.39
CA THR A 37 11.97 11.08 -2.43
C THR A 37 10.69 10.78 -1.64
N TYR A 38 9.95 9.78 -2.11
CA TYR A 38 8.70 9.39 -1.45
C TYR A 38 8.33 7.96 -1.80
N TYR A 39 7.35 7.42 -1.08
CA TYR A 39 6.89 6.05 -1.31
C TYR A 39 5.42 6.03 -1.71
N GLY A 40 5.16 5.67 -2.95
CA GLY A 40 3.78 5.61 -3.44
C GLY A 40 3.00 4.48 -2.82
N ILE A 41 1.71 4.43 -3.11
CA ILE A 41 0.84 3.39 -2.57
C ILE A 41 -0.23 2.98 -3.57
N GLN A 42 -0.43 1.68 -3.72
CA GLN A 42 -1.42 1.15 -4.65
C GLN A 42 -2.31 0.11 -3.98
N TYR A 43 -3.61 0.33 -4.00
CA TYR A 43 -4.56 -0.59 -3.39
C TYR A 43 -5.80 -0.75 -4.26
N ARG A 44 -6.44 -1.92 -4.17
CA ARG A 44 -7.63 -2.20 -4.95
C ARG A 44 -8.40 -3.38 -4.36
N ALA A 45 -9.72 -3.28 -4.35
CA ALA A 45 -10.57 -4.34 -3.82
C ALA A 45 -10.21 -5.69 -4.42
N ALA A 46 -9.65 -6.57 -3.60
CA ALA A 46 -9.26 -7.91 -4.06
C ALA A 46 -10.31 -8.50 -4.99
N GLY A 47 -9.87 -8.98 -6.14
CA GLY A 47 -10.79 -9.57 -7.09
C GLY A 47 -11.02 -8.70 -8.31
N THR A 48 -11.43 -7.45 -8.07
CA THR A 48 -11.69 -6.51 -9.16
C THR A 48 -10.72 -6.72 -10.31
N GLU A 49 -9.44 -6.92 -9.98
CA GLU A 49 -8.42 -7.15 -10.99
C GLU A 49 -8.40 -6.00 -12.01
N GLY A 50 -8.64 -4.78 -11.53
CA GLY A 50 -8.65 -3.63 -12.41
C GLY A 50 -7.54 -2.64 -12.08
N PRO A 51 -7.74 -1.38 -12.46
CA PRO A 51 -6.76 -0.32 -12.22
C PRO A 51 -6.64 0.04 -10.74
N PHE A 52 -5.49 -0.25 -10.16
CA PHE A 52 -5.26 0.04 -8.74
C PHE A 52 -5.10 1.54 -8.52
N GLN A 53 -5.61 2.02 -7.39
CA GLN A 53 -5.52 3.43 -7.05
C GLN A 53 -4.08 3.92 -7.09
N GLU A 54 -3.88 5.19 -6.78
CA GLU A 54 -2.55 5.78 -6.78
C GLU A 54 -2.45 6.91 -5.76
N VAL A 55 -1.44 6.85 -4.90
CA VAL A 55 -1.24 7.86 -3.88
C VAL A 55 0.22 8.27 -3.80
N ASP A 56 0.48 9.57 -3.96
CA ASP A 56 1.84 10.09 -3.90
C ASP A 56 1.96 11.17 -2.84
N GLY A 57 3.07 11.16 -2.10
CA GLY A 57 3.29 12.14 -1.06
C GLY A 57 3.38 11.52 0.32
N VAL A 58 4.06 10.38 0.40
CA VAL A 58 4.22 9.68 1.68
C VAL A 58 5.69 9.67 2.10
N ALA A 59 6.12 10.75 2.75
CA ALA A 59 7.48 10.85 3.23
C ALA A 59 7.66 10.19 4.59
N THR A 60 6.80 9.21 4.87
CA THR A 60 6.85 8.50 6.14
C THR A 60 6.95 6.99 5.93
N THR A 61 7.06 6.24 7.02
CA THR A 61 7.16 4.79 6.96
C THR A 61 5.82 4.14 7.22
N ARG A 62 4.87 4.92 7.75
CA ARG A 62 3.55 4.40 8.06
C ARG A 62 2.47 5.26 7.39
N TYR A 63 1.56 4.59 6.68
CA TYR A 63 0.47 5.28 5.98
C TYR A 63 -0.84 4.52 6.13
N SER A 64 -1.95 5.26 6.08
CA SER A 64 -3.27 4.65 6.23
C SER A 64 -4.12 4.93 4.98
N ILE A 65 -4.93 3.95 4.61
CA ILE A 65 -5.80 4.09 3.45
C ILE A 65 -7.26 4.26 3.86
N GLY A 66 -7.95 5.19 3.21
CA GLY A 66 -9.35 5.44 3.53
C GLY A 66 -10.23 5.41 2.29
N GLY A 67 -11.54 5.43 2.51
CA GLY A 67 -12.47 5.41 1.40
C GLY A 67 -12.83 4.00 0.96
N LEU A 68 -12.62 3.04 1.84
CA LEU A 68 -12.92 1.65 1.55
C LEU A 68 -14.27 1.23 2.11
N SER A 69 -14.72 0.04 1.74
CA SER A 69 -16.00 -0.47 2.22
C SER A 69 -15.80 -1.45 3.38
N PRO A 70 -16.76 -1.46 4.31
CA PRO A 70 -16.72 -2.34 5.48
C PRO A 70 -16.93 -3.80 5.11
N PHE A 71 -16.10 -4.67 5.68
CA PHE A 71 -16.19 -6.11 5.40
C PHE A 71 -15.75 -6.42 3.98
N SER A 72 -14.64 -5.80 3.56
CA SER A 72 -14.10 -6.01 2.22
C SER A 72 -12.61 -6.33 2.27
N GLU A 73 -12.11 -6.92 1.19
CA GLU A 73 -10.70 -7.28 1.10
C GLU A 73 -9.97 -6.38 0.11
N TYR A 74 -8.80 -5.90 0.53
CA TYR A 74 -8.00 -5.02 -0.32
C TYR A 74 -6.53 -5.42 -0.29
N ALA A 75 -5.83 -5.20 -1.40
CA ALA A 75 -4.42 -5.54 -1.50
C ALA A 75 -3.55 -4.28 -1.53
N PHE A 76 -2.83 -4.04 -0.44
CA PHE A 76 -1.96 -2.87 -0.35
C PHE A 76 -0.52 -3.23 -0.71
N ARG A 77 0.21 -2.25 -1.23
CA ARG A 77 1.59 -2.46 -1.62
C ARG A 77 2.32 -1.12 -1.78
N VAL A 78 3.36 -0.92 -0.96
CA VAL A 78 4.13 0.31 -1.01
C VAL A 78 5.34 0.16 -1.94
N LEU A 79 5.79 1.28 -2.50
CA LEU A 79 6.93 1.28 -3.41
C LEU A 79 7.74 2.57 -3.27
N ALA A 80 9.04 2.46 -3.48
CA ALA A 80 9.92 3.62 -3.39
C ALA A 80 9.95 4.40 -4.69
N VAL A 81 10.05 5.72 -4.59
CA VAL A 81 10.08 6.58 -5.77
C VAL A 81 11.14 7.67 -5.62
N ASN A 82 11.85 7.95 -6.71
CA ASN A 82 12.89 8.97 -6.71
C ASN A 82 12.99 9.66 -8.06
N SER A 83 13.93 10.58 -8.19
CA SER A 83 14.13 11.31 -9.43
C SER A 83 14.29 10.36 -10.61
N ILE A 84 14.82 9.17 -10.33
CA ILE A 84 15.02 8.17 -11.37
C ILE A 84 13.70 7.57 -11.83
N GLY A 85 12.87 7.17 -10.87
CA GLY A 85 11.58 6.59 -11.19
C GLY A 85 11.03 5.74 -10.07
N ARG A 86 9.85 5.17 -10.29
CA ARG A 86 9.20 4.33 -9.29
C ARG A 86 9.62 2.88 -9.44
N GLY A 87 10.16 2.30 -8.37
CA GLY A 87 10.59 0.91 -8.42
C GLY A 87 9.43 -0.06 -8.31
N PRO A 88 9.75 -1.36 -8.22
CA PRO A 88 8.75 -2.42 -8.12
C PRO A 88 8.05 -2.41 -6.76
N PRO A 89 6.79 -2.86 -6.74
CA PRO A 89 5.98 -2.91 -5.52
C PRO A 89 6.47 -3.98 -4.54
N SER A 90 6.17 -3.80 -3.27
CA SER A 90 6.57 -4.76 -2.24
C SER A 90 5.56 -5.88 -2.10
N GLU A 91 5.97 -6.97 -1.47
CA GLU A 91 5.09 -8.11 -1.27
C GLU A 91 3.67 -7.66 -0.95
N ALA A 92 2.83 -7.58 -1.98
CA ALA A 92 1.44 -7.15 -1.81
C ALA A 92 0.82 -7.83 -0.59
N VAL A 93 0.18 -7.01 0.26
CA VAL A 93 -0.46 -7.52 1.46
C VAL A 93 -1.98 -7.34 1.40
N ARG A 94 -2.71 -8.41 1.69
CA ARG A 94 -4.16 -8.36 1.67
C ARG A 94 -4.73 -8.18 3.08
N ALA A 95 -5.44 -7.09 3.29
CA ALA A 95 -6.04 -6.80 4.60
C ALA A 95 -7.53 -6.52 4.47
N ARG A 96 -8.34 -7.30 5.18
CA ARG A 96 -9.78 -7.14 5.15
C ARG A 96 -10.24 -6.15 6.23
N THR A 97 -10.94 -5.11 5.80
CA THR A 97 -11.44 -4.10 6.73
C THR A 97 -12.57 -4.66 7.60
N GLY A 98 -12.76 -4.06 8.77
CA GLY A 98 -13.80 -4.50 9.67
C GLY A 98 -15.18 -4.07 9.22
N GLU A 99 -16.20 -4.50 9.95
CA GLU A 99 -17.58 -4.16 9.62
C GLU A 99 -18.17 -3.23 10.67
N GLN A 100 -19.06 -2.34 10.22
CA GLN A 100 -19.70 -1.39 11.12
C GLN A 100 -20.84 -0.64 10.42
N SER A 101 -21.96 -0.49 11.10
CA SER A 101 -23.11 0.19 10.53
C SER A 101 -23.42 -0.31 9.13
N GLY A 102 -23.31 -1.63 8.95
CA GLY A 102 -23.58 -2.22 7.65
C GLY A 102 -23.92 -3.69 7.75
N PRO A 103 -23.01 -4.55 7.24
CA PRO A 103 -23.19 -6.00 7.25
C PRO A 103 -23.08 -6.58 8.65
N SER A 104 -23.73 -7.72 8.88
CA SER A 104 -23.70 -8.38 10.18
C SER A 104 -23.55 -9.89 10.02
N SER A 105 -23.27 -10.56 11.13
CA SER A 105 -23.09 -12.01 11.12
C SER A 105 -24.31 -12.70 10.50
N GLY A 106 -24.05 -13.78 9.76
CA GLY A 106 -25.12 -14.52 9.13
C GLY A 106 -25.50 -13.94 7.78
N GLY A 1 16.94 -14.51 -9.27
CA GLY A 1 18.05 -14.46 -10.21
C GLY A 1 18.73 -13.11 -10.24
N SER A 2 19.82 -13.02 -10.98
CA SER A 2 20.57 -11.76 -11.10
C SER A 2 19.81 -10.75 -11.94
N SER A 3 18.93 -9.98 -11.31
CA SER A 3 18.14 -8.97 -12.00
C SER A 3 18.83 -7.62 -11.94
N GLY A 4 18.82 -6.91 -13.07
CA GLY A 4 19.45 -5.60 -13.13
C GLY A 4 18.85 -4.63 -12.12
N SER A 5 19.58 -3.56 -11.84
CA SER A 5 19.12 -2.55 -10.88
C SER A 5 18.28 -1.48 -11.58
N SER A 6 16.97 -1.52 -11.37
CA SER A 6 16.07 -0.56 -11.98
C SER A 6 15.49 0.38 -10.93
N GLY A 7 16.13 1.53 -10.76
CA GLY A 7 15.66 2.50 -9.78
C GLY A 7 15.90 2.05 -8.36
N PRO A 8 15.14 2.62 -7.40
CA PRO A 8 15.26 2.29 -5.99
C PRO A 8 14.77 0.88 -5.67
N LYS A 9 14.95 0.45 -4.43
CA LYS A 9 14.52 -0.87 -4.00
C LYS A 9 13.17 -0.80 -3.28
N PRO A 10 12.41 -1.90 -3.36
CA PRO A 10 11.09 -1.98 -2.72
C PRO A 10 11.19 -2.06 -1.20
N PRO A 11 10.17 -1.52 -0.52
CA PRO A 11 10.12 -1.51 0.95
C PRO A 11 9.91 -2.91 1.53
N ILE A 12 10.25 -3.06 2.81
CA ILE A 12 10.10 -4.35 3.48
C ILE A 12 9.29 -4.20 4.77
N ASP A 13 9.15 -5.30 5.51
CA ASP A 13 8.40 -5.29 6.76
C ASP A 13 7.00 -4.73 6.54
N LEU A 14 6.37 -5.12 5.44
CA LEU A 14 5.02 -4.66 5.12
C LEU A 14 3.98 -5.42 5.93
N VAL A 15 3.38 -4.74 6.90
CA VAL A 15 2.36 -5.35 7.75
C VAL A 15 1.34 -4.32 8.21
N VAL A 16 0.13 -4.77 8.48
CA VAL A 16 -0.95 -3.89 8.93
C VAL A 16 -1.03 -3.86 10.46
N THR A 17 -1.21 -2.66 11.02
CA THR A 17 -1.30 -2.49 12.45
C THR A 17 -2.72 -2.14 12.88
N GLU A 18 -3.47 -1.53 11.97
CA GLU A 18 -4.85 -1.13 12.24
C GLU A 18 -5.73 -1.34 11.01
N THR A 19 -6.97 -1.77 11.24
CA THR A 19 -7.91 -2.01 10.16
C THR A 19 -9.31 -1.55 10.54
N THR A 20 -9.78 -0.49 9.89
CA THR A 20 -11.11 0.05 10.16
C THR A 20 -12.11 -0.40 9.11
N ALA A 21 -13.40 -0.21 9.40
CA ALA A 21 -14.45 -0.60 8.47
C ALA A 21 -14.31 0.13 7.14
N THR A 22 -13.86 1.38 7.21
CA THR A 22 -13.69 2.19 6.01
C THR A 22 -12.29 2.81 5.96
N SER A 23 -11.34 2.15 6.61
CA SER A 23 -9.96 2.63 6.64
C SER A 23 -9.00 1.53 7.05
N VAL A 24 -7.70 1.78 6.89
CA VAL A 24 -6.69 0.79 7.24
C VAL A 24 -5.32 1.47 7.42
N THR A 25 -4.45 0.79 8.16
CA THR A 25 -3.11 1.32 8.42
C THR A 25 -2.04 0.36 7.91
N LEU A 26 -1.10 0.89 7.13
CA LEU A 26 -0.01 0.08 6.58
C LEU A 26 1.34 0.53 7.14
N THR A 27 2.17 -0.44 7.51
CA THR A 27 3.49 -0.15 8.06
C THR A 27 4.59 -0.84 7.25
N TRP A 28 5.75 -0.20 7.17
CA TRP A 28 6.88 -0.75 6.43
C TRP A 28 8.16 -0.02 6.76
N ASP A 29 9.26 -0.41 6.13
CA ASP A 29 10.55 0.21 6.36
C ASP A 29 11.18 0.66 5.04
N SER A 30 12.03 1.69 5.11
CA SER A 30 12.69 2.21 3.92
C SER A 30 13.23 1.09 3.06
N GLY A 31 13.94 0.15 3.68
CA GLY A 31 14.50 -0.97 2.94
C GLY A 31 15.73 -0.58 2.14
N ASN A 32 15.64 0.53 1.42
CA ASN A 32 16.74 1.01 0.61
C ASN A 32 17.65 1.95 1.40
N SER A 33 18.92 2.02 1.02
CA SER A 33 19.88 2.88 1.69
C SER A 33 19.96 4.25 1.02
N GLU A 34 19.61 4.29 -0.26
CA GLU A 34 19.65 5.54 -1.02
C GLU A 34 18.54 6.49 -0.56
N PRO A 35 18.82 7.79 -0.63
CA PRO A 35 17.87 8.83 -0.22
C PRO A 35 16.68 8.93 -1.18
N VAL A 36 15.63 8.17 -0.90
CA VAL A 36 14.44 8.17 -1.73
C VAL A 36 13.58 9.40 -1.47
N THR A 37 12.95 9.91 -2.51
CA THR A 37 12.10 11.10 -2.39
C THR A 37 10.82 10.79 -1.64
N TYR A 38 10.06 9.82 -2.14
CA TYR A 38 8.81 9.43 -1.52
C TYR A 38 8.49 7.96 -1.81
N TYR A 39 7.36 7.49 -1.27
CA TYR A 39 6.94 6.11 -1.48
C TYR A 39 5.47 6.04 -1.86
N GLY A 40 5.21 5.64 -3.10
CA GLY A 40 3.84 5.54 -3.57
C GLY A 40 3.05 4.48 -2.83
N ILE A 41 1.75 4.39 -3.11
CA ILE A 41 0.89 3.42 -2.47
C ILE A 41 -0.20 2.94 -3.42
N GLN A 42 -0.34 1.62 -3.55
CA GLN A 42 -1.34 1.03 -4.42
C GLN A 42 -2.26 0.10 -3.65
N TYR A 43 -3.57 0.32 -3.79
CA TYR A 43 -4.56 -0.50 -3.10
C TYR A 43 -5.89 -0.50 -3.85
N ARG A 44 -6.58 -1.64 -3.82
CA ARG A 44 -7.86 -1.76 -4.50
C ARG A 44 -8.49 -3.12 -4.22
N ALA A 45 -9.81 -3.21 -4.37
CA ALA A 45 -10.52 -4.46 -4.14
C ALA A 45 -9.73 -5.65 -4.65
N ALA A 46 -9.44 -6.59 -3.76
CA ALA A 46 -8.68 -7.78 -4.12
C ALA A 46 -9.02 -8.24 -5.54
N GLY A 47 -10.31 -8.50 -5.78
CA GLY A 47 -10.74 -8.94 -7.09
C GLY A 47 -11.06 -7.79 -8.02
N THR A 48 -10.02 -7.13 -8.52
CA THR A 48 -10.20 -6.00 -9.42
C THR A 48 -9.84 -6.37 -10.86
N GLU A 49 -9.87 -5.39 -11.75
CA GLU A 49 -9.55 -5.61 -13.16
C GLU A 49 -8.06 -5.84 -13.33
N GLY A 50 -7.26 -5.34 -12.40
CA GLY A 50 -5.82 -5.50 -12.47
C GLY A 50 -5.08 -4.51 -11.60
N PRO A 51 -4.85 -3.29 -12.14
CA PRO A 51 -4.15 -2.23 -11.43
C PRO A 51 -4.96 -1.67 -10.27
N PHE A 52 -4.27 -1.19 -9.24
CA PHE A 52 -4.93 -0.63 -8.08
C PHE A 52 -4.77 0.89 -8.03
N GLN A 53 -5.41 1.53 -7.05
CA GLN A 53 -5.34 2.98 -6.91
C GLN A 53 -3.89 3.46 -6.98
N GLU A 54 -3.71 4.78 -6.88
CA GLU A 54 -2.38 5.37 -6.93
C GLU A 54 -2.29 6.60 -6.03
N VAL A 55 -1.45 6.52 -5.01
CA VAL A 55 -1.27 7.63 -4.08
C VAL A 55 0.20 8.01 -3.95
N ASP A 56 0.51 9.26 -4.25
CA ASP A 56 1.88 9.76 -4.17
C ASP A 56 1.98 10.92 -3.18
N GLY A 57 3.04 10.92 -2.39
CA GLY A 57 3.24 11.97 -1.41
C GLY A 57 3.35 11.45 0.01
N VAL A 58 4.02 10.29 0.15
CA VAL A 58 4.19 9.68 1.45
C VAL A 58 5.67 9.66 1.87
N ALA A 59 6.12 10.77 2.44
CA ALA A 59 7.51 10.90 2.87
C ALA A 59 7.72 10.20 4.21
N THR A 60 6.72 9.43 4.65
CA THR A 60 6.80 8.72 5.91
C THR A 60 6.83 7.21 5.69
N THR A 61 7.11 6.47 6.76
CA THR A 61 7.17 5.02 6.69
C THR A 61 5.82 4.39 7.01
N ARG A 62 4.97 5.16 7.68
CA ARG A 62 3.64 4.68 8.06
C ARG A 62 2.56 5.58 7.47
N TYR A 63 1.54 4.95 6.88
CA TYR A 63 0.43 5.69 6.27
C TYR A 63 -0.90 4.98 6.53
N SER A 64 -1.99 5.74 6.44
CA SER A 64 -3.31 5.19 6.65
C SER A 64 -4.20 5.41 5.43
N ILE A 65 -4.82 4.33 4.96
CA ILE A 65 -5.70 4.39 3.79
C ILE A 65 -7.15 4.52 4.21
N GLY A 66 -7.94 5.24 3.41
CA GLY A 66 -9.35 5.41 3.71
C GLY A 66 -10.22 5.39 2.48
N GLY A 67 -11.53 5.29 2.67
CA GLY A 67 -12.44 5.26 1.54
C GLY A 67 -12.80 3.84 1.12
N LEU A 68 -12.52 2.89 2.00
CA LEU A 68 -12.82 1.48 1.72
C LEU A 68 -14.20 1.09 2.23
N SER A 69 -14.63 -0.12 1.89
CA SER A 69 -15.94 -0.61 2.32
C SER A 69 -15.79 -1.59 3.49
N PRO A 70 -16.83 -1.69 4.32
CA PRO A 70 -16.84 -2.58 5.48
C PRO A 70 -16.92 -4.05 5.08
N PHE A 71 -16.16 -4.89 5.78
CA PHE A 71 -16.15 -6.32 5.49
C PHE A 71 -15.75 -6.57 4.04
N SER A 72 -14.63 -6.01 3.63
CA SER A 72 -14.14 -6.17 2.26
C SER A 72 -12.65 -6.51 2.25
N GLU A 73 -12.19 -7.09 1.15
CA GLU A 73 -10.78 -7.46 1.02
C GLU A 73 -10.07 -6.54 0.04
N TYR A 74 -8.89 -6.08 0.42
CA TYR A 74 -8.10 -5.19 -0.42
C TYR A 74 -6.63 -5.59 -0.44
N ALA A 75 -5.94 -5.26 -1.52
CA ALA A 75 -4.53 -5.59 -1.66
C ALA A 75 -3.67 -4.33 -1.70
N PHE A 76 -2.96 -4.07 -0.61
CA PHE A 76 -2.10 -2.89 -0.52
C PHE A 76 -0.65 -3.24 -0.87
N ARG A 77 0.08 -2.25 -1.36
CA ARG A 77 1.48 -2.46 -1.74
C ARG A 77 2.20 -1.12 -1.86
N VAL A 78 3.34 -1.01 -1.18
CA VAL A 78 4.13 0.22 -1.21
C VAL A 78 5.35 0.05 -2.11
N LEU A 79 5.88 1.17 -2.59
CA LEU A 79 7.05 1.16 -3.46
C LEU A 79 7.85 2.45 -3.34
N ALA A 80 9.16 2.35 -3.45
CA ALA A 80 10.03 3.51 -3.34
C ALA A 80 10.06 4.28 -4.66
N VAL A 81 10.32 5.59 -4.56
CA VAL A 81 10.37 6.44 -5.75
C VAL A 81 11.33 7.62 -5.53
N ASN A 82 12.11 7.94 -6.55
CA ASN A 82 13.05 9.04 -6.48
C ASN A 82 13.32 9.62 -7.86
N SER A 83 14.17 10.65 -7.91
CA SER A 83 14.51 11.31 -9.17
C SER A 83 14.56 10.29 -10.31
N ILE A 84 15.18 9.15 -10.04
CA ILE A 84 15.31 8.09 -11.04
C ILE A 84 13.94 7.59 -11.48
N GLY A 85 13.16 7.10 -10.52
CA GLY A 85 11.84 6.59 -10.83
C GLY A 85 11.24 5.79 -9.69
N ARG A 86 10.20 5.02 -9.99
CA ARG A 86 9.54 4.20 -8.97
C ARG A 86 9.88 2.73 -9.15
N GLY A 87 10.62 2.17 -8.19
CA GLY A 87 11.00 0.77 -8.26
C GLY A 87 9.80 -0.16 -8.25
N PRO A 88 10.06 -1.46 -8.17
CA PRO A 88 9.01 -2.49 -8.15
C PRO A 88 8.20 -2.47 -6.86
N PRO A 89 6.95 -2.94 -6.94
CA PRO A 89 6.05 -2.98 -5.78
C PRO A 89 6.48 -4.02 -4.75
N SER A 90 6.29 -3.70 -3.47
CA SER A 90 6.66 -4.61 -2.40
C SER A 90 5.63 -5.73 -2.25
N GLU A 91 6.00 -6.78 -1.53
CA GLU A 91 5.12 -7.91 -1.30
C GLU A 91 3.71 -7.44 -0.97
N ALA A 92 2.84 -7.42 -1.97
CA ALA A 92 1.46 -6.99 -1.77
C ALA A 92 0.81 -7.74 -0.61
N VAL A 93 0.18 -6.99 0.29
CA VAL A 93 -0.49 -7.57 1.44
C VAL A 93 -2.00 -7.45 1.33
N ARG A 94 -2.71 -8.48 1.77
CA ARG A 94 -4.17 -8.49 1.72
C ARG A 94 -4.76 -8.35 3.13
N ALA A 95 -5.57 -7.32 3.32
CA ALA A 95 -6.21 -7.09 4.62
C ALA A 95 -7.71 -6.87 4.47
N ARG A 96 -8.49 -7.64 5.21
CA ARG A 96 -9.93 -7.56 5.15
C ARG A 96 -10.46 -6.55 6.19
N THR A 97 -11.07 -5.48 5.70
CA THR A 97 -11.62 -4.45 6.58
C THR A 97 -12.72 -5.01 7.47
N GLY A 98 -12.88 -4.41 8.65
CA GLY A 98 -13.90 -4.86 9.58
C GLY A 98 -15.31 -4.57 9.09
N GLU A 99 -16.28 -5.33 9.57
CA GLU A 99 -17.67 -5.14 9.16
C GLU A 99 -18.38 -4.19 10.12
N GLN A 100 -19.27 -3.36 9.56
CA GLN A 100 -20.01 -2.40 10.37
C GLN A 100 -21.43 -2.23 9.83
N SER A 101 -22.43 -2.49 10.67
CA SER A 101 -23.81 -2.36 10.27
C SER A 101 -24.04 -1.09 9.47
N GLY A 102 -24.30 -1.24 8.18
CA GLY A 102 -24.54 -0.09 7.33
C GLY A 102 -25.17 -0.47 6.00
N PRO A 103 -24.38 -1.06 5.11
CA PRO A 103 -24.85 -1.48 3.79
C PRO A 103 -25.80 -2.67 3.85
N SER A 104 -26.42 -3.00 2.73
CA SER A 104 -27.35 -4.11 2.66
C SER A 104 -26.61 -5.44 2.61
N SER A 105 -26.93 -6.33 3.56
CA SER A 105 -26.28 -7.64 3.61
C SER A 105 -26.92 -8.50 4.70
N GLY A 106 -27.49 -9.63 4.29
CA GLY A 106 -28.13 -10.53 5.24
C GLY A 106 -29.52 -10.92 4.81
N GLY A 1 14.38 -12.45 -10.13
CA GLY A 1 15.77 -12.12 -10.43
C GLY A 1 15.92 -10.81 -11.16
N SER A 2 16.81 -9.96 -10.68
CA SER A 2 17.04 -8.65 -11.29
C SER A 2 18.52 -8.28 -11.24
N SER A 3 19.19 -8.36 -12.38
CA SER A 3 20.61 -8.03 -12.46
C SER A 3 20.81 -6.59 -12.91
N GLY A 4 21.47 -5.80 -12.06
CA GLY A 4 21.71 -4.41 -12.38
C GLY A 4 21.15 -3.46 -11.35
N SER A 5 21.22 -2.17 -11.63
CA SER A 5 20.71 -1.16 -10.71
C SER A 5 19.58 -0.36 -11.35
N SER A 6 18.35 -0.82 -11.13
CA SER A 6 17.17 -0.17 -11.69
C SER A 6 16.41 0.59 -10.60
N GLY A 7 16.54 1.92 -10.61
CA GLY A 7 15.85 2.73 -9.61
C GLY A 7 16.07 2.23 -8.20
N PRO A 8 15.26 2.73 -7.26
CA PRO A 8 15.35 2.34 -5.85
C PRO A 8 14.90 0.90 -5.61
N LYS A 9 14.88 0.50 -4.36
CA LYS A 9 14.47 -0.86 -3.98
C LYS A 9 13.09 -0.85 -3.33
N PRO A 10 12.38 -1.98 -3.42
CA PRO A 10 11.04 -2.12 -2.84
C PRO A 10 11.08 -2.15 -1.30
N PRO A 11 10.03 -1.60 -0.68
CA PRO A 11 9.92 -1.54 0.78
C PRO A 11 9.68 -2.92 1.39
N ILE A 12 10.18 -3.11 2.61
CA ILE A 12 10.02 -4.38 3.30
C ILE A 12 9.24 -4.20 4.60
N ASP A 13 9.04 -5.30 5.32
CA ASP A 13 8.30 -5.27 6.58
C ASP A 13 6.87 -4.78 6.37
N LEU A 14 6.31 -5.12 5.20
CA LEU A 14 4.94 -4.72 4.87
C LEU A 14 3.93 -5.49 5.70
N VAL A 15 3.28 -4.80 6.63
CA VAL A 15 2.28 -5.42 7.49
C VAL A 15 1.20 -4.42 7.89
N VAL A 16 0.13 -4.92 8.50
CA VAL A 16 -0.97 -4.07 8.93
C VAL A 16 -1.10 -4.08 10.45
N THR A 17 -1.24 -2.88 11.03
CA THR A 17 -1.37 -2.75 12.48
C THR A 17 -2.79 -2.38 12.87
N GLU A 18 -3.38 -1.43 12.16
CA GLU A 18 -4.75 -0.99 12.44
C GLU A 18 -5.63 -1.18 11.20
N THR A 19 -6.89 -1.52 11.44
CA THR A 19 -7.85 -1.73 10.36
C THR A 19 -9.21 -1.17 10.71
N THR A 20 -9.61 -0.11 10.02
CA THR A 20 -10.91 0.52 10.27
C THR A 20 -11.95 0.03 9.27
N ALA A 21 -13.22 0.16 9.64
CA ALA A 21 -14.31 -0.26 8.77
C ALA A 21 -14.22 0.39 7.40
N THR A 22 -13.80 1.65 7.38
CA THR A 22 -13.66 2.39 6.13
C THR A 22 -12.24 2.94 5.98
N SER A 23 -11.32 2.39 6.74
CA SER A 23 -9.92 2.83 6.69
C SER A 23 -8.98 1.69 7.07
N VAL A 24 -7.69 1.94 6.92
CA VAL A 24 -6.67 0.94 7.25
C VAL A 24 -5.31 1.57 7.44
N THR A 25 -4.47 0.94 8.25
CA THR A 25 -3.13 1.44 8.53
C THR A 25 -2.07 0.47 8.03
N LEU A 26 -1.05 1.00 7.37
CA LEU A 26 0.04 0.19 6.84
C LEU A 26 1.38 0.61 7.44
N THR A 27 2.26 -0.36 7.65
CA THR A 27 3.57 -0.08 8.22
C THR A 27 4.66 -0.88 7.48
N TRP A 28 5.77 -0.21 7.19
CA TRP A 28 6.88 -0.86 6.50
C TRP A 28 8.21 -0.17 6.84
N ASP A 29 9.29 -0.68 6.27
CA ASP A 29 10.61 -0.11 6.52
C ASP A 29 11.18 0.50 5.24
N SER A 30 12.07 1.47 5.41
CA SER A 30 12.69 2.15 4.27
C SER A 30 13.20 1.13 3.25
N GLY A 31 13.97 0.16 3.73
CA GLY A 31 14.52 -0.87 2.86
C GLY A 31 15.76 -0.38 2.12
N ASN A 32 15.68 0.83 1.59
CA ASN A 32 16.80 1.41 0.85
C ASN A 32 17.84 2.01 1.80
N SER A 33 18.98 2.40 1.25
CA SER A 33 20.04 3.00 2.05
C SER A 33 19.97 4.51 2.02
N GLU A 34 19.39 5.06 0.95
CA GLU A 34 19.26 6.49 0.81
C GLU A 34 17.79 6.91 0.83
N PRO A 35 17.52 8.11 1.38
CA PRO A 35 16.16 8.64 1.46
C PRO A 35 15.59 9.04 0.10
N VAL A 36 14.64 8.25 -0.39
CA VAL A 36 14.02 8.52 -1.68
C VAL A 36 13.08 9.71 -1.60
N THR A 37 12.84 10.35 -2.75
CA THR A 37 11.96 11.51 -2.81
C THR A 37 10.68 11.26 -2.02
N TYR A 38 9.95 10.22 -2.39
CA TYR A 38 8.71 9.87 -1.72
C TYR A 38 8.36 8.40 -1.92
N TYR A 39 7.24 7.98 -1.34
CA TYR A 39 6.80 6.60 -1.47
C TYR A 39 5.35 6.53 -1.95
N GLY A 40 5.09 5.64 -2.89
CA GLY A 40 3.75 5.49 -3.43
C GLY A 40 2.98 4.38 -2.76
N ILE A 41 1.69 4.25 -3.10
CA ILE A 41 0.85 3.21 -2.51
C ILE A 41 -0.21 2.74 -3.51
N GLN A 42 -0.37 1.42 -3.62
CA GLN A 42 -1.34 0.85 -4.54
C GLN A 42 -2.30 -0.08 -3.79
N TYR A 43 -3.59 0.12 -4.03
CA TYR A 43 -4.62 -0.70 -3.38
C TYR A 43 -5.92 -0.65 -4.16
N ARG A 44 -6.69 -1.73 -4.09
CA ARG A 44 -7.97 -1.81 -4.79
C ARG A 44 -8.70 -3.10 -4.44
N ALA A 45 -9.90 -3.26 -4.96
CA ALA A 45 -10.71 -4.45 -4.71
C ALA A 45 -9.86 -5.71 -4.83
N ALA A 46 -9.55 -6.32 -3.68
CA ALA A 46 -8.74 -7.53 -3.65
C ALA A 46 -9.47 -8.68 -4.34
N GLY A 47 -8.95 -9.09 -5.50
CA GLY A 47 -9.57 -10.17 -6.24
C GLY A 47 -10.21 -9.72 -7.53
N THR A 48 -10.92 -8.58 -7.46
CA THR A 48 -11.58 -8.03 -8.64
C THR A 48 -10.57 -7.68 -9.73
N GLU A 49 -10.93 -7.97 -10.98
CA GLU A 49 -10.06 -7.68 -12.10
C GLU A 49 -10.27 -6.26 -12.60
N GLY A 50 -9.81 -5.28 -11.82
CA GLY A 50 -9.96 -3.89 -12.20
C GLY A 50 -8.69 -3.09 -11.97
N PRO A 51 -8.73 -1.80 -12.33
CA PRO A 51 -7.58 -0.91 -12.18
C PRO A 51 -7.28 -0.59 -10.71
N PHE A 52 -6.00 -0.61 -10.37
CA PHE A 52 -5.57 -0.34 -8.99
C PHE A 52 -5.50 1.17 -8.74
N GLN A 53 -5.42 1.54 -7.47
CA GLN A 53 -5.35 2.95 -7.09
C GLN A 53 -3.89 3.41 -6.99
N GLU A 54 -3.69 4.73 -7.03
CA GLU A 54 -2.35 5.29 -6.94
C GLU A 54 -2.34 6.51 -6.02
N VAL A 55 -1.40 6.52 -5.08
CA VAL A 55 -1.28 7.64 -4.14
C VAL A 55 0.17 8.07 -3.99
N ASP A 56 0.43 9.35 -4.27
CA ASP A 56 1.77 9.90 -4.17
C ASP A 56 1.83 11.00 -3.12
N GLY A 57 2.96 11.08 -2.41
CA GLY A 57 3.12 12.09 -1.38
C GLY A 57 3.22 11.49 0.01
N VAL A 58 3.94 10.37 0.12
CA VAL A 58 4.10 9.69 1.40
C VAL A 58 5.56 9.68 1.83
N ALA A 59 5.98 10.73 2.52
CA ALA A 59 7.36 10.84 2.99
C ALA A 59 7.53 10.16 4.35
N THR A 60 6.72 9.14 4.61
CA THR A 60 6.78 8.41 5.87
C THR A 60 6.71 6.91 5.64
N THR A 61 7.02 6.14 6.69
CA THR A 61 6.99 4.69 6.60
C THR A 61 5.63 4.14 7.01
N ARG A 62 4.82 4.99 7.64
CA ARG A 62 3.49 4.59 8.09
C ARG A 62 2.41 5.41 7.40
N TYR A 63 1.53 4.73 6.67
CA TYR A 63 0.45 5.41 5.96
C TYR A 63 -0.85 4.63 6.08
N SER A 64 -1.96 5.34 6.23
CA SER A 64 -3.27 4.72 6.35
C SER A 64 -4.15 5.04 5.15
N ILE A 65 -4.91 4.05 4.70
CA ILE A 65 -5.79 4.22 3.56
C ILE A 65 -7.25 4.33 4.01
N GLY A 66 -7.97 5.30 3.42
CA GLY A 66 -9.36 5.50 3.78
C GLY A 66 -10.26 5.49 2.55
N GLY A 67 -11.57 5.54 2.79
CA GLY A 67 -12.53 5.53 1.70
C GLY A 67 -12.82 4.13 1.19
N LEU A 68 -12.70 3.15 2.07
CA LEU A 68 -12.96 1.77 1.71
C LEU A 68 -14.29 1.29 2.28
N SER A 69 -14.73 0.12 1.85
CA SER A 69 -15.99 -0.46 2.31
C SER A 69 -15.76 -1.41 3.47
N PRO A 70 -16.72 -1.43 4.41
CA PRO A 70 -16.64 -2.31 5.59
C PRO A 70 -16.83 -3.78 5.24
N PHE A 71 -16.06 -4.63 5.89
CA PHE A 71 -16.13 -6.07 5.64
C PHE A 71 -15.70 -6.41 4.21
N SER A 72 -14.72 -5.66 3.72
CA SER A 72 -14.21 -5.87 2.36
C SER A 72 -12.75 -6.30 2.40
N GLU A 73 -12.23 -6.70 1.24
CA GLU A 73 -10.85 -7.14 1.12
C GLU A 73 -10.09 -6.31 0.08
N TYR A 74 -8.88 -5.91 0.43
CA TYR A 74 -8.05 -5.10 -0.47
C TYR A 74 -6.58 -5.48 -0.33
N ALA A 75 -5.82 -5.29 -1.40
CA ALA A 75 -4.39 -5.60 -1.40
C ALA A 75 -3.56 -4.32 -1.38
N PHE A 76 -2.82 -4.11 -0.31
CA PHE A 76 -1.97 -2.93 -0.17
C PHE A 76 -0.53 -3.25 -0.54
N ARG A 77 0.16 -2.25 -1.09
CA ARG A 77 1.56 -2.43 -1.48
C ARG A 77 2.26 -1.08 -1.61
N VAL A 78 3.46 -0.99 -1.06
CA VAL A 78 4.24 0.25 -1.11
C VAL A 78 5.45 0.08 -2.01
N LEU A 79 5.94 1.21 -2.54
CA LEU A 79 7.11 1.19 -3.43
C LEU A 79 7.92 2.48 -3.26
N ALA A 80 9.24 2.34 -3.36
CA ALA A 80 10.13 3.49 -3.24
C ALA A 80 10.18 4.29 -4.53
N VAL A 81 10.23 5.62 -4.40
CA VAL A 81 10.29 6.50 -5.55
C VAL A 81 11.15 7.73 -5.28
N ASN A 82 12.16 7.94 -6.12
CA ASN A 82 13.05 9.07 -5.96
C ASN A 82 13.34 9.73 -7.32
N SER A 83 14.20 10.75 -7.29
CA SER A 83 14.56 11.47 -8.52
C SER A 83 14.63 10.51 -9.70
N ILE A 84 15.17 9.32 -9.48
CA ILE A 84 15.30 8.32 -10.52
C ILE A 84 13.93 7.87 -11.03
N GLY A 85 13.12 7.34 -10.12
CA GLY A 85 11.80 6.89 -10.49
C GLY A 85 11.20 5.94 -9.47
N ARG A 86 10.07 5.33 -9.81
CA ARG A 86 9.39 4.41 -8.91
C ARG A 86 9.84 2.97 -9.19
N GLY A 87 10.46 2.36 -8.18
CA GLY A 87 10.93 0.98 -8.34
C GLY A 87 9.80 -0.02 -8.26
N PRO A 88 10.15 -1.31 -8.15
CA PRO A 88 9.18 -2.40 -8.08
C PRO A 88 8.41 -2.40 -6.76
N PRO A 89 7.15 -2.83 -6.81
CA PRO A 89 6.28 -2.88 -5.63
C PRO A 89 6.71 -3.97 -4.64
N SER A 90 6.40 -3.76 -3.36
CA SER A 90 6.76 -4.72 -2.34
C SER A 90 5.73 -5.85 -2.26
N GLU A 91 6.07 -6.90 -1.50
CA GLU A 91 5.17 -8.04 -1.35
C GLU A 91 3.76 -7.59 -0.98
N ALA A 92 2.91 -7.46 -1.99
CA ALA A 92 1.52 -7.03 -1.79
C ALA A 92 0.89 -7.80 -0.64
N VAL A 93 0.28 -7.08 0.30
CA VAL A 93 -0.37 -7.69 1.44
C VAL A 93 -1.88 -7.55 1.36
N ARG A 94 -2.60 -8.56 1.86
CA ARG A 94 -4.05 -8.55 1.83
C ARG A 94 -4.62 -8.38 3.24
N ALA A 95 -5.44 -7.37 3.42
CA ALA A 95 -6.06 -7.10 4.72
C ALA A 95 -7.53 -6.74 4.57
N ARG A 96 -8.39 -7.50 5.24
CA ARG A 96 -9.83 -7.27 5.19
C ARG A 96 -10.26 -6.25 6.23
N THR A 97 -10.92 -5.19 5.78
CA THR A 97 -11.39 -4.13 6.68
C THR A 97 -12.48 -4.65 7.60
N GLY A 98 -12.65 -3.98 8.74
CA GLY A 98 -13.67 -4.38 9.69
C GLY A 98 -15.06 -3.94 9.29
N GLU A 99 -16.06 -4.29 10.09
CA GLU A 99 -17.44 -3.92 9.80
C GLU A 99 -17.92 -2.85 10.79
N GLN A 100 -18.77 -1.95 10.30
CA GLN A 100 -19.30 -0.87 11.12
C GLN A 100 -20.62 -0.35 10.54
N SER A 101 -21.71 -0.57 11.27
CA SER A 101 -23.02 -0.12 10.83
C SER A 101 -23.19 -0.31 9.32
N GLY A 102 -22.60 -1.39 8.80
CA GLY A 102 -22.69 -1.68 7.38
C GLY A 102 -24.11 -1.59 6.86
N PRO A 103 -24.27 -1.75 5.55
CA PRO A 103 -25.59 -1.70 4.90
C PRO A 103 -26.46 -2.90 5.25
N SER A 104 -27.27 -2.77 6.28
CA SER A 104 -28.14 -3.84 6.72
C SER A 104 -29.27 -3.31 7.61
N SER A 105 -30.51 -3.68 7.27
CA SER A 105 -31.67 -3.23 8.03
C SER A 105 -31.86 -4.09 9.28
N GLY A 106 -31.80 -3.44 10.44
CA GLY A 106 -31.96 -4.15 11.69
C GLY A 106 -30.75 -4.04 12.59
N GLY A 1 16.10 -15.50 -10.80
CA GLY A 1 16.03 -14.09 -10.48
C GLY A 1 16.98 -13.26 -11.32
N SER A 2 16.65 -13.10 -12.59
CA SER A 2 17.49 -12.34 -13.51
C SER A 2 16.68 -11.24 -14.19
N SER A 3 16.82 -10.01 -13.69
CA SER A 3 16.10 -8.87 -14.24
C SER A 3 16.81 -7.56 -13.88
N GLY A 4 17.04 -6.73 -14.90
CA GLY A 4 17.70 -5.46 -14.67
C GLY A 4 16.81 -4.45 -13.99
N SER A 5 17.05 -4.22 -12.70
CA SER A 5 16.26 -3.28 -11.92
C SER A 5 16.79 -1.86 -12.08
N SER A 6 15.90 -0.92 -12.34
CA SER A 6 16.28 0.48 -12.52
C SER A 6 15.51 1.38 -11.56
N GLY A 7 16.16 1.76 -10.47
CA GLY A 7 15.52 2.62 -9.49
C GLY A 7 15.77 2.16 -8.07
N PRO A 8 15.01 2.72 -7.11
CA PRO A 8 15.13 2.38 -5.69
C PRO A 8 14.64 0.97 -5.39
N LYS A 9 14.83 0.54 -4.15
CA LYS A 9 14.42 -0.80 -3.73
C LYS A 9 13.05 -0.75 -3.06
N PRO A 10 12.30 -1.87 -3.16
CA PRO A 10 10.96 -1.98 -2.56
C PRO A 10 11.02 -2.02 -1.04
N PRO A 11 9.96 -1.49 -0.40
CA PRO A 11 9.86 -1.44 1.06
C PRO A 11 9.64 -2.84 1.66
N ILE A 12 10.08 -3.02 2.90
CA ILE A 12 9.93 -4.30 3.59
C ILE A 12 9.07 -4.14 4.84
N ASP A 13 8.82 -5.26 5.52
CA ASP A 13 8.03 -5.26 6.74
C ASP A 13 6.62 -4.74 6.46
N LEU A 14 6.10 -5.04 5.28
CA LEU A 14 4.76 -4.61 4.90
C LEU A 14 3.69 -5.31 5.72
N VAL A 15 3.22 -4.64 6.77
CA VAL A 15 2.20 -5.22 7.64
C VAL A 15 1.25 -4.13 8.15
N VAL A 16 0.01 -4.52 8.42
CA VAL A 16 -1.00 -3.59 8.91
C VAL A 16 -1.27 -3.80 10.40
N THR A 17 -1.17 -2.72 11.17
CA THR A 17 -1.40 -2.79 12.61
C THR A 17 -2.88 -2.64 12.93
N GLU A 18 -3.52 -1.66 12.31
CA GLU A 18 -4.94 -1.41 12.54
C GLU A 18 -5.71 -1.46 11.22
N THR A 19 -6.98 -1.86 11.30
CA THR A 19 -7.83 -1.96 10.12
C THR A 19 -9.25 -1.49 10.42
N THR A 20 -9.62 -0.35 9.86
CA THR A 20 -10.95 0.20 10.06
C THR A 20 -11.90 -0.21 8.95
N ALA A 21 -13.20 -0.11 9.22
CA ALA A 21 -14.22 -0.47 8.23
C ALA A 21 -14.08 0.36 6.97
N THR A 22 -13.62 1.60 7.13
CA THR A 22 -13.45 2.50 5.99
C THR A 22 -12.03 3.05 5.93
N SER A 23 -11.14 2.46 6.73
CA SER A 23 -9.75 2.88 6.78
C SER A 23 -8.83 1.72 7.12
N VAL A 24 -7.53 1.93 6.94
CA VAL A 24 -6.54 0.89 7.23
C VAL A 24 -5.17 1.51 7.51
N THR A 25 -4.40 0.85 8.38
CA THR A 25 -3.09 1.34 8.74
C THR A 25 -2.01 0.35 8.31
N LEU A 26 -1.14 0.78 7.39
CA LEU A 26 -0.06 -0.06 6.90
C LEU A 26 1.30 0.44 7.38
N THR A 27 2.23 -0.48 7.57
CA THR A 27 3.57 -0.13 8.02
C THR A 27 4.64 -0.85 7.21
N TRP A 28 5.81 -0.24 7.10
CA TRP A 28 6.92 -0.83 6.36
C TRP A 28 8.22 -0.12 6.67
N ASP A 29 9.31 -0.59 6.06
CA ASP A 29 10.62 0.00 6.27
C ASP A 29 11.20 0.53 4.96
N SER A 30 12.03 1.57 5.06
CA SER A 30 12.64 2.17 3.89
C SER A 30 13.16 1.11 2.93
N GLY A 31 13.89 0.14 3.48
CA GLY A 31 14.42 -0.93 2.66
C GLY A 31 15.63 -0.50 1.86
N ASN A 32 15.52 0.64 1.18
CA ASN A 32 16.61 1.17 0.38
C ASN A 32 17.56 2.03 1.22
N SER A 33 18.82 2.10 0.81
CA SER A 33 19.81 2.87 1.53
C SER A 33 19.92 4.29 0.95
N GLU A 34 19.74 4.39 -0.36
CA GLU A 34 19.83 5.68 -1.04
C GLU A 34 18.65 6.58 -0.64
N PRO A 35 18.85 7.90 -0.76
CA PRO A 35 17.83 8.89 -0.41
C PRO A 35 16.66 8.88 -1.39
N VAL A 36 15.50 8.45 -0.93
CA VAL A 36 14.31 8.40 -1.78
C VAL A 36 13.44 9.64 -1.57
N THR A 37 12.77 10.06 -2.64
CA THR A 37 11.90 11.23 -2.58
C THR A 37 10.62 10.94 -1.82
N TYR A 38 9.96 9.84 -2.19
CA TYR A 38 8.71 9.45 -1.54
C TYR A 38 8.35 8.01 -1.90
N TYR A 39 7.38 7.45 -1.17
CA TYR A 39 6.94 6.08 -1.40
C TYR A 39 5.47 6.04 -1.80
N GLY A 40 5.20 5.57 -3.02
CA GLY A 40 3.83 5.49 -3.49
C GLY A 40 3.06 4.34 -2.86
N ILE A 41 1.74 4.39 -2.97
CA ILE A 41 0.89 3.35 -2.40
C ILE A 41 -0.22 2.96 -3.36
N GLN A 42 -0.42 1.66 -3.55
CA GLN A 42 -1.44 1.16 -4.45
C GLN A 42 -2.36 0.18 -3.73
N TYR A 43 -3.65 0.23 -4.05
CA TYR A 43 -4.63 -0.65 -3.43
C TYR A 43 -5.92 -0.69 -4.24
N ARG A 44 -6.64 -1.80 -4.15
CA ARG A 44 -7.89 -1.96 -4.87
C ARG A 44 -8.76 -3.04 -4.23
N ALA A 45 -9.98 -3.19 -4.74
CA ALA A 45 -10.91 -4.19 -4.20
C ALA A 45 -10.53 -5.59 -4.67
N ALA A 46 -10.01 -6.40 -3.75
CA ALA A 46 -9.62 -7.76 -4.06
C ALA A 46 -10.80 -8.57 -4.59
N GLY A 47 -10.84 -8.77 -5.91
CA GLY A 47 -11.92 -9.52 -6.51
C GLY A 47 -12.47 -8.85 -7.75
N THR A 48 -12.97 -7.63 -7.58
CA THR A 48 -13.54 -6.87 -8.69
C THR A 48 -12.52 -6.69 -9.81
N GLU A 49 -13.00 -6.59 -11.03
CA GLU A 49 -12.14 -6.41 -12.20
C GLU A 49 -11.93 -4.93 -12.50
N GLY A 50 -11.45 -4.19 -11.51
CA GLY A 50 -11.22 -2.76 -11.69
C GLY A 50 -9.77 -2.38 -11.50
N PRO A 51 -9.44 -1.13 -11.86
CA PRO A 51 -8.06 -0.62 -11.73
C PRO A 51 -7.66 -0.41 -10.27
N PHE A 52 -6.37 -0.18 -10.04
CA PHE A 52 -5.86 0.03 -8.70
C PHE A 52 -5.74 1.52 -8.38
N GLN A 53 -5.65 1.84 -7.10
CA GLN A 53 -5.53 3.23 -6.66
C GLN A 53 -4.09 3.72 -6.79
N GLU A 54 -3.88 5.00 -6.52
CA GLU A 54 -2.55 5.59 -6.60
C GLU A 54 -2.42 6.77 -5.63
N VAL A 55 -1.41 6.71 -4.77
CA VAL A 55 -1.18 7.78 -3.80
C VAL A 55 0.29 8.17 -3.77
N ASP A 56 0.55 9.45 -4.02
CA ASP A 56 1.93 9.97 -4.03
C ASP A 56 2.08 11.11 -3.01
N GLY A 57 3.16 11.08 -2.26
CA GLY A 57 3.41 12.10 -1.27
C GLY A 57 3.55 11.54 0.13
N VAL A 58 4.08 10.33 0.23
CA VAL A 58 4.27 9.68 1.52
C VAL A 58 5.75 9.63 1.90
N ALA A 59 6.23 10.70 2.53
CA ALA A 59 7.62 10.77 2.95
C ALA A 59 7.83 10.10 4.29
N THR A 60 6.97 9.13 4.60
CA THR A 60 7.05 8.41 5.87
C THR A 60 7.03 6.91 5.65
N THR A 61 7.34 6.15 6.69
CA THR A 61 7.34 4.69 6.61
C THR A 61 5.96 4.12 6.93
N ARG A 62 5.08 4.96 7.45
CA ARG A 62 3.74 4.53 7.80
C ARG A 62 2.69 5.38 7.09
N TYR A 63 1.59 4.76 6.69
CA TYR A 63 0.52 5.46 5.99
C TYR A 63 -0.80 4.70 6.12
N SER A 64 -1.90 5.45 6.13
CA SER A 64 -3.23 4.85 6.25
C SER A 64 -4.06 5.13 5.01
N ILE A 65 -4.84 4.13 4.60
CA ILE A 65 -5.68 4.26 3.41
C ILE A 65 -7.15 4.41 3.80
N GLY A 66 -7.86 5.32 3.14
CA GLY A 66 -9.25 5.54 3.42
C GLY A 66 -10.12 5.47 2.18
N GLY A 67 -11.44 5.45 2.39
CA GLY A 67 -12.36 5.39 1.26
C GLY A 67 -12.68 3.96 0.86
N LEU A 68 -12.57 3.03 1.81
CA LEU A 68 -12.85 1.63 1.55
C LEU A 68 -14.22 1.24 2.10
N SER A 69 -14.57 -0.03 1.92
CA SER A 69 -15.85 -0.54 2.40
C SER A 69 -15.65 -1.50 3.58
N PRO A 70 -16.65 -1.53 4.48
CA PRO A 70 -16.61 -2.40 5.67
C PRO A 70 -16.75 -3.87 5.30
N PHE A 71 -15.93 -4.71 5.92
CA PHE A 71 -15.97 -6.15 5.66
C PHE A 71 -15.58 -6.45 4.22
N SER A 72 -14.48 -5.86 3.77
CA SER A 72 -14.00 -6.06 2.41
C SER A 72 -12.51 -6.40 2.40
N GLU A 73 -12.05 -6.99 1.29
CA GLU A 73 -10.64 -7.36 1.15
C GLU A 73 -9.94 -6.48 0.13
N TYR A 74 -8.73 -6.05 0.46
CA TYR A 74 -7.95 -5.19 -0.42
C TYR A 74 -6.47 -5.55 -0.35
N ALA A 75 -5.76 -5.33 -1.46
CA ALA A 75 -4.34 -5.61 -1.53
C ALA A 75 -3.52 -4.33 -1.47
N PHE A 76 -2.73 -4.18 -0.40
CA PHE A 76 -1.90 -3.00 -0.24
C PHE A 76 -0.45 -3.30 -0.62
N ARG A 77 0.24 -2.28 -1.12
CA ARG A 77 1.63 -2.44 -1.53
C ARG A 77 2.32 -1.08 -1.66
N VAL A 78 3.42 -0.90 -0.94
CA VAL A 78 4.16 0.35 -0.99
C VAL A 78 5.41 0.23 -1.85
N LEU A 79 5.75 1.30 -2.56
CA LEU A 79 6.91 1.31 -3.42
C LEU A 79 7.66 2.64 -3.32
N ALA A 80 8.98 2.56 -3.20
CA ALA A 80 9.81 3.75 -3.09
C ALA A 80 9.92 4.47 -4.44
N VAL A 81 10.11 5.79 -4.39
CA VAL A 81 10.23 6.58 -5.61
C VAL A 81 11.13 7.79 -5.38
N ASN A 82 12.16 7.92 -6.22
CA ASN A 82 13.10 9.03 -6.12
C ASN A 82 13.30 9.69 -7.47
N SER A 83 14.17 10.70 -7.51
CA SER A 83 14.47 11.42 -8.74
C SER A 83 14.47 10.46 -9.93
N ILE A 84 15.10 9.32 -9.75
CA ILE A 84 15.18 8.32 -10.82
C ILE A 84 13.79 7.85 -11.25
N GLY A 85 13.02 7.34 -10.30
CA GLY A 85 11.67 6.88 -10.59
C GLY A 85 11.10 6.00 -9.49
N ARG A 86 10.05 5.26 -9.81
CA ARG A 86 9.41 4.39 -8.83
C ARG A 86 9.83 2.94 -9.05
N GLY A 87 10.45 2.36 -8.03
CA GLY A 87 10.90 0.98 -8.12
C GLY A 87 9.76 -0.01 -8.08
N PRO A 88 10.09 -1.31 -7.99
CA PRO A 88 9.08 -2.38 -7.94
C PRO A 88 8.32 -2.39 -6.62
N PRO A 89 7.07 -2.88 -6.67
CA PRO A 89 6.20 -2.96 -5.49
C PRO A 89 6.68 -4.00 -4.48
N SER A 90 6.37 -3.77 -3.21
CA SER A 90 6.77 -4.69 -2.14
C SER A 90 5.80 -5.85 -2.03
N GLU A 91 6.17 -6.84 -1.24
CA GLU A 91 5.32 -8.03 -1.04
C GLU A 91 3.87 -7.62 -0.85
N ALA A 92 3.09 -7.70 -1.92
CA ALA A 92 1.68 -7.35 -1.86
C ALA A 92 0.99 -8.03 -0.69
N VAL A 93 0.37 -7.25 0.19
CA VAL A 93 -0.33 -7.79 1.34
C VAL A 93 -1.84 -7.60 1.21
N ARG A 94 -2.59 -8.51 1.83
CA ARG A 94 -4.05 -8.44 1.78
C ARG A 94 -4.63 -8.30 3.18
N ALA A 95 -5.35 -7.20 3.40
CA ALA A 95 -5.96 -6.94 4.70
C ALA A 95 -7.46 -6.70 4.56
N ARG A 96 -8.25 -7.44 5.34
CA ARG A 96 -9.70 -7.31 5.29
C ARG A 96 -10.18 -6.25 6.28
N THR A 97 -10.77 -5.17 5.76
CA THR A 97 -11.26 -4.10 6.60
C THR A 97 -12.35 -4.58 7.55
N GLY A 98 -12.43 -3.97 8.72
CA GLY A 98 -13.44 -4.36 9.69
C GLY A 98 -14.85 -4.17 9.18
N GLU A 99 -15.81 -4.82 9.85
CA GLU A 99 -17.20 -4.72 9.45
C GLU A 99 -17.99 -3.84 10.42
N GLN A 100 -17.29 -2.88 11.03
CA GLN A 100 -17.92 -1.97 11.97
C GLN A 100 -19.18 -1.36 11.40
N SER A 101 -20.28 -1.45 12.14
CA SER A 101 -21.56 -0.92 11.69
C SER A 101 -21.88 -1.38 10.28
N GLY A 102 -21.76 -2.68 10.04
CA GLY A 102 -22.03 -3.24 8.73
C GLY A 102 -23.31 -2.69 8.12
N PRO A 103 -23.33 -2.55 6.79
CA PRO A 103 -24.50 -2.03 6.07
C PRO A 103 -25.66 -3.01 6.08
N SER A 104 -26.56 -2.84 7.05
CA SER A 104 -27.73 -3.71 7.18
C SER A 104 -27.34 -5.17 6.95
N SER A 105 -26.25 -5.59 7.56
CA SER A 105 -25.77 -6.96 7.41
C SER A 105 -25.65 -7.64 8.77
N GLY A 106 -26.76 -8.15 9.27
CA GLY A 106 -26.76 -8.83 10.56
C GLY A 106 -26.65 -7.85 11.72
#